data_7QOG
#
_entry.id   7QOG
#
_cell.length_a   1.00
_cell.length_b   1.00
_cell.length_c   1.00
_cell.angle_alpha   90.00
_cell.angle_beta   90.00
_cell.angle_gamma   90.00
#
_symmetry.space_group_name_H-M   'P 1'
#
loop_
_entity.id
_entity.type
_entity.pdbx_description
1 polymer 'Portal protein gp20'
2 polymer 'Ring protein 1 gp43'
3 polymer 'Ring protein 2 gp40'
4 polymer 'Cargo protein 1 gp45'
#
loop_
_entity_poly.entity_id
_entity_poly.type
_entity_poly.pdbx_seq_one_letter_code
_entity_poly.pdbx_strand_id
1 'polypeptide(L)'
;MADFLNFPRQMLPFSKKTKQWRKDCLLWANQKTFFNYSLVRKSVIHKKINYDLLNGRLHMSDLELVLNPDGIKAAYIPDR
LQHYPIMNSKLNVLRGEESKRVFDFKVVVTNPNAISEIEDNKKNELLQRLQEMITDTSISEDEYNIKLEKLNDYYTYEWQ
DIREVRANELLNHYIKEYDIPLIFNNGFMDAMTCGEEIYQCDIVGGEPVIERVNPLKIRIFKSGYSNKVEDADMIILEDY
WSPGRVIDTYYDVLSPKDIKYIETMPDYIGQGAVDQMDNIDERYGFVNQNMIGDEITVRDGTYFFDPANLFTEGIANSLL
PYDLAGNLRVLRLYWKSKRKILKVKSYDPETGEEEWNFYPENYVVNKEAGEEVQSFWVNEAWEGTMIGNEIFVNMRPRLI
QYNRLNNPSRCHFGIVGSIYNLNDSRPFSLVDMMKPYNYLYDAIHDRLNKAIASNWGSILELDLSKVPKGWDVGKWMYYA
RVNHIAVIDSFKEGTIGASTGKLAGALNNAGKGMIETNIGNYIQQQINLLEFIKMEMADVAGISKQREGQISQRETVGGV
ERATLQSSHITEWLFTIHDDVKKRALECFLETAKVALKGRNKKFQYILSDTSTRVMEIDGDEFAEADYGLVVDNSNGTQE
LQQKLDTLAQAALQTQTLSFSTITKLYTSSSLAEKQRLIEKDEKQIRERQAQAQKEQLEAQQQIAAMQQQQKEAELLQKE
EANIRDNQTKIIIAQIQSEGGPDEEDGIMIDDYSPEAKANLAEKIREFDEKLKLDKDKLKLDKKKAETDASIKRQALRKK
SSTTNK
;
A
2 'polypeptide(L)'
;MVNNINWVKLPVILDRLLRHPLLTDLNLETAIQYTLDFISAMGLPNVYVDKIETIDIKEYRGELPCDLISINQVRLHKNG
IALRAMTDNFNAYPTHDHKEGDWYERGEPSFKTQGRVIFTSIKHEKVDISYKAIMLDDEGLPLIPDNPIFLKTLELYIKK
EWFTILFDMGKISPAVLNNTQQEYAFKAGQCNNEFVIPSVSEMEAITNMWNQLIPRVTEFRRGFKNLGDKEYIRVH
;
B
3 'polypeptide(L)'
;MTYNELIYMVLDELKLSSDDSYYTPDHVIFLLVKYRSFLLKQRYSDIKKQIPDSDYQSICLDLIEVPAISGEPCEGSSYL
RSKNKVPTTMMIGNPRVYPMDFYQGEITYISRDRMRYVGYNKFLRNIIYCSKAPDGYLYFKSWNPQFLHLEKVSFNAIFE
DAKEASEMACPEENGTICKLEDKEFPIEDALVPPLIELVVKELRGPEYSPKDEDNNAKDDLPDAR
;
C
4 'polypeptide(L)'
;MAKKKIKRRGKMPPNIFDTGGQSWGQQSSGQFSNAFKGENLGNSIGSIGGAVGGIAQAGISNAQIADTSGIEAQNKAQKN
MVVGASSNDDLMSEWGSWNKVKDDYSWKDVRGGSTGQRVTNTIGAAGQGAAAGASVGGPIGAIVGGVVGLGSAIGGWLGG
NRKAKRKAKKLNKEAKEANERALTSFETRADNIDTQNDFNMLANFSAYGGPLEFGSGAIGYEFDNRYLNNQEMSAVAKQR
LTSLPNSFQALPEMNTYNAFAEGGGLSREKNYGSKKKPYPSVPSGDFAGPHRSYPIPTKADARDALRLAGLHGNESVRRK
VLAKYPSLKAFGGSLFDSVVGNNFNQSFTQGIQGMFQQEPEQTVQAANIAKDGGDIKIKEKNKGKFTAYCGGKVTEACIR
KGKNSSNPTTRKRATFAQNARNWNAFGGWLNTQGGDFTNGVTFINEGGSHEENPYQGIQIGVDPEGAPNLVEQGEVVYDD
YVFSDRMEIPDDIRKEYKLRGKTFAKAAKSAQRESEERPNDPLSTKGLQAAMERIATAQEEARQRKEAHREGNEYPSMFA
YGGDTNPYGLALEDPMSVEELEALMVQSGETGEIAPEGNNGNRQTWTRYAPIIGSGLASLSDLFSKPDYDSADLISGVDL
GAEAVGYAPIGNYLSYRPLDRDFYINKMNQQAAATRRGLMNTSGGNRLNAQAGILAADYNYGQNMGNLARQAEEYNQQLR
ERVEAFNRGTNMFNTETGLKASMFNAESRNAAKRARLGQATTVAQLRQGIKDQDAARRSANITNFLQGLGDMGWENEQAN
WLDTLAKSGVLKMNTKGEYTGGTKKAKGGKVRTKKKKGLTYG
;
M,N
#
# COMPACT_ATOMS: atom_id res chain seq x y z
N ASN A 6 40.98 -11.91 -28.46
CA ASN A 6 41.73 -10.67 -28.66
C ASN A 6 41.41 -10.01 -30.00
N PHE A 7 41.48 -8.69 -30.03
CA PHE A 7 41.07 -7.91 -31.18
C PHE A 7 42.14 -8.00 -32.25
N PRO A 8 41.78 -8.29 -33.50
CA PRO A 8 42.80 -8.51 -34.54
C PRO A 8 43.52 -7.21 -34.89
N ARG A 9 44.57 -7.37 -35.68
CA ARG A 9 45.45 -6.26 -36.00
C ARG A 9 44.74 -5.27 -36.91
N GLN A 10 44.72 -4.01 -36.52
CA GLN A 10 44.13 -2.95 -37.32
C GLN A 10 45.13 -2.31 -38.27
N MET A 11 46.42 -2.48 -38.02
CA MET A 11 47.47 -1.85 -38.82
C MET A 11 47.84 -2.76 -39.99
N LEU A 12 46.91 -2.83 -40.94
CA LEU A 12 46.98 -3.70 -42.10
C LEU A 12 46.63 -2.94 -43.37
N PRO A 13 47.07 -3.43 -44.53
CA PRO A 13 46.56 -2.88 -45.79
C PRO A 13 45.12 -3.31 -46.02
N PHE A 14 44.47 -2.63 -46.96
CA PHE A 14 43.08 -2.95 -47.28
C PHE A 14 42.95 -4.29 -47.97
N SER A 15 44.04 -4.80 -48.55
CA SER A 15 44.02 -6.10 -49.18
C SER A 15 43.87 -7.22 -48.15
N LYS A 16 44.49 -7.05 -46.99
CA LYS A 16 44.48 -8.07 -45.96
C LYS A 16 43.38 -7.87 -44.93
N LYS A 17 42.48 -6.92 -45.16
CA LYS A 17 41.29 -6.77 -44.33
C LYS A 17 40.15 -7.57 -44.96
N THR A 18 40.30 -8.88 -44.89
CA THR A 18 39.49 -9.82 -45.65
C THR A 18 38.17 -10.05 -44.93
N LYS A 19 37.33 -10.94 -45.47
CA LYS A 19 36.01 -11.16 -44.88
C LYS A 19 36.10 -11.89 -43.55
N GLN A 20 37.13 -12.73 -43.38
CA GLN A 20 37.36 -13.35 -42.08
C GLN A 20 38.05 -12.41 -41.10
N TRP A 21 38.78 -11.41 -41.60
CA TRP A 21 39.30 -10.38 -40.70
C TRP A 21 38.17 -9.59 -40.06
N ARG A 22 37.16 -9.23 -40.86
CA ARG A 22 36.03 -8.47 -40.36
C ARG A 22 35.13 -9.31 -39.46
N LYS A 23 35.01 -10.60 -39.76
CA LYS A 23 34.25 -11.49 -38.90
C LYS A 23 34.93 -11.68 -37.55
N ASP A 24 36.27 -11.55 -37.50
CA ASP A 24 36.99 -11.67 -36.24
C ASP A 24 36.72 -10.50 -35.33
N CYS A 25 36.51 -9.30 -35.88
CA CYS A 25 36.22 -8.14 -35.06
C CYS A 25 34.83 -8.25 -34.44
N LEU A 26 33.86 -8.77 -35.18
CA LEU A 26 32.52 -8.96 -34.62
C LEU A 26 32.47 -10.09 -33.61
N LEU A 27 33.24 -11.16 -33.85
CA LEU A 27 33.32 -12.25 -32.88
C LEU A 27 33.94 -11.79 -31.56
N TRP A 28 34.91 -10.88 -31.64
CA TRP A 28 35.45 -10.27 -30.44
C TRP A 28 34.41 -9.41 -29.74
N ALA A 29 33.50 -8.79 -30.49
CA ALA A 29 32.49 -7.94 -29.87
C ALA A 29 31.47 -8.76 -29.09
N ASN A 30 31.20 -9.99 -29.54
CA ASN A 30 30.33 -10.91 -28.79
C ASN A 30 31.01 -11.36 -27.51
N GLN A 31 32.33 -11.52 -27.55
CA GLN A 31 33.14 -11.76 -26.37
C GLN A 31 33.08 -10.61 -25.38
N LYS A 32 32.66 -9.42 -25.82
CA LYS A 32 32.51 -8.17 -25.07
C LYS A 32 33.74 -7.83 -24.24
N ASN A 36 31.32 -4.10 -19.00
CA ASN A 36 31.75 -2.84 -19.61
C ASN A 36 32.25 -1.82 -18.58
N TYR A 37 33.43 -1.28 -18.84
CA TYR A 37 34.07 -0.32 -17.95
C TYR A 37 34.44 0.93 -18.74
N SER A 38 33.99 2.08 -18.24
CA SER A 38 34.39 3.40 -18.74
C SER A 38 34.89 4.22 -17.56
N LEU A 39 35.47 5.38 -17.85
CA LEU A 39 36.04 6.21 -16.81
C LEU A 39 35.15 7.36 -16.40
N VAL A 40 34.19 7.76 -17.23
CA VAL A 40 33.29 8.86 -16.93
C VAL A 40 31.82 8.41 -16.92
N ARG A 41 31.57 7.12 -16.76
CA ARG A 41 30.20 6.60 -16.75
C ARG A 41 29.98 5.74 -15.52
N LYS A 42 28.75 5.78 -15.00
CA LYS A 42 28.35 4.87 -13.95
C LYS A 42 28.09 3.48 -14.52
N SER A 43 27.82 2.52 -13.64
CA SER A 43 27.52 1.17 -14.07
C SER A 43 26.15 1.12 -14.76
N VAL A 44 25.89 0.02 -15.45
CA VAL A 44 24.52 -0.19 -15.93
C VAL A 44 23.65 -0.69 -14.79
N ILE A 45 24.25 -1.31 -13.76
CA ILE A 45 23.50 -1.65 -12.57
C ILE A 45 23.13 -0.39 -11.80
N HIS A 46 23.98 0.63 -11.85
CA HIS A 46 23.68 1.90 -11.18
C HIS A 46 22.56 2.63 -11.88
N LYS A 47 22.64 2.75 -13.21
CA LYS A 47 21.65 3.52 -13.96
C LYS A 47 20.30 2.83 -13.97
N LYS A 48 20.27 1.49 -13.97
CA LYS A 48 19.00 0.80 -14.02
C LYS A 48 18.22 0.95 -12.72
N ILE A 49 18.91 1.07 -11.59
CA ILE A 49 18.24 1.36 -10.33
C ILE A 49 17.66 2.77 -10.36
N ASN A 50 18.36 3.71 -11.00
CA ASN A 50 17.85 5.06 -11.14
C ASN A 50 16.63 5.12 -12.04
N TYR A 51 16.62 4.31 -13.10
CA TYR A 51 15.47 4.27 -13.99
C TYR A 51 14.30 3.57 -13.33
N ASP A 52 14.56 2.50 -12.58
CA ASP A 52 13.50 1.77 -11.90
C ASP A 52 12.81 2.63 -10.85
N LEU A 53 13.55 3.52 -10.19
CA LEU A 53 12.97 4.40 -9.19
C LEU A 53 11.99 5.38 -9.82
N LEU A 54 12.27 5.83 -11.05
CA LEU A 54 11.32 6.65 -11.77
C LEU A 54 10.13 5.84 -12.25
N ASN A 55 10.30 4.53 -12.43
CA ASN A 55 9.22 3.62 -12.76
C ASN A 55 8.61 2.97 -11.53
N GLY A 56 8.90 3.50 -10.34
CA GLY A 56 8.21 3.08 -9.15
C GLY A 56 8.66 1.76 -8.57
N ARG A 57 9.90 1.34 -8.83
CA ARG A 57 10.41 0.06 -8.36
C ARG A 57 11.51 0.31 -7.35
N LEU A 58 11.33 -0.20 -6.14
CA LEU A 58 12.29 -0.04 -5.07
C LEU A 58 13.08 -1.33 -4.93
N HIS A 59 14.39 -1.25 -5.12
CA HIS A 59 15.28 -2.36 -4.82
C HIS A 59 15.69 -2.27 -3.36
N MET A 60 15.32 -3.27 -2.56
CA MET A 60 15.65 -3.24 -1.15
C MET A 60 17.14 -3.43 -0.90
N SER A 61 17.86 -3.99 -1.87
CA SER A 61 19.29 -4.19 -1.76
C SER A 61 20.08 -2.91 -1.98
N ASP A 62 19.44 -1.83 -2.38
CA ASP A 62 20.11 -0.58 -2.67
C ASP A 62 20.07 0.40 -1.51
N LEU A 63 19.18 0.22 -0.55
CA LEU A 63 19.12 1.11 0.59
C LEU A 63 19.44 0.41 1.91
N GLU A 64 19.75 -0.88 1.88
CA GLU A 64 20.14 -1.59 3.09
C GLU A 64 20.83 -2.88 2.69
N LEU A 65 21.57 -3.45 3.64
CA LEU A 65 22.08 -4.81 3.50
C LEU A 65 21.01 -5.78 3.96
N VAL A 66 20.57 -6.66 3.05
CA VAL A 66 19.39 -7.48 3.26
C VAL A 66 19.81 -8.81 3.88
N LEU A 67 19.25 -9.11 5.05
CA LEU A 67 19.49 -10.38 5.73
C LEU A 67 18.54 -11.46 5.22
N ILE A 72 12.40 -8.55 1.12
CA ILE A 72 12.46 -9.90 0.57
C ILE A 72 11.99 -9.90 -0.88
N LYS A 73 11.74 -11.10 -1.40
CA LYS A 73 11.41 -11.31 -2.79
C LYS A 73 9.89 -11.46 -3.01
N ALA A 74 9.11 -11.44 -1.94
CA ALA A 74 7.66 -11.50 -2.03
C ALA A 74 7.08 -10.09 -1.93
N ALA A 75 6.09 -9.80 -2.77
CA ALA A 75 5.57 -8.45 -2.95
C ALA A 75 4.53 -8.10 -1.87
N TYR A 76 5.00 -8.00 -0.62
CA TYR A 76 4.14 -7.66 0.50
C TYR A 76 4.88 -6.79 1.50
N ILE A 77 4.22 -5.75 1.99
CA ILE A 77 4.76 -4.74 2.90
C ILE A 77 5.28 -5.23 4.26
N PRO A 78 4.74 -6.31 4.90
CA PRO A 78 5.40 -6.80 6.13
C PRO A 78 6.87 -7.17 6.05
N ASP A 79 7.44 -7.40 4.85
CA ASP A 79 8.89 -7.47 4.70
C ASP A 79 9.44 -6.65 3.54
N ARG A 80 8.60 -6.11 2.68
CA ARG A 80 9.05 -5.24 1.60
C ARG A 80 8.58 -3.82 1.90
N LEU A 81 8.97 -2.86 1.06
CA LEU A 81 8.76 -1.47 1.38
C LEU A 81 8.04 -0.77 0.25
N GLN A 82 6.99 -0.01 0.59
CA GLN A 82 6.32 0.83 -0.39
C GLN A 82 7.21 1.97 -0.83
N HIS A 83 7.19 2.24 -2.12
CA HIS A 83 7.88 3.38 -2.70
C HIS A 83 6.85 4.44 -3.06
N TYR A 84 7.11 5.67 -2.63
CA TYR A 84 6.27 6.79 -2.97
C TYR A 84 7.01 7.68 -3.96
N PRO A 85 6.49 7.93 -5.15
CA PRO A 85 7.28 8.59 -6.21
C PRO A 85 7.32 10.12 -6.10
N ILE A 86 8.13 10.60 -5.16
CA ILE A 86 8.22 12.04 -4.96
C ILE A 86 9.31 12.68 -5.80
N MET A 87 10.13 11.88 -6.48
CA MET A 87 11.14 12.41 -7.39
C MET A 87 10.62 12.61 -8.80
N ASN A 88 9.45 12.09 -9.13
CA ASN A 88 8.97 12.15 -10.51
C ASN A 88 8.47 13.53 -10.89
N SER A 89 7.72 14.16 -9.98
CA SER A 89 7.14 15.46 -10.27
C SER A 89 8.22 16.50 -10.48
N LYS A 90 9.35 16.36 -9.78
CA LYS A 90 10.47 17.27 -9.98
C LYS A 90 11.06 17.17 -11.37
N LEU A 91 11.21 15.94 -11.87
CA LEU A 91 11.81 15.76 -13.19
C LEU A 91 10.87 16.18 -14.29
N ASN A 92 9.58 15.99 -14.11
CA ASN A 92 8.61 16.28 -15.15
C ASN A 92 8.36 17.77 -15.35
N VAL A 93 8.71 18.62 -14.37
CA VAL A 93 8.72 20.05 -14.61
C VAL A 93 9.79 20.39 -15.63
N LEU A 94 10.98 19.85 -15.43
CA LEU A 94 12.13 20.24 -16.23
C LEU A 94 12.04 19.71 -17.64
N ARG A 95 11.45 18.53 -17.83
CA ARG A 95 11.21 18.07 -19.19
C ARG A 95 10.00 18.76 -19.82
N GLY A 96 9.06 19.20 -19.00
CA GLY A 96 7.94 19.98 -19.52
C GLY A 96 8.32 21.41 -19.85
N GLU A 97 9.34 21.94 -19.19
CA GLU A 97 9.88 23.23 -19.58
C GLU A 97 10.68 23.11 -20.87
N GLU A 98 11.45 22.03 -21.02
CA GLU A 98 12.23 21.81 -22.23
C GLU A 98 11.33 21.61 -23.44
N SER A 99 10.14 21.05 -23.25
CA SER A 99 9.15 20.95 -24.32
C SER A 99 8.75 22.33 -24.83
N LYS A 100 8.75 23.34 -23.96
CA LYS A 100 8.21 24.64 -24.29
C LYS A 100 9.29 25.67 -24.62
N ARG A 101 10.56 25.35 -24.40
CA ARG A 101 11.63 26.25 -24.79
C ARG A 101 11.71 26.35 -26.31
N VAL A 102 12.33 27.44 -26.78
CA VAL A 102 12.29 27.75 -28.20
C VAL A 102 13.17 26.78 -28.97
N PHE A 103 12.67 26.33 -30.12
CA PHE A 103 13.37 25.39 -30.98
C PHE A 103 13.49 26.06 -32.35
N ASP A 104 14.50 26.90 -32.49
CA ASP A 104 14.84 27.52 -33.77
C ASP A 104 16.29 27.13 -34.05
N PHE A 105 16.49 25.94 -34.59
CA PHE A 105 17.82 25.40 -34.81
C PHE A 105 18.12 25.50 -36.30
N LYS A 106 18.56 26.68 -36.72
CA LYS A 106 18.76 26.97 -38.13
C LYS A 106 20.24 26.94 -38.46
N VAL A 107 20.57 26.32 -39.58
CA VAL A 107 21.92 26.37 -40.14
C VAL A 107 22.15 27.77 -40.67
N VAL A 108 23.17 28.45 -40.16
CA VAL A 108 23.48 29.82 -40.55
C VAL A 108 24.89 29.85 -41.13
N VAL A 109 25.13 30.86 -41.96
CA VAL A 109 26.50 31.20 -42.33
C VAL A 109 27.09 32.01 -41.19
N THR A 110 28.25 31.54 -40.67
CA THR A 110 28.82 32.20 -39.50
C THR A 110 29.33 33.59 -39.83
N ASN A 111 29.77 33.80 -41.06
CA ASN A 111 30.27 35.09 -41.53
C ASN A 111 29.61 35.36 -42.87
N PRO A 112 28.40 35.89 -42.88
CA PRO A 112 27.63 36.00 -44.14
C PRO A 112 28.13 37.10 -45.07
N ASN A 113 29.11 37.89 -44.66
CA ASN A 113 29.65 38.96 -45.49
C ASN A 113 31.07 38.65 -45.95
N ALA A 114 31.45 37.38 -45.91
CA ALA A 114 32.82 36.94 -46.18
C ALA A 114 32.78 35.93 -47.31
N ILE A 115 32.80 36.44 -48.54
CA ILE A 115 32.82 35.63 -49.74
C ILE A 115 34.23 35.67 -50.31
N SER A 116 34.73 34.52 -50.73
CA SER A 116 36.08 34.38 -51.23
C SER A 116 36.02 33.97 -52.70
N GLU A 117 37.18 33.90 -53.33
CA GLU A 117 37.22 33.51 -54.73
C GLU A 117 37.05 32.00 -54.90
N ILE A 118 37.37 31.22 -53.88
CA ILE A 118 37.12 29.78 -53.95
C ILE A 118 35.62 29.50 -53.86
N GLU A 119 34.87 30.38 -53.20
CA GLU A 119 33.41 30.26 -53.21
C GLU A 119 32.82 30.79 -54.50
N ASP A 120 33.51 31.73 -55.16
CA ASP A 120 32.98 32.29 -56.40
C ASP A 120 33.18 31.34 -57.56
N ASN A 121 34.27 30.58 -57.55
CA ASN A 121 34.49 29.58 -58.60
C ASN A 121 33.52 28.43 -58.46
N LYS A 122 33.19 28.03 -57.24
CA LYS A 122 32.23 26.95 -57.02
C LYS A 122 30.82 27.38 -57.38
N LYS A 123 30.50 28.66 -57.20
CA LYS A 123 29.21 29.16 -57.65
C LYS A 123 29.12 29.17 -59.16
N ASN A 124 30.21 29.49 -59.85
CA ASN A 124 30.21 29.55 -61.30
C ASN A 124 30.05 28.17 -61.92
N GLU A 125 30.63 27.14 -61.29
CA GLU A 125 30.42 25.77 -61.77
C GLU A 125 28.97 25.34 -61.65
N LEU A 126 28.31 25.72 -60.54
CA LEU A 126 26.92 25.36 -60.37
C LEU A 126 26.03 26.08 -61.37
N LEU A 127 26.27 27.38 -61.59
CA LEU A 127 25.45 28.15 -62.51
C LEU A 127 25.59 27.67 -63.94
N GLN A 128 26.78 27.25 -64.36
CA GLN A 128 26.94 26.73 -65.70
C GLN A 128 26.34 25.34 -65.83
N ARG A 129 26.34 24.56 -64.74
CA ARG A 129 25.71 23.24 -64.78
C ARG A 129 24.20 23.35 -64.92
N LEU A 130 23.59 24.35 -64.29
CA LEU A 130 22.18 24.59 -64.52
C LEU A 130 21.92 25.19 -65.90
N GLN A 131 22.93 25.81 -66.52
CA GLN A 131 22.79 26.23 -67.91
C GLN A 131 22.65 25.04 -68.84
N GLU A 132 23.44 23.98 -68.64
CA GLU A 132 23.38 22.85 -69.58
C GLU A 132 22.09 22.07 -69.44
N MET A 133 21.61 21.85 -68.21
CA MET A 133 20.44 21.00 -68.07
C MET A 133 19.17 21.71 -68.51
N ILE A 134 19.09 23.03 -68.38
CA ILE A 134 17.95 23.73 -68.96
C ILE A 134 18.11 23.87 -70.46
N THR A 135 19.32 23.70 -70.99
CA THR A 135 19.48 23.69 -72.44
C THR A 135 18.92 22.39 -73.03
N ASP A 136 19.14 21.27 -72.34
CA ASP A 136 18.63 19.98 -72.80
C ASP A 136 17.13 19.83 -72.52
N THR A 137 16.71 20.16 -71.29
CA THR A 137 15.35 19.82 -70.87
C THR A 137 14.30 20.71 -71.54
N SER A 138 14.66 21.93 -71.93
CA SER A 138 13.70 22.81 -72.58
C SER A 138 13.66 22.56 -74.08
N ILE A 139 12.44 22.45 -74.61
CA ILE A 139 12.24 22.15 -76.02
C ILE A 139 12.11 23.43 -76.83
N SER A 140 13.24 23.96 -77.30
CA SER A 140 13.32 24.94 -78.39
C SER A 140 12.54 26.23 -78.10
N GLU A 141 13.01 26.93 -77.06
CA GLU A 141 12.59 28.29 -76.70
C GLU A 141 11.14 28.40 -76.24
N ASP A 142 10.41 27.29 -76.19
CA ASP A 142 9.07 27.31 -75.59
C ASP A 142 9.15 27.52 -74.09
N GLU A 143 10.01 26.76 -73.40
CA GLU A 143 10.15 26.88 -71.95
C GLU A 143 11.55 27.30 -71.55
N TYR A 144 12.40 27.72 -72.49
CA TYR A 144 13.75 28.16 -72.14
C TYR A 144 13.71 29.46 -71.35
N ASN A 145 12.81 30.37 -71.70
CA ASN A 145 12.70 31.63 -70.99
C ASN A 145 11.88 31.54 -69.72
N ILE A 146 11.25 30.39 -69.46
CA ILE A 146 10.69 30.13 -68.14
C ILE A 146 11.79 29.67 -67.18
N LYS A 147 12.65 28.76 -67.63
CA LYS A 147 13.81 28.37 -66.82
C LYS A 147 14.77 29.54 -66.63
N LEU A 148 14.92 30.39 -67.65
CA LEU A 148 15.85 31.51 -67.57
C LEU A 148 15.43 32.53 -66.54
N GLU A 149 14.12 32.78 -66.39
CA GLU A 149 13.66 33.67 -65.33
C GLU A 149 13.81 33.01 -63.96
N LYS A 150 13.78 31.68 -63.92
CA LYS A 150 14.01 30.97 -62.67
C LYS A 150 15.48 31.00 -62.26
N LEU A 151 16.39 31.04 -63.24
CA LEU A 151 17.81 30.96 -62.96
C LEU A 151 18.47 32.31 -62.72
N ASN A 152 17.85 33.40 -63.18
CA ASN A 152 18.51 34.71 -63.08
C ASN A 152 18.56 35.22 -61.65
N ASP A 153 17.56 34.90 -60.83
CA ASP A 153 17.59 35.38 -59.45
C ASP A 153 18.54 34.59 -58.57
N TYR A 154 19.12 33.50 -59.08
CA TYR A 154 20.16 32.78 -58.37
C TYR A 154 21.54 33.37 -58.60
N TYR A 155 21.66 34.37 -59.46
CA TYR A 155 22.91 35.12 -59.58
C TYR A 155 23.11 36.03 -58.38
N THR A 156 22.02 36.46 -57.73
CA THR A 156 22.09 37.26 -56.52
C THR A 156 22.71 36.49 -55.37
N TYR A 157 22.62 35.15 -55.40
CA TYR A 157 23.02 34.29 -54.31
C TYR A 157 24.53 34.13 -54.29
N GLU A 158 25.01 33.40 -53.30
CA GLU A 158 26.41 33.06 -53.15
C GLU A 158 26.50 31.55 -52.99
N TRP A 159 27.73 31.03 -53.03
CA TRP A 159 27.92 29.60 -52.77
C TRP A 159 27.49 29.24 -51.37
N GLN A 160 27.84 30.09 -50.40
CA GLN A 160 27.44 29.88 -49.02
C GLN A 160 25.95 30.07 -48.82
N ASP A 161 25.26 30.75 -49.75
CA ASP A 161 23.81 30.85 -49.69
C ASP A 161 23.14 29.60 -50.21
N ILE A 162 23.67 29.02 -51.30
CA ILE A 162 23.13 27.79 -51.86
C ILE A 162 23.31 26.63 -50.90
N ARG A 163 24.43 26.61 -50.18
CA ARG A 163 24.69 25.55 -49.21
C ARG A 163 23.84 25.71 -47.95
N GLU A 164 23.61 26.95 -47.52
CA GLU A 164 22.83 27.22 -46.33
C GLU A 164 21.34 27.00 -46.55
N VAL A 165 20.91 26.97 -47.81
CA VAL A 165 19.52 26.66 -48.12
C VAL A 165 19.32 25.16 -48.17
N ARG A 166 20.25 24.44 -48.78
CA ARG A 166 20.16 22.98 -48.85
C ARG A 166 20.24 22.36 -47.45
N ALA A 167 21.09 22.92 -46.58
CA ALA A 167 21.19 22.42 -45.22
C ALA A 167 19.92 22.65 -44.43
N ASN A 168 19.27 23.78 -44.64
CA ASN A 168 18.06 24.10 -43.90
C ASN A 168 16.88 23.29 -44.41
N GLU A 169 16.78 23.08 -45.72
CA GLU A 169 15.69 22.30 -46.28
C GLU A 169 15.77 20.84 -45.86
N LEU A 170 16.99 20.31 -45.73
CA LEU A 170 17.15 18.98 -45.17
C LEU A 170 16.76 18.94 -43.70
N LEU A 171 17.08 19.99 -42.95
CA LEU A 171 16.77 20.00 -41.53
C LEU A 171 15.33 20.41 -41.25
N ASN A 172 14.76 21.29 -42.07
CA ASN A 172 13.37 21.70 -41.87
C ASN A 172 12.41 20.54 -42.08
N HIS A 173 12.65 19.73 -43.11
CA HIS A 173 11.72 18.65 -43.42
C HIS A 173 11.81 17.53 -42.40
N TYR A 174 13.01 17.17 -41.98
CA TYR A 174 13.16 16.01 -41.13
C TYR A 174 12.88 16.29 -39.67
N ILE A 175 12.96 17.55 -39.24
CA ILE A 175 12.48 17.90 -37.90
C ILE A 175 10.97 17.73 -37.85
N LYS A 176 10.27 18.13 -38.90
CA LYS A 176 8.82 18.01 -38.93
C LYS A 176 8.37 16.60 -39.25
N GLU A 177 9.13 15.87 -40.06
CA GLU A 177 8.76 14.48 -40.38
C GLU A 177 8.85 13.60 -39.14
N TYR A 178 10.00 13.63 -38.47
CA TYR A 178 10.26 12.70 -37.38
C TYR A 178 9.73 13.17 -36.04
N ASP A 179 9.33 14.45 -35.93
CA ASP A 179 9.05 15.12 -34.66
C ASP A 179 10.25 14.97 -33.71
N ILE A 180 11.36 15.54 -34.18
CA ILE A 180 12.66 15.45 -33.52
C ILE A 180 12.66 16.15 -32.16
N PRO A 181 11.95 17.28 -31.93
CA PRO A 181 11.80 17.76 -30.54
C PRO A 181 11.27 16.76 -29.52
N LEU A 182 10.47 15.77 -29.91
CA LEU A 182 10.08 14.76 -28.93
C LEU A 182 11.19 13.76 -28.68
N ILE A 183 12.00 13.46 -29.70
CA ILE A 183 13.18 12.61 -29.53
C ILE A 183 14.15 13.25 -28.55
N PHE A 184 14.32 14.56 -28.64
CA PHE A 184 15.22 15.27 -27.73
C PHE A 184 14.64 15.38 -26.33
N ASN A 185 13.32 15.32 -26.20
CA ASN A 185 12.71 15.41 -24.87
C ASN A 185 12.90 14.12 -24.09
N ASN A 186 12.88 12.97 -24.78
CA ASN A 186 13.10 11.71 -24.11
C ASN A 186 14.55 11.54 -23.68
N GLY A 187 15.49 12.07 -24.46
CA GLY A 187 16.89 11.97 -24.07
C GLY A 187 17.26 12.91 -22.95
N PHE A 188 16.58 14.03 -22.83
CA PHE A 188 16.78 14.92 -21.70
C PHE A 188 16.31 14.27 -20.41
N MET A 189 15.32 13.40 -20.49
CA MET A 189 14.88 12.64 -19.33
C MET A 189 15.92 11.60 -18.95
N ASP A 190 16.67 11.09 -19.94
CA ASP A 190 17.83 10.25 -19.65
C ASP A 190 18.94 11.06 -19.03
N ALA A 191 19.04 12.33 -19.39
CA ALA A 191 20.08 13.20 -18.89
C ALA A 191 19.90 13.48 -17.40
N MET A 192 18.66 13.71 -16.97
CA MET A 192 18.37 13.96 -15.57
C MET A 192 18.27 12.70 -14.74
N THR A 193 18.47 11.52 -15.33
CA THR A 193 18.39 10.26 -14.62
C THR A 193 19.76 9.61 -14.46
N CYS A 194 20.47 9.38 -15.56
CA CYS A 194 21.77 8.74 -15.51
C CYS A 194 22.91 9.65 -15.87
N GLY A 195 22.64 10.86 -16.35
CA GLY A 195 23.69 11.76 -16.78
C GLY A 195 24.20 11.50 -18.17
N GLU A 196 23.39 10.90 -19.04
CA GLU A 196 23.82 10.48 -20.36
C GLU A 196 22.72 10.73 -21.38
N GLU A 197 23.06 11.46 -22.43
CA GLU A 197 22.13 11.77 -23.51
C GLU A 197 22.84 11.40 -24.80
N ILE A 198 22.40 10.32 -25.45
CA ILE A 198 23.09 9.76 -26.60
C ILE A 198 22.13 9.65 -27.77
N TYR A 199 22.58 10.03 -28.96
CA TYR A 199 21.77 9.94 -30.17
C TYR A 199 22.60 9.35 -31.30
N GLN A 200 21.98 8.47 -32.05
CA GLN A 200 22.60 7.83 -33.20
C GLN A 200 21.95 8.32 -34.49
N CYS A 201 22.78 8.67 -35.46
CA CYS A 201 22.34 9.10 -36.78
C CYS A 201 22.88 8.11 -37.80
N ASP A 202 21.99 7.46 -38.53
CA ASP A 202 22.35 6.39 -39.43
C ASP A 202 21.59 6.62 -40.72
N ILE A 203 21.85 5.78 -41.71
CA ILE A 203 21.05 5.71 -42.92
C ILE A 203 20.31 4.38 -42.91
N VAL A 204 18.99 4.42 -42.99
CA VAL A 204 18.15 3.23 -43.01
C VAL A 204 17.13 3.41 -44.12
N GLY A 205 17.19 2.57 -45.14
CA GLY A 205 16.30 2.74 -46.26
C GLY A 205 16.63 3.92 -47.11
N GLY A 206 17.89 4.35 -47.11
CA GLY A 206 18.34 5.49 -47.88
C GLY A 206 18.04 6.83 -47.27
N GLU A 207 17.32 6.88 -46.16
CA GLU A 207 16.96 8.07 -45.43
C GLU A 207 17.95 8.31 -44.30
N PRO A 208 18.30 9.55 -44.03
CA PRO A 208 18.90 9.87 -42.73
C PRO A 208 17.85 9.71 -41.63
N VAL A 209 18.22 9.04 -40.55
CA VAL A 209 17.30 8.83 -39.44
C VAL A 209 18.06 9.02 -38.13
N ILE A 210 17.39 9.58 -37.13
CA ILE A 210 18.00 9.89 -35.85
C ILE A 210 17.22 9.17 -34.75
N GLU A 211 17.95 8.47 -33.89
CA GLU A 211 17.42 7.65 -32.81
C GLU A 211 18.09 8.08 -31.53
N ARG A 212 17.42 7.90 -30.40
CA ARG A 212 18.07 8.07 -29.11
C ARG A 212 18.47 6.71 -28.57
N VAL A 213 19.61 6.67 -27.91
CA VAL A 213 20.22 5.43 -27.50
C VAL A 213 19.88 5.18 -26.03
N ASN A 214 19.48 3.95 -25.73
CA ASN A 214 19.33 3.52 -24.36
C ASN A 214 20.71 3.45 -23.71
N PRO A 215 20.98 4.21 -22.65
CA PRO A 215 22.31 4.17 -22.02
C PRO A 215 22.69 2.83 -21.43
N LEU A 216 21.74 1.93 -21.24
CA LEU A 216 22.02 0.60 -20.74
C LEU A 216 22.38 -0.37 -21.85
N LYS A 217 22.30 0.05 -23.10
CA LYS A 217 22.50 -0.80 -24.26
C LYS A 217 23.52 -0.20 -25.21
N ILE A 218 24.50 0.50 -24.67
CA ILE A 218 25.60 1.06 -25.45
C ILE A 218 26.86 0.93 -24.60
N ARG A 219 27.91 0.36 -25.20
CA ARG A 219 29.20 0.22 -24.54
C ARG A 219 30.17 1.14 -25.26
N ILE A 220 30.85 2.00 -24.51
CA ILE A 220 31.76 2.99 -25.05
C ILE A 220 33.17 2.61 -24.60
N PHE A 221 34.06 2.40 -25.57
CA PHE A 221 35.42 1.97 -25.28
C PHE A 221 36.42 2.96 -25.86
N LYS A 222 37.57 3.06 -25.19
CA LYS A 222 38.69 3.92 -25.56
C LYS A 222 38.28 5.38 -25.75
N SER A 223 37.29 5.85 -24.99
CA SER A 223 36.90 7.26 -25.09
C SER A 223 37.89 8.17 -24.38
N GLY A 224 38.62 7.65 -23.40
CA GLY A 224 39.49 8.50 -22.61
C GLY A 224 38.75 9.06 -21.41
N TYR A 225 39.19 10.22 -20.95
CA TYR A 225 38.40 11.00 -20.00
C TYR A 225 37.46 11.95 -20.68
N SER A 226 37.25 11.76 -21.99
CA SER A 226 36.45 12.68 -22.80
C SER A 226 34.99 12.69 -22.37
N ASN A 227 34.41 13.88 -22.43
CA ASN A 227 33.02 14.06 -22.06
C ASN A 227 32.07 13.64 -23.18
N LYS A 228 32.51 13.81 -24.42
CA LYS A 228 31.69 13.60 -25.59
C LYS A 228 31.76 12.15 -26.05
N VAL A 229 30.69 11.70 -26.69
CA VAL A 229 30.61 10.32 -27.14
C VAL A 229 31.15 10.16 -28.56
N GLU A 230 31.34 11.27 -29.29
CA GLU A 230 32.00 11.21 -30.58
C GLU A 230 33.48 10.87 -30.45
N ASP A 231 34.07 11.07 -29.27
CA ASP A 231 35.51 10.91 -29.08
C ASP A 231 35.92 9.50 -28.73
N ALA A 232 35.02 8.54 -28.83
CA ALA A 232 35.33 7.15 -28.58
C ALA A 232 35.89 6.47 -29.82
N ASP A 233 36.79 5.51 -29.59
CA ASP A 233 37.38 4.73 -30.66
C ASP A 233 36.58 3.47 -30.99
N MET A 234 35.67 3.08 -30.13
CA MET A 234 34.93 1.83 -30.32
C MET A 234 33.65 1.91 -29.52
N ILE A 235 32.53 1.55 -30.16
CA ILE A 235 31.22 1.57 -29.53
C ILE A 235 30.52 0.28 -29.93
N ILE A 236 29.89 -0.40 -28.98
CA ILE A 236 29.10 -1.59 -29.25
C ILE A 236 27.66 -1.31 -28.85
N LEU A 237 26.74 -1.59 -29.77
CA LEU A 237 25.31 -1.37 -29.58
C LEU A 237 24.60 -2.71 -29.68
N GLU A 238 23.95 -3.12 -28.61
CA GLU A 238 23.28 -4.41 -28.56
C GLU A 238 21.83 -4.20 -28.14
N ASP A 239 20.90 -4.56 -29.02
CA ASP A 239 19.47 -4.50 -28.72
C ASP A 239 18.78 -5.68 -29.39
N TYR A 240 17.57 -5.98 -28.92
CA TYR A 240 16.75 -7.04 -29.48
C TYR A 240 15.75 -6.44 -30.46
N TRP A 241 15.90 -6.77 -31.73
CA TRP A 241 15.13 -6.16 -32.80
C TRP A 241 14.00 -7.05 -33.27
N SER A 242 12.97 -6.41 -33.79
CA SER A 242 11.92 -7.09 -34.49
C SER A 242 12.47 -7.79 -35.74
N PRO A 243 11.90 -8.93 -36.13
CA PRO A 243 12.26 -9.51 -37.43
C PRO A 243 11.88 -8.63 -38.61
N GLY A 244 10.81 -7.84 -38.49
CA GLY A 244 10.50 -6.88 -39.52
C GLY A 244 11.50 -5.74 -39.59
N ARG A 245 12.08 -5.36 -38.45
CA ARG A 245 13.06 -4.29 -38.44
C ARG A 245 14.40 -4.75 -39.03
N VAL A 246 14.72 -6.03 -38.91
CA VAL A 246 15.93 -6.55 -39.52
C VAL A 246 15.76 -6.66 -41.04
N ILE A 247 14.56 -7.00 -41.49
CA ILE A 247 14.30 -7.07 -42.92
C ILE A 247 14.04 -5.67 -43.49
N ASP A 248 13.60 -4.72 -42.67
CA ASP A 248 13.51 -3.35 -43.17
C ASP A 248 14.86 -2.67 -43.29
N THR A 249 15.88 -3.19 -42.60
CA THR A 249 17.18 -2.53 -42.51
C THR A 249 18.27 -3.21 -43.32
N TYR A 250 18.18 -4.53 -43.51
CA TYR A 250 19.24 -5.29 -44.13
C TYR A 250 18.74 -6.14 -45.28
N TYR A 251 17.63 -5.75 -45.92
CA TYR A 251 17.03 -6.59 -46.96
C TYR A 251 17.95 -6.76 -48.16
N ASP A 252 18.77 -5.75 -48.44
CA ASP A 252 19.66 -5.77 -49.59
C ASP A 252 20.98 -6.49 -49.32
N VAL A 253 21.22 -6.97 -48.10
CA VAL A 253 22.49 -7.62 -47.78
C VAL A 253 22.25 -8.97 -47.12
N LEU A 254 21.01 -9.27 -46.75
CA LEU A 254 20.71 -10.57 -46.19
C LEU A 254 20.67 -11.61 -47.29
N SER A 255 21.43 -12.68 -47.12
CA SER A 255 21.48 -13.77 -48.05
C SER A 255 20.26 -14.68 -47.82
N PRO A 256 19.93 -15.54 -48.80
CA PRO A 256 18.78 -16.45 -48.59
C PRO A 256 18.94 -17.41 -47.43
N LYS A 257 20.16 -17.80 -47.07
CA LYS A 257 20.34 -18.60 -45.86
C LYS A 257 20.21 -17.73 -44.61
N ASP A 258 20.52 -16.44 -44.72
CA ASP A 258 20.27 -15.53 -43.61
C ASP A 258 18.78 -15.33 -43.39
N ILE A 259 17.99 -15.25 -44.47
CA ILE A 259 16.55 -15.17 -44.32
C ILE A 259 15.98 -16.50 -43.84
N LYS A 260 16.58 -17.62 -44.25
CA LYS A 260 16.16 -18.91 -43.71
C LYS A 260 16.56 -19.07 -42.25
N TYR A 261 17.62 -18.39 -41.82
CA TYR A 261 17.95 -18.39 -40.39
C TYR A 261 16.92 -17.64 -39.58
N ILE A 262 16.28 -16.62 -40.17
CA ILE A 262 15.33 -15.81 -39.44
C ILE A 262 13.99 -16.53 -39.30
N GLU A 263 13.50 -17.15 -40.39
CA GLU A 263 12.20 -17.77 -40.31
C GLU A 263 12.24 -19.08 -39.51
N THR A 264 13.36 -19.79 -39.54
CA THR A 264 13.48 -21.04 -38.79
C THR A 264 14.04 -20.84 -37.39
N MET A 265 13.97 -19.62 -36.86
CA MET A 265 14.23 -19.44 -35.45
C MET A 265 13.07 -20.07 -34.66
N PRO A 266 13.33 -20.57 -33.44
CA PRO A 266 12.29 -21.31 -32.72
C PRO A 266 11.07 -20.48 -32.35
N ASP A 267 11.25 -19.18 -32.06
CA ASP A 267 10.16 -18.25 -31.73
C ASP A 267 9.35 -18.78 -30.54
N TYR A 268 10.01 -18.84 -29.39
CA TYR A 268 9.37 -19.35 -28.19
C TYR A 268 8.52 -18.28 -27.52
N ALA A 325 9.68 -13.52 -25.99
CA ALA A 325 9.43 -12.66 -27.13
C ALA A 325 10.16 -13.20 -28.35
N GLY A 326 9.68 -12.85 -29.53
CA GLY A 326 10.22 -13.44 -30.76
C GLY A 326 11.18 -12.55 -31.51
N ASN A 327 12.04 -11.85 -30.79
CA ASN A 327 12.89 -10.82 -31.36
C ASN A 327 14.32 -11.32 -31.52
N LEU A 328 15.07 -10.63 -32.37
CA LEU A 328 16.42 -11.05 -32.74
C LEU A 328 17.45 -10.16 -32.05
N ARG A 329 18.47 -10.78 -31.46
CA ARG A 329 19.56 -10.01 -30.89
C ARG A 329 20.38 -9.42 -32.03
N VAL A 330 20.50 -8.10 -32.07
CA VAL A 330 21.24 -7.41 -33.10
C VAL A 330 22.41 -6.69 -32.43
N LEU A 331 23.61 -7.16 -32.69
CA LEU A 331 24.84 -6.57 -32.19
C LEU A 331 25.50 -5.79 -33.32
N ARG A 332 25.82 -4.52 -33.05
CA ARG A 332 26.50 -3.68 -34.04
C ARG A 332 27.78 -3.12 -33.44
N LEU A 333 28.91 -3.44 -34.07
CA LEU A 333 30.20 -2.94 -33.65
C LEU A 333 30.56 -1.74 -34.53
N TYR A 334 30.98 -0.67 -33.88
CA TYR A 334 31.50 0.54 -34.52
C TYR A 334 32.92 0.70 -34.03
N TRP A 335 33.89 0.75 -34.94
CA TRP A 335 35.28 0.76 -34.51
C TRP A 335 36.15 1.52 -35.50
N LYS A 336 37.19 2.18 -34.97
CA LYS A 336 38.18 2.86 -35.78
C LYS A 336 39.33 1.94 -36.09
N SER A 337 39.63 1.76 -37.37
CA SER A 337 40.76 0.98 -37.81
C SER A 337 41.92 1.93 -38.08
N LYS A 338 42.99 1.42 -38.68
CA LYS A 338 44.13 2.23 -39.07
C LYS A 338 44.35 2.05 -40.55
N ARG A 339 44.22 3.13 -41.30
CA ARG A 339 44.36 3.09 -42.75
C ARG A 339 45.68 3.73 -43.14
N LYS A 340 46.46 3.05 -43.97
CA LYS A 340 47.68 3.63 -44.51
C LYS A 340 47.34 4.53 -45.67
N ILE A 341 47.79 5.78 -45.61
CA ILE A 341 47.55 6.75 -46.65
C ILE A 341 48.89 7.37 -47.01
N LEU A 342 48.92 8.09 -48.13
CA LEU A 342 50.14 8.71 -48.63
C LEU A 342 49.92 10.21 -48.75
N LYS A 343 50.90 11.00 -48.31
CA LYS A 343 50.89 12.44 -48.51
C LYS A 343 51.92 12.78 -49.57
N VAL A 344 51.44 13.23 -50.73
CA VAL A 344 52.26 13.50 -51.90
C VAL A 344 52.38 15.00 -52.08
N LYS A 345 53.61 15.49 -52.22
CA LYS A 345 53.86 16.89 -52.51
C LYS A 345 54.18 17.05 -53.99
N SER A 346 53.38 17.83 -54.68
CA SER A 346 53.57 18.11 -56.09
C SER A 346 53.68 19.60 -56.30
N TYR A 347 54.18 19.98 -57.47
CA TYR A 347 54.30 21.37 -57.86
C TYR A 347 53.20 21.71 -58.83
N ASP A 348 52.59 22.87 -58.65
CA ASP A 348 51.62 23.39 -59.60
C ASP A 348 52.28 23.53 -60.97
N PRO A 349 51.62 23.15 -62.06
CA PRO A 349 52.24 23.35 -63.38
C PRO A 349 52.39 24.80 -63.78
N GLU A 350 51.40 25.65 -63.49
CA GLU A 350 51.46 27.03 -63.96
C GLU A 350 52.41 27.86 -63.10
N THR A 351 52.29 27.76 -61.77
CA THR A 351 53.08 28.53 -60.83
C THR A 351 53.97 27.59 -60.03
N GLY A 352 55.05 28.11 -59.48
CA GLY A 352 55.94 27.26 -58.71
C GLY A 352 55.51 27.03 -57.27
N GLU A 353 54.24 26.69 -57.08
CA GLU A 353 53.63 26.63 -55.76
C GLU A 353 53.46 25.16 -55.37
N GLU A 354 54.12 24.76 -54.28
CA GLU A 354 54.06 23.39 -53.82
C GLU A 354 52.67 23.09 -53.27
N GLU A 355 52.17 21.90 -53.62
CA GLU A 355 50.82 21.52 -53.26
C GLU A 355 50.86 20.19 -52.52
N TRP A 356 49.86 19.98 -51.68
CA TRP A 356 49.81 18.82 -50.81
C TRP A 356 48.48 18.11 -51.02
N ASN A 357 48.53 16.80 -51.19
CA ASN A 357 47.32 15.99 -51.32
C ASN A 357 47.51 14.72 -50.52
N PHE A 358 46.38 14.08 -50.19
CA PHE A 358 46.36 12.82 -49.46
C PHE A 358 45.73 11.76 -50.35
N TYR A 359 46.42 10.63 -50.49
CA TYR A 359 46.02 9.56 -51.37
C TYR A 359 45.97 8.24 -50.60
N PRO A 360 45.27 7.23 -51.12
CA PRO A 360 45.37 5.91 -50.50
C PRO A 360 46.69 5.25 -50.79
N GLU A 361 46.93 4.08 -50.20
CA GLU A 361 48.25 3.46 -50.30
C GLU A 361 48.52 2.87 -51.68
N ASN A 362 47.49 2.67 -52.50
CA ASN A 362 47.66 2.08 -53.83
C ASN A 362 48.04 3.10 -54.89
N TYR A 363 48.30 4.35 -54.49
CA TYR A 363 48.57 5.42 -55.43
C TYR A 363 50.00 5.30 -55.95
N VAL A 364 50.15 5.38 -57.27
CA VAL A 364 51.45 5.31 -57.91
C VAL A 364 52.00 6.74 -58.00
N VAL A 365 53.07 7.01 -57.26
CA VAL A 365 53.57 8.37 -57.10
C VAL A 365 54.31 8.79 -58.37
N ASN A 366 54.01 10.00 -58.83
CA ASN A 366 54.52 10.48 -60.13
C ASN A 366 55.83 11.21 -59.93
N LYS A 367 56.89 10.44 -59.68
CA LYS A 367 58.21 10.98 -59.94
C LYS A 367 58.42 11.06 -61.46
N GLU A 368 59.44 11.81 -61.86
CA GLU A 368 59.65 12.53 -63.14
C GLU A 368 58.87 13.84 -63.11
N ALA A 369 58.19 14.15 -62.02
CA ALA A 369 57.55 15.43 -61.83
C ALA A 369 57.91 16.07 -60.50
N GLY A 370 58.76 15.43 -59.70
CA GLY A 370 59.14 15.96 -58.41
C GLY A 370 58.25 15.54 -57.27
N GLU A 371 57.33 14.61 -57.50
CA GLU A 371 56.40 14.20 -56.46
C GLU A 371 57.12 13.28 -55.48
N GLU A 372 57.46 13.83 -54.31
CA GLU A 372 57.98 13.04 -53.21
C GLU A 372 56.87 12.79 -52.19
N VAL A 373 56.88 11.59 -51.61
CA VAL A 373 55.74 11.02 -50.90
C VAL A 373 56.16 10.62 -49.50
N GLN A 374 55.22 10.73 -48.56
CA GLN A 374 55.36 10.17 -47.22
C GLN A 374 54.07 9.45 -46.86
N SER A 375 54.19 8.31 -46.19
CA SER A 375 53.05 7.46 -45.87
C SER A 375 52.76 7.50 -44.37
N PHE A 376 51.50 7.71 -44.03
CA PHE A 376 51.03 7.87 -42.66
C PHE A 376 49.96 6.85 -42.33
N TRP A 377 49.76 6.62 -41.04
CA TRP A 377 48.70 5.74 -40.55
C TRP A 377 47.63 6.60 -39.88
N VAL A 378 46.39 6.31 -40.23
CA VAL A 378 45.27 7.25 -40.08
C VAL A 378 44.02 6.49 -39.68
N ASN A 379 43.23 7.08 -38.78
CA ASN A 379 42.00 6.44 -38.31
C ASN A 379 41.01 6.30 -39.45
N GLU A 380 40.24 5.22 -39.40
CA GLU A 380 39.16 5.01 -40.35
C GLU A 380 38.03 4.28 -39.64
N ALA A 381 36.84 4.86 -39.68
CA ALA A 381 35.70 4.31 -38.97
C ALA A 381 35.16 3.10 -39.71
N TRP A 382 34.99 1.99 -38.99
CA TRP A 382 34.46 0.76 -39.52
C TRP A 382 33.17 0.38 -38.79
N GLU A 383 32.46 -0.56 -39.38
CA GLU A 383 31.15 -0.96 -38.86
C GLU A 383 30.93 -2.44 -39.18
N GLY A 384 30.16 -3.12 -38.33
CA GLY A 384 29.82 -4.50 -38.53
C GLY A 384 28.61 -4.91 -37.71
N THR A 385 27.77 -5.80 -38.23
CA THR A 385 26.52 -6.15 -37.58
C THR A 385 26.37 -7.67 -37.51
N MET A 386 26.08 -8.19 -36.32
CA MET A 386 25.76 -9.59 -36.12
C MET A 386 24.29 -9.70 -35.68
N ILE A 387 23.55 -10.60 -36.31
CA ILE A 387 22.13 -10.79 -36.05
C ILE A 387 21.93 -12.23 -35.58
N GLY A 388 21.43 -12.38 -34.35
CA GLY A 388 21.44 -13.69 -33.75
C GLY A 388 22.86 -14.07 -33.41
N ASN A 389 23.28 -15.27 -33.85
CA ASN A 389 24.66 -15.68 -33.76
C ASN A 389 25.28 -16.05 -35.11
N GLU A 390 24.49 -16.15 -36.17
CA GLU A 390 24.98 -16.69 -37.44
C GLU A 390 25.00 -15.70 -38.59
N ILE A 391 24.29 -14.58 -38.50
CA ILE A 391 24.24 -13.61 -39.57
C ILE A 391 25.31 -12.55 -39.34
N PHE A 392 26.10 -12.27 -40.38
CA PHE A 392 27.16 -11.26 -40.32
C PHE A 392 27.03 -10.36 -41.54
N VAL A 393 26.54 -9.14 -41.34
CA VAL A 393 26.23 -8.23 -42.43
C VAL A 393 26.93 -6.91 -42.19
N ASN A 394 27.11 -6.15 -43.29
CA ASN A 394 27.61 -4.79 -43.28
C ASN A 394 28.96 -4.64 -42.60
N MET A 395 29.86 -5.59 -42.87
CA MET A 395 31.23 -5.55 -42.37
C MET A 395 32.07 -4.88 -43.44
N ARG A 396 32.32 -3.59 -43.26
CA ARG A 396 32.89 -2.72 -44.28
C ARG A 396 33.24 -1.39 -43.62
N PRO A 397 34.06 -0.57 -44.27
CA PRO A 397 34.24 0.79 -43.78
C PRO A 397 32.94 1.56 -43.76
N ARG A 398 32.64 2.16 -42.61
CA ARG A 398 31.44 2.95 -42.38
C ARG A 398 31.27 4.01 -43.46
N LEU A 399 30.11 4.01 -44.11
CA LEU A 399 29.94 4.78 -45.33
C LEU A 399 29.57 6.23 -45.08
N ILE A 400 29.21 6.60 -43.85
CA ILE A 400 29.22 7.99 -43.45
C ILE A 400 30.47 8.15 -42.60
N GLN A 401 31.54 8.59 -43.24
CA GLN A 401 32.73 9.05 -42.55
C GLN A 401 32.51 10.53 -42.29
N TYR A 402 32.38 10.91 -41.02
CA TYR A 402 32.12 12.30 -40.68
C TYR A 402 33.43 13.05 -40.82
N ASN A 403 33.72 13.44 -42.05
CA ASN A 403 35.06 13.85 -42.45
C ASN A 403 35.28 15.33 -42.21
N ARG A 404 36.54 15.68 -42.04
CA ARG A 404 36.96 17.06 -41.88
C ARG A 404 37.85 17.45 -43.04
N LEU A 405 37.86 18.75 -43.36
CA LEU A 405 38.46 19.20 -44.60
C LEU A 405 39.98 19.10 -44.57
N ASN A 406 40.60 19.20 -43.39
CA ASN A 406 42.04 19.23 -43.30
C ASN A 406 42.65 18.07 -42.53
N ASN A 407 41.87 17.27 -41.81
CA ASN A 407 42.41 16.16 -41.04
C ASN A 407 41.85 14.85 -41.56
N PRO A 408 42.67 13.98 -42.16
CA PRO A 408 42.13 12.74 -42.71
C PRO A 408 41.83 11.68 -41.68
N SER A 409 42.43 11.77 -40.50
CA SER A 409 42.21 10.79 -39.46
C SER A 409 41.02 11.15 -38.56
N ARG A 410 40.50 12.35 -38.65
CA ARG A 410 39.43 12.77 -37.76
C ARG A 410 38.11 12.31 -38.36
N CYS A 411 37.47 11.35 -37.71
CA CYS A 411 36.16 10.83 -38.11
C CYS A 411 35.48 10.29 -36.87
N HIS A 412 34.21 9.89 -37.02
CA HIS A 412 33.51 9.20 -35.95
C HIS A 412 32.38 8.37 -36.54
N PHE A 413 31.51 7.89 -35.67
CA PHE A 413 30.37 7.09 -36.05
C PHE A 413 29.15 7.99 -36.00
N GLY A 414 27.97 7.43 -36.14
CA GLY A 414 26.82 8.29 -36.01
C GLY A 414 26.47 8.67 -34.60
N ILE A 415 27.12 8.06 -33.62
CA ILE A 415 26.70 8.13 -32.23
C ILE A 415 27.23 9.42 -31.61
N VAL A 416 26.32 10.31 -31.27
CA VAL A 416 26.60 11.63 -30.71
C VAL A 416 25.98 11.72 -29.33
N GLY A 417 26.72 12.26 -28.38
CA GLY A 417 26.11 12.49 -27.08
C GLY A 417 27.05 13.14 -26.11
N SER A 418 26.63 13.15 -24.85
CA SER A 418 27.42 13.79 -23.80
C SER A 418 27.14 13.12 -22.46
N ILE A 419 28.12 13.23 -21.58
CA ILE A 419 27.97 12.90 -20.17
C ILE A 419 27.75 14.22 -19.45
N TYR A 420 26.82 14.26 -18.50
CA TYR A 420 26.58 15.50 -17.76
C TYR A 420 27.34 15.41 -16.45
N ASN A 421 28.64 15.56 -16.54
CA ASN A 421 29.51 15.32 -15.40
C ASN A 421 30.24 16.60 -15.01
N LEU A 422 31.16 16.48 -14.06
CA LEU A 422 31.92 17.62 -13.57
C LEU A 422 33.37 17.20 -13.44
N ASN A 423 34.24 17.80 -14.26
CA ASN A 423 35.69 17.68 -14.16
C ASN A 423 36.14 16.22 -14.29
N ASP A 424 35.88 15.66 -15.46
CA ASP A 424 36.34 14.32 -15.87
C ASP A 424 35.82 13.19 -14.98
N SER A 425 34.75 13.41 -14.24
CA SER A 425 34.26 12.42 -13.30
C SER A 425 33.05 11.68 -13.88
N ARG A 426 32.45 10.82 -13.07
CA ARG A 426 31.20 10.15 -13.39
C ARG A 426 30.03 11.03 -12.99
N PRO A 427 28.93 11.01 -13.75
CA PRO A 427 27.91 12.05 -13.59
C PRO A 427 27.10 11.86 -12.31
N PHE A 428 27.06 12.91 -11.50
CA PHE A 428 26.22 12.98 -10.31
C PHE A 428 24.89 13.56 -10.76
N SER A 429 23.95 12.68 -11.06
CA SER A 429 22.73 13.07 -11.77
C SER A 429 21.74 13.74 -10.84
N LEU A 430 20.62 14.17 -11.41
CA LEU A 430 19.57 14.79 -10.61
C LEU A 430 18.85 13.76 -9.75
N VAL A 431 18.69 12.54 -10.28
CA VAL A 431 18.11 11.45 -9.50
C VAL A 431 19.07 11.01 -8.41
N ASP A 432 20.38 11.04 -8.69
CA ASP A 432 21.39 10.63 -7.72
C ASP A 432 21.42 11.54 -6.51
N MET A 433 21.19 12.84 -6.70
CA MET A 433 21.20 13.75 -5.59
C MET A 433 19.87 13.84 -4.86
N MET A 434 18.83 13.23 -5.40
CA MET A 434 17.52 13.19 -4.76
C MET A 434 17.16 11.82 -4.21
N LYS A 435 17.89 10.79 -4.61
CA LYS A 435 17.69 9.40 -4.17
C LYS A 435 17.95 9.16 -2.68
N PRO A 436 18.90 9.84 -2.01
CA PRO A 436 18.93 9.74 -0.54
C PRO A 436 17.64 10.16 0.15
N TYR A 437 17.06 11.27 -0.30
CA TYR A 437 15.85 11.77 0.34
C TYR A 437 14.61 11.00 -0.07
N ASN A 438 14.66 10.28 -1.18
CA ASN A 438 13.54 9.41 -1.53
C ASN A 438 13.59 8.13 -0.72
N TYR A 439 14.80 7.63 -0.46
CA TYR A 439 14.95 6.44 0.39
C TYR A 439 14.57 6.73 1.83
N LEU A 440 14.84 7.95 2.30
CA LEU A 440 14.43 8.32 3.65
C LEU A 440 12.94 8.60 3.72
N TYR A 441 12.34 9.06 2.63
CA TYR A 441 10.89 9.24 2.61
C TYR A 441 10.18 7.89 2.69
N ASP A 442 10.79 6.85 2.13
CA ASP A 442 10.20 5.53 2.14
C ASP A 442 10.32 4.87 3.51
N ALA A 443 11.33 5.26 4.30
CA ALA A 443 11.48 4.68 5.62
C ALA A 443 10.53 5.31 6.62
N ILE A 444 10.34 6.63 6.56
CA ILE A 444 9.49 7.32 7.51
C ILE A 444 8.02 7.05 7.23
N HIS A 445 7.65 6.93 5.95
CA HIS A 445 6.28 6.57 5.60
C HIS A 445 5.96 5.12 5.90
N ASP A 446 6.99 4.28 6.07
CA ASP A 446 6.79 2.93 6.60
C ASP A 446 6.39 2.97 8.07
N ARG A 447 7.07 3.81 8.86
CA ARG A 447 6.70 3.99 10.26
C ARG A 447 5.32 4.62 10.38
N LEU A 448 4.98 5.50 9.44
CA LEU A 448 3.65 6.09 9.42
C LEU A 448 2.57 5.04 9.18
N ASN A 449 2.83 4.09 8.28
CA ASN A 449 1.80 3.12 7.91
C ASN A 449 1.59 2.06 8.97
N LYS A 450 2.62 1.76 9.76
CA LYS A 450 2.46 0.82 10.86
C LYS A 450 1.88 1.50 12.08
N ALA A 451 2.02 2.81 12.18
CA ALA A 451 1.36 3.57 13.24
C ALA A 451 -0.11 3.79 12.92
N ILE A 452 -0.45 3.98 11.64
CA ILE A 452 -1.84 4.07 11.23
C ILE A 452 -2.55 2.75 11.48
N ALA A 453 -1.87 1.63 11.20
CA ALA A 453 -2.49 0.31 11.29
C ALA A 453 -2.79 -0.07 12.72
N SER A 454 -1.82 0.08 13.61
CA SER A 454 -2.00 -0.27 15.01
C SER A 454 -2.73 0.79 15.81
N ASN A 455 -3.25 1.83 15.17
CA ASN A 455 -3.97 2.88 15.88
C ASN A 455 -5.45 2.54 15.89
N TRP A 456 -5.96 2.22 17.06
CA TRP A 456 -7.38 2.19 17.33
C TRP A 456 -7.68 3.35 18.27
N GLY A 457 -8.96 3.55 18.59
CA GLY A 457 -9.29 4.64 19.46
C GLY A 457 -8.88 4.39 20.90
N SER A 458 -9.41 5.23 21.78
CA SER A 458 -9.31 4.95 23.20
C SER A 458 -10.23 3.80 23.56
N ILE A 459 -9.79 2.96 24.48
CA ILE A 459 -10.61 1.87 24.98
C ILE A 459 -11.03 2.22 26.40
N LEU A 460 -12.34 2.31 26.62
CA LEU A 460 -12.89 2.44 27.95
C LEU A 460 -12.97 1.07 28.61
N GLU A 461 -12.45 0.96 29.83
CA GLU A 461 -12.63 -0.24 30.63
C GLU A 461 -13.84 -0.06 31.53
N LEU A 462 -14.81 -0.95 31.40
CA LEU A 462 -16.12 -0.77 32.00
C LEU A 462 -16.45 -1.96 32.88
N ASP A 463 -16.76 -1.70 34.14
CA ASP A 463 -17.31 -2.70 35.04
C ASP A 463 -18.82 -2.59 35.07
N LEU A 464 -19.48 -3.74 35.21
CA LEU A 464 -20.93 -3.83 35.15
C LEU A 464 -21.54 -4.15 36.50
N SER A 465 -20.91 -3.72 37.59
CA SER A 465 -21.36 -4.08 38.92
C SER A 465 -22.63 -3.35 39.34
N LYS A 466 -23.01 -2.30 38.61
CA LYS A 466 -24.15 -1.49 38.98
C LYS A 466 -25.30 -1.56 37.99
N VAL A 467 -25.17 -2.33 36.91
CA VAL A 467 -26.28 -2.64 36.01
C VAL A 467 -27.36 -3.28 36.87
N PRO A 468 -28.59 -2.74 36.87
CA PRO A 468 -29.58 -3.15 37.87
C PRO A 468 -30.04 -4.59 37.69
N LYS A 469 -30.78 -5.05 38.69
CA LYS A 469 -31.26 -6.43 38.71
C LYS A 469 -32.29 -6.66 37.61
N GLY A 470 -32.32 -7.88 37.11
CA GLY A 470 -33.31 -8.23 36.11
C GLY A 470 -33.08 -7.63 34.75
N TRP A 471 -31.93 -7.00 34.54
CA TRP A 471 -31.59 -6.38 33.26
C TRP A 471 -30.40 -7.10 32.66
N ASP A 472 -30.45 -7.31 31.35
CA ASP A 472 -29.32 -7.84 30.61
C ASP A 472 -28.40 -6.70 30.20
N VAL A 473 -27.13 -7.02 29.98
CA VAL A 473 -26.17 -6.03 29.54
C VAL A 473 -26.48 -5.55 28.13
N GLY A 474 -27.14 -6.37 27.33
CA GLY A 474 -27.53 -5.96 25.99
C GLY A 474 -28.60 -4.91 25.95
N LYS A 475 -29.75 -5.15 26.60
CA LYS A 475 -30.82 -4.17 26.57
C LYS A 475 -30.52 -2.97 27.44
N TRP A 476 -29.68 -3.12 28.46
CA TRP A 476 -29.29 -1.98 29.28
C TRP A 476 -28.41 -1.02 28.49
N MET A 477 -27.48 -1.57 27.71
CA MET A 477 -26.66 -0.75 26.82
C MET A 477 -27.46 -0.25 25.64
N TYR A 478 -28.50 -0.98 25.23
CA TYR A 478 -29.32 -0.56 24.09
C TYR A 478 -30.09 0.72 24.41
N TYR A 479 -30.68 0.81 25.59
CA TYR A 479 -31.45 1.97 25.98
C TYR A 479 -30.59 3.13 26.40
N ALA A 480 -29.28 2.92 26.56
CA ALA A 480 -28.36 4.01 26.86
C ALA A 480 -27.81 4.64 25.59
N ARG A 481 -27.76 3.89 24.49
CA ARG A 481 -27.56 4.51 23.18
C ARG A 481 -28.63 5.54 22.91
N VAL A 482 -29.88 5.15 23.12
CA VAL A 482 -31.01 5.98 22.75
C VAL A 482 -31.12 7.17 23.68
N ASN A 483 -31.28 6.91 24.97
CA ASN A 483 -31.63 7.95 25.92
C ASN A 483 -30.45 8.79 26.35
N HIS A 484 -29.23 8.31 26.13
CA HIS A 484 -27.99 8.85 26.68
C HIS A 484 -28.00 8.90 28.21
N ILE A 485 -28.87 8.11 28.82
CA ILE A 485 -28.98 7.97 30.26
C ILE A 485 -28.95 6.48 30.56
N ALA A 486 -28.23 6.09 31.60
CA ALA A 486 -28.16 4.70 32.03
C ALA A 486 -28.60 4.60 33.48
N VAL A 487 -29.70 3.91 33.75
CA VAL A 487 -30.11 3.66 35.12
C VAL A 487 -29.17 2.66 35.76
N ILE A 488 -28.69 2.96 36.96
CA ILE A 488 -27.79 2.10 37.71
C ILE A 488 -28.40 1.82 39.08
N ASP A 489 -27.73 0.96 39.83
CA ASP A 489 -28.16 0.55 41.17
C ASP A 489 -26.95 0.60 42.09
N SER A 490 -26.87 1.63 42.93
CA SER A 490 -25.79 1.72 43.91
C SER A 490 -26.02 0.84 45.12
N PHE A 491 -27.16 0.16 45.18
CA PHE A 491 -27.50 -0.72 46.28
C PHE A 491 -27.70 -2.13 45.77
N LYS A 492 -26.79 -2.58 44.91
CA LYS A 492 -26.80 -3.98 44.54
C LYS A 492 -26.10 -4.79 45.61
N GLU A 493 -26.35 -6.10 45.60
CA GLU A 493 -25.68 -6.98 46.55
C GLU A 493 -24.20 -7.10 46.26
N GLY A 494 -23.77 -6.83 45.03
CA GLY A 494 -22.35 -6.80 44.74
C GLY A 494 -21.61 -5.62 45.35
N THR A 495 -22.32 -4.61 45.85
CA THR A 495 -21.71 -3.41 46.38
C THR A 495 -21.90 -3.26 47.88
N ILE A 496 -22.19 -4.36 48.58
CA ILE A 496 -22.41 -4.26 50.02
C ILE A 496 -21.08 -4.09 50.75
N GLY A 497 -19.98 -4.49 50.13
CA GLY A 497 -18.68 -4.39 50.79
C GLY A 497 -18.23 -2.97 51.00
N ALA A 498 -18.18 -2.18 49.92
CA ALA A 498 -17.71 -0.80 50.02
C ALA A 498 -18.64 0.07 50.87
N SER A 499 -19.94 -0.23 50.88
CA SER A 499 -20.87 0.61 51.63
C SER A 499 -20.82 0.32 53.12
N THR A 500 -20.70 -0.96 53.49
CA THR A 500 -20.68 -1.34 54.89
C THR A 500 -19.31 -1.17 55.53
N GLY A 501 -18.30 -0.81 54.75
CA GLY A 501 -16.96 -0.67 55.27
C GLY A 501 -16.14 -1.93 55.30
N LYS A 502 -16.63 -3.02 54.70
CA LYS A 502 -15.92 -4.28 54.70
C LYS A 502 -14.89 -4.39 53.59
N LEU A 503 -15.13 -3.73 52.46
CA LEU A 503 -14.20 -3.78 51.34
C LEU A 503 -13.73 -2.38 51.02
N ALA A 504 -12.74 -2.31 50.14
CA ALA A 504 -12.15 -1.02 49.78
C ALA A 504 -13.16 -0.15 49.06
N GLY A 505 -13.33 1.08 49.56
CA GLY A 505 -14.31 2.01 49.02
C GLY A 505 -14.04 2.49 47.61
N ALA A 506 -12.91 2.10 47.02
CA ALA A 506 -12.63 2.36 45.62
C ALA A 506 -13.44 1.49 44.68
N LEU A 507 -14.16 0.50 45.21
CA LEU A 507 -15.03 -0.34 44.40
C LEU A 507 -16.34 0.34 44.05
N ASN A 508 -16.66 1.46 44.71
CA ASN A 508 -17.85 2.23 44.44
C ASN A 508 -17.49 3.65 44.01
N ASN A 509 -16.31 3.80 43.42
CA ASN A 509 -15.67 5.10 43.18
C ASN A 509 -14.64 4.92 42.07
N ALA A 510 -13.71 5.86 42.01
CA ALA A 510 -12.46 5.92 41.24
C ALA A 510 -12.68 6.24 39.76
N GLY A 511 -13.89 6.17 39.25
CA GLY A 511 -14.11 6.40 37.82
C GLY A 511 -13.59 5.29 36.94
N LYS A 512 -13.90 5.38 35.65
CA LYS A 512 -13.57 4.31 34.72
C LYS A 512 -12.22 4.59 34.04
N GLY A 513 -11.41 3.53 33.91
CA GLY A 513 -10.11 3.66 33.31
C GLY A 513 -10.15 3.66 31.80
N MET A 514 -9.03 4.06 31.19
CA MET A 514 -8.90 4.14 29.75
C MET A 514 -7.64 3.42 29.31
N ILE A 515 -7.77 2.51 28.34
CA ILE A 515 -6.61 1.96 27.64
C ILE A 515 -6.34 2.92 26.48
N GLU A 516 -5.58 3.98 26.77
CA GLU A 516 -5.27 5.01 25.80
C GLU A 516 -3.78 5.01 25.48
N THR A 517 -3.46 4.69 24.24
CA THR A 517 -2.12 4.83 23.72
C THR A 517 -2.08 6.10 22.87
N ASN A 518 -1.02 6.89 23.06
CA ASN A 518 -0.90 8.17 22.36
C ASN A 518 -0.14 7.92 21.06
N ILE A 519 -0.83 7.30 20.11
CA ILE A 519 -0.23 7.06 18.81
C ILE A 519 -0.37 8.26 17.89
N GLY A 520 -1.30 9.16 18.19
CA GLY A 520 -1.52 10.32 17.34
C GLY A 520 -0.40 11.34 17.39
N ASN A 521 0.31 11.44 18.51
CA ASN A 521 1.50 12.27 18.54
C ASN A 521 2.62 11.64 17.73
N TYR A 522 2.68 10.30 17.71
CA TYR A 522 3.65 9.62 16.88
C TYR A 522 3.31 9.72 15.40
N ILE A 523 2.01 9.67 15.06
CA ILE A 523 1.57 9.80 13.68
C ILE A 523 1.84 11.21 13.18
N GLN A 524 1.61 12.22 14.01
CA GLN A 524 1.89 13.59 13.62
C GLN A 524 3.39 13.85 13.51
N GLN A 525 4.19 13.17 14.32
CA GLN A 525 5.64 13.34 14.23
C GLN A 525 6.18 12.80 12.92
N GLN A 526 5.65 11.67 12.46
CA GLN A 526 6.10 11.11 11.18
C GLN A 526 5.63 11.96 10.01
N ILE A 527 4.42 12.51 10.11
CA ILE A 527 3.89 13.38 9.06
C ILE A 527 4.74 14.64 8.93
N ASN A 528 5.17 15.22 10.05
CA ASN A 528 6.00 16.41 10.01
C ASN A 528 7.40 16.12 9.48
N LEU A 529 7.89 14.90 9.67
CA LEU A 529 9.19 14.55 9.10
C LEU A 529 9.10 14.33 7.60
N LEU A 530 7.96 13.86 7.12
CA LEU A 530 7.79 13.70 5.68
C LEU A 530 7.76 15.04 4.96
N GLU A 531 7.22 16.06 5.60
CA GLU A 531 7.24 17.38 4.99
C GLU A 531 8.64 17.97 5.03
N PHE A 532 9.43 17.60 6.03
CA PHE A 532 10.81 18.06 6.11
C PHE A 532 11.69 17.42 5.03
N ILE A 533 11.51 16.13 4.77
CA ILE A 533 12.34 15.42 3.81
C ILE A 533 11.91 15.75 2.38
N LYS A 534 10.61 15.96 2.16
CA LYS A 534 10.14 16.40 0.86
C LYS A 534 10.60 17.81 0.54
N MET A 535 10.93 18.61 1.55
CA MET A 535 11.40 19.98 1.37
C MET A 535 12.91 20.03 1.15
N GLU A 536 13.65 19.15 1.80
CA GLU A 536 15.09 19.08 1.60
C GLU A 536 15.44 18.53 0.23
N MET A 537 14.67 17.54 -0.24
CA MET A 537 14.85 17.02 -1.60
C MET A 537 14.54 18.09 -2.63
N ALA A 538 13.58 18.96 -2.34
CA ALA A 538 13.24 20.04 -3.26
C ALA A 538 14.36 21.07 -3.34
N ASP A 539 15.02 21.35 -2.22
CA ASP A 539 16.04 22.39 -2.20
C ASP A 539 17.31 21.94 -2.90
N VAL A 540 17.71 20.68 -2.71
CA VAL A 540 18.96 20.22 -3.31
C VAL A 540 18.83 20.10 -4.82
N ALA A 541 17.61 19.94 -5.32
CA ALA A 541 17.38 19.88 -6.76
C ALA A 541 17.16 21.24 -7.37
N GLY A 542 17.01 22.29 -6.56
CA GLY A 542 16.73 23.61 -7.07
C GLY A 542 15.35 23.77 -7.64
N ILE A 543 14.43 22.88 -7.31
CA ILE A 543 13.07 22.88 -7.83
C ILE A 543 12.17 23.11 -6.63
N SER A 544 11.69 24.34 -6.47
CA SER A 544 10.93 24.72 -5.30
C SER A 544 9.54 24.11 -5.35
N LYS A 545 8.78 24.31 -4.26
CA LYS A 545 7.37 23.99 -4.31
C LYS A 545 6.59 25.10 -5.01
N GLN A 546 7.08 26.34 -4.93
CA GLN A 546 6.57 27.42 -5.77
C GLN A 546 6.95 27.23 -7.22
N ARG A 547 8.05 26.55 -7.49
CA ARG A 547 8.53 26.32 -8.84
C ARG A 547 7.86 25.11 -9.47
N GLU A 548 7.20 24.30 -8.64
CA GLU A 548 6.43 23.13 -9.04
C GLU A 548 4.96 23.46 -9.31
N GLY A 549 4.60 24.74 -9.36
CA GLY A 549 3.21 25.10 -9.53
C GLY A 549 2.96 26.58 -9.75
N THR A 564 10.71 33.39 -9.68
CA THR A 564 10.99 32.04 -10.14
C THR A 564 12.15 32.01 -11.13
N LEU A 565 12.63 33.21 -11.50
CA LEU A 565 13.72 33.30 -12.47
C LEU A 565 15.04 32.84 -11.87
N GLN A 566 15.26 33.11 -10.58
CA GLN A 566 16.46 32.63 -9.93
C GLN A 566 16.41 31.14 -9.62
N SER A 567 15.22 30.55 -9.56
CA SER A 567 15.13 29.09 -9.43
C SER A 567 15.29 28.42 -10.78
N SER A 568 15.07 29.15 -11.87
CA SER A 568 15.41 28.65 -13.19
C SER A 568 16.90 28.65 -13.43
N HIS A 569 17.64 29.47 -12.69
CA HIS A 569 19.10 29.50 -12.83
C HIS A 569 19.74 28.25 -12.24
N ILE A 570 19.12 27.63 -11.24
CA ILE A 570 19.72 26.45 -10.62
C ILE A 570 19.71 25.28 -11.58
N THR A 571 18.72 25.20 -12.45
CA THR A 571 18.59 24.12 -13.41
C THR A 571 19.04 24.50 -14.80
N GLU A 572 19.50 25.75 -14.99
CA GLU A 572 19.88 26.22 -16.32
C GLU A 572 21.10 25.51 -16.84
N TRP A 573 21.99 25.08 -15.94
CA TRP A 573 23.20 24.36 -16.34
C TRP A 573 22.87 23.04 -17.02
N LEU A 574 21.72 22.46 -16.70
CA LEU A 574 21.31 21.20 -17.27
C LEU A 574 20.78 21.39 -18.67
N PHE A 575 20.19 22.55 -18.92
CA PHE A 575 19.67 22.89 -20.24
C PHE A 575 20.76 23.30 -21.21
N THR A 576 21.87 23.86 -20.72
CA THR A 576 22.91 24.34 -21.64
C THR A 576 23.69 23.19 -22.24
N ILE A 577 23.90 22.11 -21.49
CA ILE A 577 24.52 20.94 -22.07
C ILE A 577 23.53 20.23 -22.99
N HIS A 578 22.24 20.32 -22.69
CA HIS A 578 21.21 19.75 -23.56
C HIS A 578 21.16 20.44 -24.91
N ASP A 579 21.27 21.77 -24.92
CA ASP A 579 21.27 22.49 -26.19
C ASP A 579 22.55 22.26 -26.96
N ASP A 580 23.63 21.87 -26.28
CA ASP A 580 24.85 21.51 -26.98
C ASP A 580 24.73 20.17 -27.68
N VAL A 581 24.06 19.20 -27.05
CA VAL A 581 23.86 17.91 -27.68
C VAL A 581 22.93 18.04 -28.87
N LYS A 582 21.87 18.83 -28.72
CA LYS A 582 20.96 19.10 -29.83
C LYS A 582 21.65 19.84 -30.98
N LYS A 583 22.62 20.69 -30.66
CA LYS A 583 23.40 21.35 -31.70
C LYS A 583 24.25 20.37 -32.49
N ARG A 584 24.87 19.42 -31.78
CA ARG A 584 25.79 18.50 -32.42
C ARG A 584 25.09 17.32 -33.07
N ALA A 585 23.97 16.87 -32.50
CA ALA A 585 23.22 15.79 -33.13
C ALA A 585 22.55 16.26 -34.41
N LEU A 586 22.23 17.55 -34.50
CA LEU A 586 21.68 18.09 -35.74
C LEU A 586 22.76 18.35 -36.77
N GLU A 587 23.98 18.68 -36.34
CA GLU A 587 25.11 18.69 -37.26
C GLU A 587 25.46 17.29 -37.72
N CYS A 588 25.33 16.30 -36.82
CA CYS A 588 25.55 14.91 -37.19
C CYS A 588 24.43 14.40 -38.09
N PHE A 589 23.20 14.88 -37.90
CA PHE A 589 22.13 14.47 -38.79
C PHE A 589 22.28 15.10 -40.16
N LEU A 590 22.82 16.31 -40.21
CA LEU A 590 22.98 17.00 -41.49
C LEU A 590 24.04 16.34 -42.36
N GLU A 591 25.09 15.81 -41.75
CA GLU A 591 26.15 15.15 -42.51
C GLU A 591 25.73 13.78 -42.98
N THR A 592 24.93 13.07 -42.17
CA THR A 592 24.31 11.83 -42.62
C THR A 592 23.38 12.09 -43.79
N ALA A 593 22.68 13.22 -43.76
CA ALA A 593 21.75 13.57 -44.84
C ALA A 593 22.48 13.99 -46.10
N LYS A 594 23.68 14.58 -45.97
CA LYS A 594 24.50 14.91 -47.13
C LYS A 594 24.98 13.66 -47.85
N VAL A 595 25.14 12.55 -47.11
CA VAL A 595 25.66 11.31 -47.69
C VAL A 595 24.52 10.49 -48.31
N ALA A 596 23.31 10.60 -47.77
CA ALA A 596 22.18 9.91 -48.37
C ALA A 596 21.76 10.51 -49.70
N LEU A 597 22.14 11.77 -49.96
CA LEU A 597 21.85 12.43 -51.22
C LEU A 597 22.48 11.68 -52.39
N LYS A 598 23.73 11.24 -52.22
CA LYS A 598 24.42 10.48 -53.26
C LYS A 598 24.18 8.98 -53.15
N GLY A 599 22.90 8.59 -53.07
CA GLY A 599 22.57 7.19 -52.93
C GLY A 599 21.32 6.77 -53.65
N ARG A 600 20.94 7.55 -54.67
CA ARG A 600 19.81 7.27 -55.57
C ARG A 600 18.49 7.21 -54.82
N ASN A 601 18.21 8.26 -54.08
CA ASN A 601 16.96 8.41 -53.33
C ASN A 601 16.19 9.55 -53.96
N LYS A 602 15.00 9.27 -54.46
CA LYS A 602 14.21 10.28 -55.15
C LYS A 602 13.40 11.14 -54.19
N LYS A 603 13.45 10.86 -52.89
CA LYS A 603 12.75 11.68 -51.93
C LYS A 603 13.38 13.06 -51.82
N PHE A 604 14.69 13.14 -51.99
CA PHE A 604 15.38 14.43 -51.93
C PHE A 604 15.05 15.32 -53.10
N GLN A 605 14.50 14.76 -54.19
CA GLN A 605 14.02 15.58 -55.29
C GLN A 605 12.70 16.26 -54.98
N TYR A 606 12.07 15.97 -53.85
CA TYR A 606 10.85 16.64 -53.46
C TYR A 606 11.04 17.62 -52.32
N ILE A 607 12.01 17.37 -51.43
CA ILE A 607 12.23 18.24 -50.29
C ILE A 607 13.30 19.30 -50.56
N LEU A 608 14.03 19.21 -51.67
CA LEU A 608 15.05 20.17 -52.01
C LEU A 608 14.68 20.92 -53.28
N SER A 609 15.47 21.94 -53.57
CA SER A 609 15.32 22.77 -54.76
C SER A 609 15.99 22.08 -55.95
N ASP A 610 16.18 22.83 -57.03
CA ASP A 610 17.07 22.39 -58.10
C ASP A 610 18.51 22.81 -57.85
N THR A 611 18.72 24.00 -57.28
CA THR A 611 20.06 24.42 -56.92
C THR A 611 20.60 23.61 -55.75
N SER A 612 19.73 23.21 -54.83
CA SER A 612 20.14 22.37 -53.71
C SER A 612 20.48 20.96 -54.16
N THR A 613 19.90 20.50 -55.27
CA THR A 613 20.21 19.17 -55.80
C THR A 613 21.56 19.17 -56.50
N ARG A 614 22.06 20.33 -56.90
CA ARG A 614 23.29 20.42 -57.67
C ARG A 614 24.52 20.76 -56.83
N VAL A 615 24.36 21.00 -55.51
CA VAL A 615 25.52 21.23 -54.65
C VAL A 615 26.36 19.97 -54.54
N MET A 616 25.72 18.81 -54.68
CA MET A 616 26.41 17.53 -54.67
C MET A 616 27.27 17.32 -55.92
N GLU A 617 26.97 18.03 -57.01
CA GLU A 617 27.73 17.87 -58.24
C GLU A 617 29.14 18.43 -58.14
N ILE A 618 29.36 19.40 -57.24
CA ILE A 618 30.68 20.01 -57.05
C ILE A 618 31.45 19.15 -56.05
N ASP A 619 32.79 19.21 -56.09
CA ASP A 619 33.66 18.35 -55.31
C ASP A 619 33.93 18.98 -53.95
N GLY A 620 33.69 18.22 -52.89
CA GLY A 620 34.00 18.65 -51.54
C GLY A 620 32.80 18.57 -50.63
N ASP A 621 31.82 17.77 -51.01
CA ASP A 621 30.60 17.57 -50.23
C ASP A 621 30.76 16.41 -49.25
N GLU A 622 31.99 15.95 -49.03
CA GLU A 622 32.26 14.88 -48.10
C GLU A 622 32.61 15.37 -46.72
N PHE A 623 32.78 16.67 -46.56
CA PHE A 623 33.32 17.27 -45.34
C PHE A 623 32.23 17.94 -44.55
N ALA A 624 32.57 18.35 -43.33
CA ALA A 624 31.61 18.99 -42.46
C ALA A 624 31.20 20.34 -43.04
N GLU A 625 29.99 20.76 -42.69
CA GLU A 625 29.57 22.10 -43.13
C GLU A 625 30.27 23.19 -42.33
N ALA A 626 30.77 22.86 -41.14
CA ALA A 626 31.51 23.83 -40.35
C ALA A 626 32.88 24.11 -40.92
N ASP A 627 33.35 23.26 -41.83
CA ASP A 627 34.55 23.53 -42.62
C ASP A 627 34.25 24.39 -43.84
N TYR A 628 32.98 24.71 -44.06
CA TYR A 628 32.58 25.60 -45.14
C TYR A 628 31.86 26.83 -44.64
N GLY A 629 31.77 27.01 -43.32
CA GLY A 629 31.19 28.19 -42.74
C GLY A 629 29.76 28.06 -42.28
N LEU A 630 29.22 26.86 -42.20
CA LEU A 630 27.83 26.66 -41.85
C LEU A 630 27.75 25.95 -40.50
N VAL A 631 26.90 26.45 -39.62
CA VAL A 631 26.80 25.95 -38.25
C VAL A 631 25.34 25.94 -37.86
N VAL A 632 24.89 24.84 -37.26
CA VAL A 632 23.57 24.78 -36.66
C VAL A 632 23.59 25.63 -35.40
N ASP A 633 22.69 26.61 -35.32
CA ASP A 633 22.79 27.65 -34.31
C ASP A 633 21.42 28.02 -33.78
N ASN A 634 21.25 27.91 -32.47
CA ASN A 634 20.05 28.36 -31.76
C ASN A 634 20.55 29.23 -30.63
N SER A 635 20.87 30.49 -30.94
CA SER A 635 21.42 31.41 -29.98
C SER A 635 20.67 32.73 -30.10
N ASN A 636 20.96 33.65 -29.18
CA ASN A 636 20.22 34.90 -29.13
C ASN A 636 20.53 35.77 -30.35
N GLY A 637 21.72 35.61 -30.93
CA GLY A 637 22.05 36.37 -32.12
C GLY A 637 21.25 35.93 -33.33
N THR A 638 20.96 34.64 -33.42
CA THR A 638 20.20 34.14 -34.56
C THR A 638 18.72 34.49 -34.44
N GLN A 639 18.19 34.49 -33.22
CA GLN A 639 16.77 34.79 -33.03
C GLN A 639 16.48 36.27 -33.25
N GLU A 640 17.42 37.15 -32.93
CA GLU A 640 17.18 38.56 -33.22
C GLU A 640 17.42 38.87 -34.68
N LEU A 641 18.35 38.15 -35.32
CA LEU A 641 18.57 38.32 -36.75
C LEU A 641 17.36 37.91 -37.57
N GLN A 642 16.58 36.94 -37.08
CA GLN A 642 15.36 36.58 -37.78
C GLN A 642 14.30 37.66 -37.66
N GLN A 643 14.15 38.24 -36.47
CA GLN A 643 13.13 39.27 -36.30
C GLN A 643 13.59 40.61 -36.80
N LYS A 644 14.91 40.84 -36.88
CA LYS A 644 15.41 42.03 -37.55
C LYS A 644 15.11 41.98 -39.04
N LEU A 645 15.13 40.79 -39.62
CA LEU A 645 14.77 40.65 -41.03
C LEU A 645 13.26 40.63 -41.23
N ASP A 646 12.50 40.20 -40.21
CA ASP A 646 11.05 40.18 -40.35
C ASP A 646 10.45 41.58 -40.25
N THR A 647 10.94 42.38 -39.29
CA THR A 647 10.43 43.75 -39.18
C THR A 647 10.92 44.62 -40.31
N LEU A 648 12.10 44.32 -40.85
CA LEU A 648 12.60 45.02 -42.04
C LEU A 648 11.72 44.73 -43.25
N ALA A 649 11.14 43.54 -43.31
CA ALA A 649 10.28 43.19 -44.43
C ALA A 649 8.95 43.93 -44.36
N GLN A 650 8.35 44.00 -43.17
CA GLN A 650 7.10 44.74 -43.04
C GLN A 650 7.32 46.23 -43.21
N ALA A 651 8.48 46.74 -42.80
CA ALA A 651 8.81 48.14 -43.06
C ALA A 651 9.01 48.39 -44.55
N ALA A 652 9.41 47.37 -45.30
CA ALA A 652 9.52 47.46 -46.75
C ALA A 652 8.21 47.12 -47.45
N LEU A 653 7.34 46.37 -46.79
CA LEU A 653 6.03 46.04 -47.36
C LEU A 653 5.19 47.30 -47.56
N GLN A 654 4.87 47.98 -46.47
CA GLN A 654 4.43 49.36 -46.58
C GLN A 654 5.59 50.21 -47.07
N THR A 655 5.27 51.35 -47.68
CA THR A 655 6.09 52.21 -48.53
C THR A 655 6.42 51.56 -49.87
N GLN A 656 5.87 50.38 -50.16
CA GLN A 656 5.87 49.78 -51.51
C GLN A 656 7.29 49.51 -52.01
N THR A 657 8.12 48.90 -51.16
CA THR A 657 9.44 48.46 -51.53
C THR A 657 9.51 46.95 -51.70
N LEU A 658 8.57 46.21 -51.12
CA LEU A 658 8.53 44.77 -51.19
C LEU A 658 7.14 44.35 -51.63
N SER A 659 7.08 43.30 -52.44
CA SER A 659 5.81 42.87 -53.02
C SER A 659 5.02 42.00 -52.04
N PHE A 660 3.71 41.91 -52.25
CA PHE A 660 2.90 40.98 -51.47
C PHE A 660 3.20 39.53 -51.86
N SER A 661 3.77 39.32 -53.04
CA SER A 661 4.17 37.97 -53.44
C SER A 661 5.37 37.48 -52.63
N THR A 662 6.42 38.30 -52.53
CA THR A 662 7.65 37.83 -51.90
C THR A 662 7.61 37.94 -50.39
N ILE A 663 6.72 38.75 -49.81
CA ILE A 663 6.55 38.75 -48.36
C ILE A 663 6.02 37.39 -47.90
N THR A 664 5.23 36.72 -48.74
CA THR A 664 4.80 35.36 -48.43
C THR A 664 5.94 34.38 -48.56
N LYS A 665 6.93 34.68 -49.41
CA LYS A 665 8.10 33.82 -49.52
C LYS A 665 9.02 33.96 -48.31
N LEU A 666 9.07 35.15 -47.70
CA LEU A 666 9.80 35.28 -46.45
C LEU A 666 9.10 34.57 -45.31
N TYR A 667 7.78 34.46 -45.38
CA TYR A 667 7.03 33.78 -44.34
C TYR A 667 7.22 32.27 -44.38
N THR A 668 7.70 31.74 -45.50
CA THR A 668 7.86 30.31 -45.75
C THR A 668 9.27 30.00 -46.23
N SER A 669 10.28 30.52 -45.52
CA SER A 669 11.63 30.54 -46.05
C SER A 669 12.62 29.62 -45.34
N SER A 670 12.66 29.67 -44.00
CA SER A 670 13.49 28.88 -43.10
C SER A 670 14.99 29.17 -43.18
N SER A 671 15.43 30.11 -44.02
CA SER A 671 16.85 30.46 -44.11
C SER A 671 16.99 31.97 -44.04
N LEU A 672 17.87 32.45 -43.17
CA LEU A 672 18.12 33.87 -43.06
C LEU A 672 18.98 34.40 -44.20
N ALA A 673 19.63 33.52 -44.97
CA ALA A 673 20.28 33.96 -46.19
C ALA A 673 19.29 34.02 -47.35
N GLU A 674 18.30 33.12 -47.36
CA GLU A 674 17.28 33.15 -48.40
C GLU A 674 16.44 34.41 -48.31
N LYS A 675 15.94 34.72 -47.11
CA LYS A 675 15.04 35.85 -46.97
C LYS A 675 15.78 37.18 -47.03
N GLN A 676 17.08 37.19 -46.76
CA GLN A 676 17.89 38.37 -47.02
C GLN A 676 17.98 38.65 -48.51
N ARG A 677 18.21 37.60 -49.32
CA ARG A 677 18.35 37.78 -50.75
C ARG A 677 17.04 38.20 -51.41
N LEU A 678 15.91 37.87 -50.80
CA LEU A 678 14.63 38.28 -51.37
C LEU A 678 14.33 39.75 -51.08
N ILE A 679 14.69 40.22 -49.89
CA ILE A 679 14.59 41.64 -49.57
C ILE A 679 15.49 42.45 -50.49
N GLU A 680 16.71 41.96 -50.73
CA GLU A 680 17.64 42.66 -51.61
C GLU A 680 17.19 42.59 -53.06
N LYS A 681 16.47 41.53 -53.44
CA LYS A 681 16.00 41.41 -54.82
C LYS A 681 14.92 42.44 -55.13
N ASP A 682 13.82 42.41 -54.36
CA ASP A 682 12.67 43.28 -54.65
C ASP A 682 13.01 44.75 -54.52
N GLU A 683 13.94 45.11 -53.64
CA GLU A 683 14.42 46.48 -53.61
C GLU A 683 15.09 46.85 -54.92
N LYS A 684 15.98 45.97 -55.40
CA LYS A 684 16.78 46.32 -56.57
C LYS A 684 15.95 46.28 -57.85
N GLN A 685 14.93 45.43 -57.92
CA GLN A 685 14.03 45.46 -59.07
C GLN A 685 13.25 46.77 -59.11
N ILE A 686 12.71 47.20 -57.98
CA ILE A 686 11.83 48.35 -57.96
C ILE A 686 12.60 49.64 -58.20
N ARG A 687 13.81 49.77 -57.65
CA ARG A 687 14.59 50.98 -57.88
C ARG A 687 15.05 51.11 -59.33
N GLU A 688 15.23 50.00 -60.05
CA GLU A 688 15.48 50.10 -61.49
C GLU A 688 14.21 50.43 -62.25
N ARG A 689 13.05 49.97 -61.77
CA ARG A 689 11.80 50.40 -62.40
C ARG A 689 11.52 51.87 -62.16
N GLN A 690 11.90 52.38 -60.98
CA GLN A 690 11.75 53.82 -60.74
C GLN A 690 12.76 54.62 -61.54
N ALA A 691 13.93 54.04 -61.79
CA ALA A 691 14.95 54.76 -62.56
C ALA A 691 14.57 54.86 -64.04
N GLN A 692 13.95 53.81 -64.59
CA GLN A 692 13.51 53.89 -65.97
C GLN A 692 12.24 54.72 -66.10
N ALA A 693 11.41 54.76 -65.04
CA ALA A 693 10.21 55.59 -65.09
C ALA A 693 10.56 57.08 -64.99
N GLN A 694 11.67 57.41 -64.35
CA GLN A 694 12.10 58.80 -64.27
C GLN A 694 12.57 59.31 -65.63
N LYS A 695 13.36 58.50 -66.35
CA LYS A 695 13.84 58.92 -67.65
C LYS A 695 12.73 58.88 -68.70
N GLU A 696 11.75 57.98 -68.55
CA GLU A 696 10.68 57.88 -69.53
C GLU A 696 9.79 59.12 -69.50
N GLN A 697 9.53 59.65 -68.30
CA GLN A 697 8.77 60.90 -68.22
C GLN A 697 9.62 62.09 -68.65
N LEU A 698 10.93 62.01 -68.43
CA LEU A 698 11.79 63.12 -68.83
C LEU A 698 11.96 63.17 -70.34
N GLU A 699 12.10 62.00 -70.99
CA GLU A 699 12.25 62.01 -72.44
C GLU A 699 10.94 62.36 -73.13
N ALA A 700 9.81 62.02 -72.52
CA ALA A 700 8.52 62.45 -73.05
C ALA A 700 8.36 63.96 -72.95
N GLN A 701 8.88 64.55 -71.87
CA GLN A 701 8.86 66.00 -71.74
C GLN A 701 9.74 66.66 -72.79
N GLN A 702 10.91 66.09 -73.07
CA GLN A 702 11.82 66.73 -74.00
C GLN A 702 11.37 66.53 -75.45
N GLN A 703 10.78 65.37 -75.77
CA GLN A 703 10.38 65.14 -77.15
C GLN A 703 9.17 65.97 -77.52
N ILE A 704 8.33 66.33 -76.55
CA ILE A 704 7.28 67.32 -76.80
C ILE A 704 7.89 68.68 -77.07
N ALA A 705 8.88 69.08 -76.25
CA ALA A 705 9.53 70.37 -76.45
C ALA A 705 10.36 70.39 -77.74
N ALA A 706 10.94 69.25 -78.12
CA ALA A 706 11.68 69.20 -79.39
C ALA A 706 10.72 69.21 -80.57
N MET A 707 9.59 68.52 -80.45
CA MET A 707 8.61 68.54 -81.53
C MET A 707 7.93 69.90 -81.63
N GLN A 708 7.75 70.58 -80.50
CA GLN A 708 7.19 71.93 -80.51
C GLN A 708 8.14 72.91 -81.21
N GLN A 709 9.45 72.67 -81.15
CA GLN A 709 10.36 73.50 -81.93
C GLN A 709 10.34 73.12 -83.40
N GLN A 710 10.26 71.82 -83.70
CA GLN A 710 10.02 71.40 -85.08
C GLN A 710 8.63 71.83 -85.54
N GLN A 711 7.71 72.02 -84.60
CA GLN A 711 6.44 72.66 -84.91
C GLN A 711 6.64 74.12 -85.32
N LYS A 712 7.35 74.90 -84.50
CA LYS A 712 7.38 76.34 -84.72
C LYS A 712 8.36 76.74 -85.82
N GLU A 713 9.47 76.00 -85.96
CA GLU A 713 10.43 76.34 -87.01
C GLU A 713 9.85 76.13 -88.40
N ALA A 714 8.84 75.28 -88.54
CA ALA A 714 8.16 75.13 -89.81
C ALA A 714 7.32 76.36 -90.14
N GLU A 715 6.56 76.87 -89.16
CA GLU A 715 5.71 78.03 -89.43
C GLU A 715 6.52 79.31 -89.49
N LEU A 716 7.72 79.33 -88.89
CA LEU A 716 8.58 80.51 -89.02
C LEU A 716 9.15 80.62 -90.42
N LEU A 717 9.66 79.52 -90.98
CA LEU A 717 10.14 79.56 -92.36
C LEU A 717 8.97 79.66 -93.33
N GLN A 718 7.77 79.26 -92.91
CA GLN A 718 6.58 79.43 -93.75
C GLN A 718 6.32 80.91 -94.02
N LYS A 719 6.48 81.76 -93.01
CA LYS A 719 6.18 83.18 -93.19
C LYS A 719 7.23 83.90 -94.02
N GLU A 720 8.49 83.49 -93.94
CA GLU A 720 9.51 84.19 -94.73
C GLU A 720 9.43 83.79 -96.20
N GLU A 721 9.14 82.54 -96.51
CA GLU A 721 9.05 82.14 -97.90
C GLU A 721 7.71 82.54 -98.51
N ALA A 722 6.67 82.68 -97.69
CA ALA A 722 5.45 83.32 -98.15
C ALA A 722 5.71 84.77 -98.52
N ASN A 723 6.56 85.44 -97.73
CA ASN A 723 6.78 86.87 -97.94
C ASN A 723 7.67 87.13 -99.15
N ILE A 724 8.65 86.25 -99.44
CA ILE A 724 9.43 86.43 -100.66
C ILE A 724 8.54 86.22 -101.89
N ARG A 725 7.59 85.27 -101.80
CA ARG A 725 6.71 84.98 -102.91
C ARG A 725 5.76 86.12 -103.21
N ASP A 726 5.39 86.91 -102.20
CA ASP A 726 4.69 88.17 -102.48
C ASP A 726 5.62 89.18 -103.12
N ASN A 727 6.88 89.25 -102.66
CA ASN A 727 7.84 90.17 -103.26
C ASN A 727 8.25 89.73 -104.66
N GLN A 728 8.28 88.42 -104.92
CA GLN A 728 8.56 87.94 -106.27
C GLN A 728 7.45 88.33 -107.23
N THR A 729 6.20 88.33 -106.77
CA THR A 729 5.13 88.73 -107.68
C THR A 729 5.03 90.24 -107.84
N LYS A 730 5.43 91.01 -106.83
CA LYS A 730 5.32 92.46 -106.94
C LYS A 730 6.33 93.03 -107.93
N ILE A 731 7.43 92.33 -108.21
CA ILE A 731 8.31 92.79 -109.27
C ILE A 731 7.81 92.34 -110.63
N ILE A 732 7.22 91.14 -110.73
CA ILE A 732 6.83 90.64 -112.04
C ILE A 732 5.53 91.29 -112.51
N ILE A 733 4.72 91.82 -111.59
CA ILE A 733 3.60 92.63 -112.05
C ILE A 733 4.12 93.94 -112.65
N ALA A 734 5.28 94.43 -112.18
CA ALA A 734 5.81 95.68 -112.71
C ALA A 734 6.37 95.52 -114.11
N GLN A 735 6.95 94.35 -114.43
CA GLN A 735 7.55 94.18 -115.75
C GLN A 735 6.50 94.04 -116.84
N ILE A 736 5.36 93.41 -116.55
CA ILE A 736 4.29 93.40 -117.54
C ILE A 736 3.62 94.76 -117.63
N GLN A 737 3.65 95.56 -116.56
CA GLN A 737 3.22 96.95 -116.69
C GLN A 737 4.24 97.78 -117.45
N SER A 738 5.50 97.33 -117.53
CA SER A 738 6.50 98.02 -118.34
C SER A 738 6.44 97.61 -119.81
N GLU A 739 5.56 96.69 -120.18
CA GLU A 739 5.41 96.23 -121.56
C GLU A 739 4.97 97.36 -122.48
N MET B 1 -23.44 -14.57 30.67
CA MET B 1 -22.80 -15.56 31.50
C MET B 1 -21.94 -16.49 30.65
N VAL B 2 -20.74 -16.80 31.15
CA VAL B 2 -19.81 -17.60 30.36
C VAL B 2 -20.08 -19.08 30.53
N ASN B 3 -20.33 -19.51 31.76
CA ASN B 3 -20.57 -20.91 32.08
C ASN B 3 -22.06 -21.23 31.98
N ASN B 4 -22.35 -22.50 31.75
CA ASN B 4 -23.72 -22.96 31.67
C ASN B 4 -24.28 -23.23 33.06
N ILE B 5 -25.60 -23.08 33.20
CA ILE B 5 -26.26 -23.22 34.50
C ILE B 5 -26.72 -24.68 34.61
N ASN B 6 -25.88 -25.51 35.19
CA ASN B 6 -26.26 -26.88 35.47
C ASN B 6 -26.97 -26.91 36.82
N TRP B 7 -28.12 -27.56 36.87
CA TRP B 7 -29.00 -27.52 38.03
C TRP B 7 -28.69 -28.63 39.03
N VAL B 8 -28.69 -28.27 40.31
CA VAL B 8 -28.54 -29.23 41.40
C VAL B 8 -29.58 -28.92 42.45
N LYS B 9 -29.86 -29.92 43.29
CA LYS B 9 -30.87 -29.79 44.32
C LYS B 9 -30.35 -28.95 45.48
N LEU B 10 -31.28 -28.42 46.26
CA LEU B 10 -30.90 -27.60 47.42
C LEU B 10 -30.06 -28.31 48.48
N PRO B 11 -30.20 -29.62 48.79
CA PRO B 11 -29.31 -30.21 49.80
C PRO B 11 -27.84 -30.24 49.45
N VAL B 12 -27.42 -29.86 48.24
CA VAL B 12 -25.99 -29.78 47.96
C VAL B 12 -25.38 -28.59 48.67
N ILE B 13 -26.18 -27.60 49.06
CA ILE B 13 -25.65 -26.48 49.83
C ILE B 13 -25.51 -26.85 51.29
N LEU B 14 -26.14 -27.94 51.73
CA LEU B 14 -26.07 -28.33 53.12
C LEU B 14 -24.89 -29.25 53.42
N ASP B 15 -24.33 -29.93 52.42
CA ASP B 15 -23.05 -30.60 52.62
C ASP B 15 -21.97 -29.58 52.95
N ARG B 16 -22.08 -28.39 52.36
CA ARG B 16 -21.05 -27.37 52.50
C ARG B 16 -21.20 -26.60 53.80
N LEU B 17 -22.42 -26.35 54.24
CA LEU B 17 -22.62 -25.58 55.47
C LEU B 17 -22.28 -26.42 56.69
N LEU B 18 -22.75 -27.67 56.72
CA LEU B 18 -22.53 -28.55 57.86
C LEU B 18 -21.11 -29.08 57.95
N ARG B 19 -20.20 -28.67 57.05
CA ARG B 19 -18.78 -28.82 57.33
C ARG B 19 -18.33 -27.90 58.46
N HIS B 20 -19.10 -26.86 58.75
CA HIS B 20 -18.81 -25.92 59.81
C HIS B 20 -19.56 -26.34 61.05
N PRO B 21 -18.88 -26.66 62.15
CA PRO B 21 -19.57 -27.20 63.33
C PRO B 21 -20.45 -26.21 64.06
N LEU B 22 -20.41 -24.93 63.74
CA LEU B 22 -21.37 -23.99 64.32
C LEU B 22 -22.62 -23.86 63.49
N LEU B 23 -22.64 -24.42 62.28
CA LEU B 23 -23.81 -24.41 61.41
C LEU B 23 -24.46 -25.79 61.32
N THR B 24 -24.37 -26.59 62.39
CA THR B 24 -24.87 -27.96 62.35
C THR B 24 -26.34 -28.07 62.74
N ASP B 25 -26.98 -26.98 63.15
CA ASP B 25 -28.40 -26.99 63.45
C ASP B 25 -29.22 -26.46 62.29
N LEU B 26 -28.61 -26.31 61.12
CA LEU B 26 -29.30 -25.87 59.92
C LEU B 26 -30.12 -27.00 59.31
N ASN B 27 -31.15 -26.63 58.55
CA ASN B 27 -32.15 -27.54 58.04
C ASN B 27 -32.30 -27.35 56.55
N LEU B 28 -33.13 -28.19 55.94
CA LEU B 28 -33.61 -27.87 54.60
C LEU B 28 -34.55 -26.68 54.64
N GLU B 29 -35.39 -26.61 55.67
CA GLU B 29 -36.36 -25.53 55.82
C GLU B 29 -35.69 -24.17 55.95
N THR B 30 -34.55 -24.12 56.62
CA THR B 30 -33.79 -22.88 56.70
C THR B 30 -33.01 -22.63 55.41
N ALA B 31 -32.55 -23.69 54.76
CA ALA B 31 -31.89 -23.56 53.48
C ALA B 31 -32.85 -23.14 52.37
N ILE B 32 -34.15 -23.46 52.50
CA ILE B 32 -35.11 -23.04 51.50
C ILE B 32 -35.33 -21.53 51.57
N GLN B 33 -35.55 -21.01 52.77
CA GLN B 33 -35.86 -19.59 52.90
C GLN B 33 -34.65 -18.73 52.57
N TYR B 34 -33.47 -19.11 53.03
CA TYR B 34 -32.30 -18.28 52.80
C TYR B 34 -31.82 -18.34 51.36
N THR B 35 -32.20 -19.38 50.63
CA THR B 35 -31.89 -19.43 49.20
C THR B 35 -32.73 -18.43 48.43
N LEU B 36 -34.03 -18.37 48.72
CA LEU B 36 -34.92 -17.49 47.99
C LEU B 36 -34.66 -16.03 48.32
N ASP B 37 -34.23 -15.74 49.55
CA ASP B 37 -33.78 -14.39 49.87
C ASP B 37 -32.51 -14.05 49.10
N PHE B 38 -31.61 -15.03 48.96
CA PHE B 38 -30.37 -14.81 48.23
C PHE B 38 -30.61 -14.70 46.73
N ILE B 39 -31.46 -15.57 46.19
CA ILE B 39 -31.78 -15.53 44.75
C ILE B 39 -32.41 -14.19 44.39
N SER B 40 -33.26 -13.67 45.27
CA SER B 40 -33.91 -12.39 45.01
C SER B 40 -32.92 -11.23 45.13
N ALA B 41 -32.13 -11.21 46.19
CA ALA B 41 -31.27 -10.06 46.48
C ALA B 41 -30.17 -9.91 45.44
N MET B 42 -29.77 -11.00 44.79
CA MET B 42 -28.80 -10.89 43.72
C MET B 42 -29.45 -10.43 42.43
N GLY B 43 -30.66 -10.91 42.15
CA GLY B 43 -31.40 -10.49 40.99
C GLY B 43 -30.78 -10.91 39.67
N LEU B 44 -30.17 -12.08 39.64
CA LEU B 44 -29.52 -12.56 38.43
C LEU B 44 -30.57 -13.14 37.49
N PRO B 45 -30.75 -12.59 36.29
CA PRO B 45 -31.77 -13.13 35.37
C PRO B 45 -31.40 -14.44 34.71
N ASN B 46 -30.22 -14.99 34.98
CA ASN B 46 -29.83 -16.30 34.47
C ASN B 46 -30.27 -17.45 35.35
N VAL B 47 -30.71 -17.16 36.58
CA VAL B 47 -31.15 -18.18 37.52
C VAL B 47 -32.60 -18.57 37.26
N TYR B 48 -33.34 -17.77 36.50
CA TYR B 48 -34.74 -18.01 36.22
C TYR B 48 -34.92 -18.72 34.89
N VAL B 49 -36.07 -19.36 34.75
CA VAL B 49 -36.45 -20.09 33.54
C VAL B 49 -37.34 -19.20 32.70
N ASP B 50 -37.00 -19.05 31.44
CA ASP B 50 -37.81 -18.26 30.52
C ASP B 50 -38.98 -19.09 30.03
N LYS B 51 -40.19 -18.57 30.21
CA LYS B 51 -41.40 -19.24 29.73
C LYS B 51 -42.20 -18.27 28.86
N ILE B 52 -43.01 -18.83 27.97
CA ILE B 52 -43.96 -18.05 27.17
C ILE B 52 -45.32 -18.71 27.26
N GLU B 53 -46.35 -17.92 27.55
CA GLU B 53 -47.73 -18.38 27.64
C GLU B 53 -48.62 -17.41 26.89
N THR B 54 -49.63 -17.93 26.22
CA THR B 54 -50.68 -17.10 25.65
C THR B 54 -51.88 -17.09 26.59
N ILE B 55 -52.27 -15.90 27.04
CA ILE B 55 -53.49 -15.75 27.83
C ILE B 55 -54.44 -14.87 27.03
N ASP B 56 -55.73 -14.99 27.34
CA ASP B 56 -56.76 -14.20 26.68
C ASP B 56 -57.29 -13.14 27.62
N ILE B 57 -57.43 -11.93 27.09
CA ILE B 57 -57.88 -10.76 27.84
C ILE B 57 -59.37 -10.63 27.65
N LYS B 58 -60.11 -10.57 28.76
CA LYS B 58 -61.57 -10.56 28.66
C LYS B 58 -62.10 -9.14 28.50
N GLU B 59 -61.86 -8.28 29.48
CA GLU B 59 -62.11 -6.86 29.22
C GLU B 59 -61.05 -6.07 30.00
N TYR B 60 -59.98 -5.72 29.30
CA TYR B 60 -58.81 -5.02 29.82
C TYR B 60 -58.17 -5.75 31.00
N ARG B 61 -58.43 -7.06 31.12
CA ARG B 61 -57.93 -7.86 32.23
C ARG B 61 -57.72 -9.29 31.75
N GLY B 62 -56.65 -9.90 32.25
CA GLY B 62 -56.36 -11.29 31.95
C GLY B 62 -55.67 -11.91 33.14
N GLU B 63 -55.78 -13.23 33.24
CA GLU B 63 -55.24 -13.93 34.39
C GLU B 63 -53.87 -14.47 34.04
N LEU B 64 -52.97 -14.16 34.80
CA LEU B 64 -51.54 -14.37 34.70
C LEU B 64 -51.18 -15.76 35.21
N PRO B 65 -50.13 -16.38 34.67
CA PRO B 65 -49.76 -17.73 35.12
C PRO B 65 -49.34 -17.78 36.59
N CYS B 66 -49.37 -18.99 37.14
CA CYS B 66 -49.13 -19.16 38.56
C CYS B 66 -47.67 -19.07 38.93
N ASP B 67 -46.78 -19.45 38.03
CA ASP B 67 -45.34 -19.47 38.31
C ASP B 67 -44.65 -18.15 37.98
N LEU B 68 -45.39 -17.13 37.55
CA LEU B 68 -44.79 -15.92 37.01
C LEU B 68 -44.09 -15.12 38.10
N ILE B 69 -42.87 -14.67 37.80
CA ILE B 69 -42.07 -13.87 38.71
C ILE B 69 -41.76 -12.51 38.12
N SER B 70 -41.31 -12.48 36.86
CA SER B 70 -41.10 -11.22 36.18
C SER B 70 -41.44 -11.40 34.71
N ILE B 71 -42.09 -10.41 34.15
CA ILE B 71 -42.48 -10.40 32.75
C ILE B 71 -41.28 -9.90 31.95
N ASN B 72 -40.92 -10.62 30.88
CA ASN B 72 -39.95 -10.10 29.93
C ASN B 72 -40.62 -9.10 29.00
N GLN B 73 -41.59 -9.57 28.21
CA GLN B 73 -42.45 -8.71 27.43
C GLN B 73 -43.85 -9.30 27.39
N VAL B 74 -44.82 -8.44 27.13
CA VAL B 74 -46.17 -8.83 26.71
C VAL B 74 -46.33 -8.33 25.29
N ARG B 75 -46.90 -9.17 24.43
CA ARG B 75 -47.16 -8.79 23.04
C ARG B 75 -48.53 -9.32 22.64
N LEU B 76 -49.03 -8.80 21.53
CA LEU B 76 -50.29 -9.31 20.98
C LEU B 76 -50.07 -10.60 20.23
N HIS B 77 -51.07 -11.47 20.24
CA HIS B 77 -50.91 -12.76 19.61
C HIS B 77 -51.11 -12.72 18.10
N LYS B 78 -52.06 -11.92 17.61
CA LYS B 78 -52.31 -11.93 16.18
C LYS B 78 -51.27 -11.10 15.42
N ASN B 79 -50.81 -9.99 16.01
CA ASN B 79 -49.86 -9.11 15.35
C ASN B 79 -48.43 -9.48 15.67
N GLY B 80 -48.15 -9.81 16.92
CA GLY B 80 -46.80 -9.85 17.42
C GLY B 80 -46.29 -8.52 17.94
N ILE B 81 -47.05 -7.44 17.75
CA ILE B 81 -46.63 -6.12 18.23
C ILE B 81 -46.63 -6.12 19.75
N ALA B 82 -45.56 -5.56 20.33
CA ALA B 82 -45.37 -5.60 21.76
C ALA B 82 -46.09 -4.44 22.45
N LEU B 83 -46.43 -4.64 23.71
CA LEU B 83 -47.12 -3.66 24.53
C LEU B 83 -46.09 -3.05 25.46
N ARG B 84 -46.18 -1.74 25.69
CA ARG B 84 -45.13 -1.08 26.46
C ARG B 84 -45.45 -1.03 27.96
N ALA B 85 -46.36 -0.17 28.36
CA ALA B 85 -46.55 0.13 29.76
C ALA B 85 -47.73 1.06 29.91
N MET B 86 -48.47 0.91 30.98
CA MET B 86 -49.67 1.70 31.19
C MET B 86 -49.26 2.89 32.05
N THR B 87 -49.27 4.07 31.46
CA THR B 87 -49.09 5.31 32.19
C THR B 87 -50.41 6.04 32.41
N ASP B 88 -51.47 5.63 31.72
CA ASP B 88 -52.81 6.20 31.91
C ASP B 88 -53.26 6.04 33.35
N ASN B 89 -53.87 7.09 33.90
CA ASN B 89 -54.48 7.01 35.21
C ASN B 89 -55.93 6.57 35.17
N PHE B 90 -56.56 6.56 34.00
CA PHE B 90 -58.00 6.36 33.84
C PHE B 90 -58.27 5.33 32.74
N ASN B 91 -57.59 4.20 32.79
CA ASN B 91 -57.40 3.34 31.62
C ASN B 91 -58.66 2.73 31.01
N ALA B 92 -59.32 1.82 31.73
CA ALA B 92 -60.49 1.13 31.20
C ALA B 92 -61.76 1.83 31.60
N TYR B 93 -61.66 3.07 32.00
CA TYR B 93 -62.72 3.88 32.56
C TYR B 93 -63.20 4.84 31.49
N PRO B 94 -64.49 4.86 31.18
CA PRO B 94 -64.99 5.75 30.14
C PRO B 94 -65.37 7.12 30.68
N THR B 95 -65.40 8.09 29.77
CA THR B 95 -65.93 9.41 30.05
C THR B 95 -67.44 9.38 29.79
N HIS B 96 -68.09 10.52 29.73
CA HIS B 96 -69.51 10.55 29.41
C HIS B 96 -69.73 11.13 28.01
N GLY B 107 -55.08 3.75 20.66
CA GLY B 107 -53.72 4.22 20.81
C GLY B 107 -52.71 3.09 20.79
N GLU B 108 -51.46 3.40 21.13
CA GLU B 108 -50.44 2.39 21.32
C GLU B 108 -50.83 1.51 22.50
N PRO B 109 -50.90 0.20 22.34
CA PRO B 109 -51.40 -0.66 23.41
C PRO B 109 -50.41 -0.82 24.55
N SER B 110 -50.94 -1.16 25.71
CA SER B 110 -50.19 -1.11 26.95
C SER B 110 -50.61 -2.29 27.83
N PHE B 111 -49.84 -2.50 28.89
CA PHE B 111 -50.24 -3.45 29.91
C PHE B 111 -49.79 -2.94 31.27
N LYS B 112 -50.32 -3.60 32.30
CA LYS B 112 -50.03 -3.27 33.69
C LYS B 112 -50.34 -4.52 34.50
N THR B 113 -49.44 -4.90 35.39
CA THR B 113 -49.62 -6.11 36.17
C THR B 113 -49.41 -5.79 37.64
N GLN B 114 -50.34 -6.22 38.49
CA GLN B 114 -50.16 -6.09 39.93
C GLN B 114 -50.08 -7.46 40.59
N GLY B 115 -51.12 -8.27 40.52
CA GLY B 115 -51.06 -9.50 41.25
C GLY B 115 -50.98 -10.68 40.31
N ARG B 116 -52.03 -11.47 40.29
CA ARG B 116 -52.23 -12.49 39.28
C ARG B 116 -53.09 -11.98 38.13
N VAL B 117 -53.30 -10.67 38.06
CA VAL B 117 -54.08 -10.04 37.01
C VAL B 117 -53.19 -9.08 36.23
N ILE B 118 -53.29 -9.14 34.91
CA ILE B 118 -52.69 -8.16 34.01
C ILE B 118 -53.80 -7.22 33.56
N PHE B 119 -53.46 -5.94 33.42
CA PHE B 119 -54.42 -4.90 33.02
C PHE B 119 -53.92 -4.32 31.72
N THR B 120 -54.59 -4.65 30.61
CA THR B 120 -54.16 -4.16 29.30
C THR B 120 -55.04 -3.00 28.85
N SER B 121 -54.66 -2.44 27.70
CA SER B 121 -55.43 -1.40 27.02
C SER B 121 -56.39 -1.96 25.99
N ILE B 122 -56.36 -3.26 25.71
CA ILE B 122 -57.16 -3.88 24.66
C ILE B 122 -58.25 -4.68 25.35
N LYS B 123 -59.47 -4.61 24.81
CA LYS B 123 -60.60 -5.22 25.49
C LYS B 123 -60.59 -6.74 25.37
N HIS B 124 -60.74 -7.26 24.16
CA HIS B 124 -60.97 -8.68 23.92
C HIS B 124 -59.88 -9.18 22.97
N GLU B 125 -58.78 -9.69 23.52
CA GLU B 125 -57.63 -10.04 22.70
C GLU B 125 -56.82 -11.10 23.42
N LYS B 126 -56.12 -11.93 22.65
CA LYS B 126 -55.16 -12.87 23.20
C LYS B 126 -53.77 -12.26 23.14
N VAL B 127 -53.02 -12.42 24.23
CA VAL B 127 -51.67 -11.86 24.31
C VAL B 127 -50.70 -12.97 24.69
N ASP B 128 -49.49 -12.90 24.12
CA ASP B 128 -48.38 -13.74 24.56
C ASP B 128 -47.60 -13.01 25.64
N ILE B 129 -47.28 -13.73 26.70
CA ILE B 129 -46.48 -13.18 27.79
C ILE B 129 -45.24 -14.03 27.91
N SER B 130 -44.08 -13.41 27.68
CA SER B 130 -42.80 -14.04 27.90
C SER B 130 -42.32 -13.65 29.29
N TYR B 131 -42.10 -14.63 30.16
CA TYR B 131 -41.83 -14.33 31.55
C TYR B 131 -40.75 -15.24 32.11
N LYS B 132 -40.41 -14.98 33.36
CA LYS B 132 -39.45 -15.78 34.11
C LYS B 132 -40.12 -16.44 35.30
N ALA B 133 -39.75 -17.70 35.54
CA ALA B 133 -40.21 -18.45 36.69
C ALA B 133 -38.99 -19.02 37.41
N ILE B 134 -39.25 -19.72 38.51
CA ILE B 134 -38.23 -20.46 39.26
C ILE B 134 -38.23 -21.90 38.78
N MET B 135 -37.04 -22.48 38.59
CA MET B 135 -36.98 -23.91 38.28
C MET B 135 -37.17 -24.73 39.54
N LEU B 136 -38.02 -25.74 39.44
CA LEU B 136 -38.41 -26.60 40.55
C LEU B 136 -37.83 -27.99 40.34
N ASP B 137 -38.11 -28.88 41.29
CA ASP B 137 -37.60 -30.24 41.33
C ASP B 137 -38.74 -31.19 41.01
N ASP B 138 -38.49 -32.49 41.20
CA ASP B 138 -39.60 -33.42 41.39
C ASP B 138 -40.44 -33.04 42.59
N GLU B 139 -39.81 -32.64 43.69
CA GLU B 139 -40.50 -31.88 44.73
C GLU B 139 -40.76 -30.46 44.25
N GLY B 140 -41.74 -29.80 44.85
CA GLY B 140 -41.98 -28.45 44.41
C GLY B 140 -41.03 -27.44 45.04
N LEU B 141 -39.73 -27.67 44.92
CA LEU B 141 -38.72 -26.96 45.66
C LEU B 141 -37.72 -26.32 44.71
N PRO B 142 -37.07 -25.23 45.13
CA PRO B 142 -36.13 -24.56 44.22
C PRO B 142 -34.93 -25.43 43.85
N LEU B 143 -34.39 -25.14 42.68
CA LEU B 143 -33.25 -25.86 42.13
C LEU B 143 -32.18 -24.81 41.83
N ILE B 144 -30.97 -25.04 42.35
CA ILE B 144 -29.95 -23.99 42.34
C ILE B 144 -28.84 -24.33 41.35
N PRO B 145 -28.11 -23.35 40.82
CA PRO B 145 -26.97 -23.65 39.97
C PRO B 145 -25.86 -24.37 40.72
N ASP B 146 -25.17 -25.25 40.02
CA ASP B 146 -24.03 -25.94 40.61
C ASP B 146 -22.75 -25.14 40.53
N ASN B 147 -22.83 -23.88 40.12
CA ASN B 147 -21.68 -23.00 40.00
C ASN B 147 -20.99 -22.87 41.36
N PRO B 148 -19.75 -23.30 41.50
CA PRO B 148 -19.08 -23.17 42.80
C PRO B 148 -18.80 -21.74 43.22
N ILE B 149 -19.06 -20.75 42.37
CA ILE B 149 -19.07 -19.36 42.83
C ILE B 149 -20.43 -19.02 43.44
N PHE B 150 -21.52 -19.39 42.73
CA PHE B 150 -22.86 -19.26 43.28
C PHE B 150 -23.01 -20.04 44.57
N LEU B 151 -22.58 -21.30 44.56
CA LEU B 151 -22.70 -22.17 45.72
C LEU B 151 -21.90 -21.67 46.90
N LYS B 152 -20.71 -21.12 46.65
CA LYS B 152 -19.88 -20.63 47.76
C LYS B 152 -20.51 -19.39 48.41
N THR B 153 -21.03 -18.48 47.61
CA THR B 153 -21.60 -17.25 48.16
C THR B 153 -23.02 -17.41 48.66
N LEU B 154 -23.74 -18.45 48.24
CA LEU B 154 -24.98 -18.82 48.92
C LEU B 154 -24.68 -19.43 50.27
N GLU B 155 -23.62 -20.22 50.34
CA GLU B 155 -23.13 -20.77 51.60
C GLU B 155 -22.68 -19.66 52.55
N LEU B 156 -21.98 -18.66 52.04
CA LEU B 156 -21.57 -17.51 52.85
C LEU B 156 -22.73 -16.59 53.17
N TYR B 157 -23.80 -16.62 52.39
CA TYR B 157 -25.00 -15.88 52.73
C TYR B 157 -25.65 -16.47 53.98
N ILE B 158 -25.85 -17.79 53.98
CA ILE B 158 -26.52 -18.46 55.10
C ILE B 158 -25.64 -18.43 56.33
N LYS B 159 -24.32 -18.52 56.15
CA LYS B 159 -23.40 -18.42 57.27
C LYS B 159 -23.39 -17.02 57.86
N LYS B 160 -23.73 -16.01 57.07
CA LYS B 160 -23.79 -14.64 57.57
C LYS B 160 -25.14 -14.31 58.20
N GLU B 161 -26.21 -14.98 57.79
CA GLU B 161 -27.49 -14.78 58.44
C GLU B 161 -27.58 -15.55 59.76
N TRP B 162 -26.96 -16.72 59.80
CA TRP B 162 -26.93 -17.52 61.03
C TRP B 162 -25.99 -16.90 62.05
N PHE B 163 -24.86 -16.36 61.61
CA PHE B 163 -23.92 -15.73 62.53
C PHE B 163 -24.44 -14.38 63.02
N THR B 164 -25.31 -13.73 62.25
CA THR B 164 -25.88 -12.47 62.72
C THR B 164 -26.84 -12.71 63.87
N ILE B 165 -27.61 -13.79 63.82
CA ILE B 165 -28.44 -14.19 64.94
C ILE B 165 -27.56 -14.54 66.14
N LEU B 166 -26.51 -15.32 65.91
CA LEU B 166 -25.62 -15.72 66.99
C LEU B 166 -24.85 -14.56 67.59
N PHE B 167 -24.63 -13.50 66.83
CA PHE B 167 -23.94 -12.33 67.36
C PHE B 167 -24.87 -11.51 68.22
N ASP B 168 -26.15 -11.44 67.84
CA ASP B 168 -27.16 -10.82 68.68
C ASP B 168 -27.35 -11.57 69.99
N MET B 169 -27.23 -12.89 69.95
CA MET B 169 -27.33 -13.71 71.14
C MET B 169 -26.10 -13.60 72.04
N GLY B 170 -24.97 -13.18 71.49
CA GLY B 170 -23.74 -13.13 72.23
C GLY B 170 -22.94 -14.41 72.16
N LYS B 171 -23.12 -15.19 71.10
CA LYS B 171 -22.52 -16.51 70.95
C LYS B 171 -21.47 -16.54 69.86
N ILE B 172 -21.06 -15.38 69.38
CA ILE B 172 -20.10 -15.22 68.29
C ILE B 172 -19.29 -13.96 68.58
N SER B 173 -17.99 -14.02 68.31
CA SER B 173 -17.14 -12.86 68.45
C SER B 173 -17.49 -11.81 67.40
N PRO B 174 -17.33 -10.52 67.73
CA PRO B 174 -17.46 -9.50 66.69
C PRO B 174 -16.39 -9.57 65.62
N ALA B 175 -15.24 -10.18 65.91
CA ALA B 175 -14.27 -10.44 64.86
C ALA B 175 -14.70 -11.57 63.95
N VAL B 176 -15.46 -12.53 64.46
CA VAL B 176 -15.92 -13.63 63.63
C VAL B 176 -16.99 -13.16 62.65
N LEU B 177 -17.94 -12.36 63.12
CA LEU B 177 -18.96 -11.83 62.23
C LEU B 177 -18.39 -10.83 61.23
N ASN B 178 -17.38 -10.07 61.63
CA ASN B 178 -16.77 -9.11 60.71
C ASN B 178 -16.04 -9.81 59.57
N ASN B 179 -15.50 -10.99 59.83
CA ASN B 179 -14.87 -11.77 58.77
C ASN B 179 -15.90 -12.37 57.82
N THR B 180 -17.05 -12.81 58.35
CA THR B 180 -18.08 -13.39 57.51
C THR B 180 -18.78 -12.32 56.70
N GLN B 181 -18.97 -11.14 57.28
CA GLN B 181 -19.57 -10.03 56.55
C GLN B 181 -18.65 -9.52 55.47
N GLN B 182 -17.33 -9.63 55.68
CA GLN B 182 -16.37 -9.23 54.65
C GLN B 182 -16.29 -10.25 53.53
N GLU B 183 -16.28 -11.54 53.86
CA GLU B 183 -16.10 -12.58 52.86
C GLU B 183 -17.35 -12.76 52.02
N TYR B 184 -18.53 -12.59 52.61
CA TYR B 184 -19.74 -12.58 51.80
C TYR B 184 -19.76 -11.37 50.88
N ALA B 185 -19.22 -10.25 51.33
CA ALA B 185 -19.23 -9.02 50.56
C ALA B 185 -18.33 -9.12 49.33
N PHE B 186 -17.24 -9.87 49.42
CA PHE B 186 -16.40 -10.05 48.24
C PHE B 186 -17.03 -11.01 47.26
N LYS B 187 -17.49 -12.16 47.75
CA LYS B 187 -18.03 -13.19 46.88
C LYS B 187 -19.33 -12.78 46.23
N ALA B 188 -20.07 -11.85 46.84
CA ALA B 188 -21.32 -11.38 46.25
C ALA B 188 -21.06 -10.53 45.01
N GLY B 189 -19.92 -9.87 44.93
CA GLY B 189 -19.55 -9.12 43.75
C GLY B 189 -18.95 -10.00 42.70
N GLN B 190 -18.14 -10.98 43.14
CA GLN B 190 -17.62 -12.00 42.25
C GLN B 190 -18.73 -12.85 41.65
N CYS B 191 -19.77 -13.14 42.44
CA CYS B 191 -20.91 -13.89 41.92
C CYS B 191 -21.77 -13.05 41.00
N ASN B 192 -21.88 -11.75 41.27
CA ASN B 192 -22.58 -10.86 40.36
C ASN B 192 -21.86 -10.78 39.02
N ASN B 193 -20.55 -10.56 39.06
CA ASN B 193 -19.79 -10.47 37.83
C ASN B 193 -19.69 -11.80 37.10
N GLU B 194 -19.80 -12.92 37.82
CA GLU B 194 -19.76 -14.22 37.17
C GLU B 194 -20.98 -14.43 36.29
N PHE B 195 -22.13 -13.90 36.70
CA PHE B 195 -23.39 -14.13 36.00
C PHE B 195 -23.73 -13.02 35.03
N VAL B 196 -23.14 -11.84 35.18
CA VAL B 196 -23.51 -10.68 34.37
C VAL B 196 -22.61 -10.52 33.16
N ILE B 197 -21.30 -10.63 33.37
CA ILE B 197 -20.29 -10.41 32.34
C ILE B 197 -20.51 -11.37 31.18
N PRO B 198 -20.68 -10.87 29.96
CA PRO B 198 -21.16 -11.72 28.87
C PRO B 198 -20.15 -12.75 28.42
N SER B 199 -20.67 -13.77 27.76
CA SER B 199 -19.84 -14.74 27.08
C SER B 199 -19.32 -14.14 25.78
N VAL B 200 -18.51 -14.93 25.05
CA VAL B 200 -18.01 -14.46 23.75
C VAL B 200 -19.14 -14.33 22.76
N SER B 201 -20.14 -15.20 22.87
CA SER B 201 -21.27 -15.21 21.96
C SER B 201 -22.30 -14.14 22.29
N GLU B 202 -22.26 -13.58 23.51
CA GLU B 202 -23.13 -12.46 23.86
C GLU B 202 -22.45 -11.13 23.63
N MET B 203 -21.12 -11.09 23.64
CA MET B 203 -20.41 -9.90 23.23
C MET B 203 -20.44 -9.69 21.72
N GLU B 204 -20.78 -10.71 20.95
CA GLU B 204 -20.96 -10.52 19.52
C GLU B 204 -22.28 -9.85 19.21
N ALA B 205 -23.35 -10.24 19.92
CA ALA B 205 -24.62 -9.55 19.79
C ALA B 205 -24.56 -8.15 20.39
N ILE B 206 -23.73 -7.96 21.42
CA ILE B 206 -23.50 -6.62 21.95
C ILE B 206 -22.69 -5.79 20.96
N THR B 207 -21.79 -6.44 20.22
CA THR B 207 -21.00 -5.74 19.21
C THR B 207 -21.89 -5.25 18.07
N ASN B 208 -22.84 -6.07 17.64
CA ASN B 208 -23.67 -5.70 16.50
C ASN B 208 -24.68 -4.62 16.85
N MET B 209 -25.14 -4.59 18.09
CA MET B 209 -26.00 -3.51 18.55
C MET B 209 -25.23 -2.20 18.68
N TRP B 210 -23.97 -2.27 19.07
CA TRP B 210 -23.21 -1.06 19.37
C TRP B 210 -22.71 -0.40 18.10
N ASN B 211 -22.36 -1.19 17.09
CA ASN B 211 -21.77 -0.68 15.86
C ASN B 211 -22.83 -0.67 14.77
N GLN B 212 -23.47 0.49 14.59
CA GLN B 212 -24.63 0.58 13.69
C GLN B 212 -24.60 1.92 12.98
N LEU B 213 -24.28 1.93 11.69
CA LEU B 213 -24.15 3.19 10.97
C LEU B 213 -25.50 3.86 10.81
N ILE B 214 -26.54 3.10 10.48
CA ILE B 214 -27.92 3.57 10.55
C ILE B 214 -28.51 3.03 11.86
N PRO B 215 -28.68 3.86 12.89
CA PRO B 215 -29.04 3.34 14.22
C PRO B 215 -30.42 2.71 14.24
N ARG B 216 -30.49 1.50 14.78
CA ARG B 216 -31.72 0.72 14.93
C ARG B 216 -32.30 1.03 16.30
N VAL B 217 -33.42 1.75 16.34
CA VAL B 217 -33.92 2.28 17.60
C VAL B 217 -35.33 1.78 17.90
N THR B 218 -35.75 0.68 17.29
CA THR B 218 -37.10 0.13 17.51
C THR B 218 -37.03 -1.36 17.74
N GLU B 219 -36.15 -1.81 18.62
CA GLU B 219 -36.02 -3.23 18.91
C GLU B 219 -37.04 -3.73 19.93
N PHE B 220 -37.75 -2.85 20.62
CA PHE B 220 -38.79 -3.29 21.54
C PHE B 220 -40.03 -3.78 20.82
N ARG B 221 -40.26 -3.30 19.60
CA ARG B 221 -41.46 -3.71 18.86
C ARG B 221 -41.43 -5.18 18.51
N ARG B 222 -40.26 -5.68 18.09
CA ARG B 222 -39.99 -7.10 18.04
C ARG B 222 -39.67 -7.59 19.45
N GLY B 223 -39.45 -8.88 19.59
CA GLY B 223 -39.10 -9.34 20.92
C GLY B 223 -37.65 -9.13 21.27
N PHE B 224 -37.09 -7.99 20.85
CA PHE B 224 -35.65 -7.75 20.75
C PHE B 224 -34.98 -8.81 19.88
N LYS B 225 -35.69 -9.29 18.86
CA LYS B 225 -35.20 -10.39 18.04
C LYS B 225 -34.00 -9.96 17.22
N ASN B 226 -34.13 -8.86 16.48
CA ASN B 226 -33.07 -8.34 15.63
C ASN B 226 -32.12 -7.41 16.37
N LEU B 227 -32.04 -7.53 17.69
CA LEU B 227 -31.23 -6.61 18.48
C LEU B 227 -29.74 -6.82 18.22
N GLY B 228 -29.27 -8.04 18.40
CA GLY B 228 -27.90 -8.38 18.13
C GLY B 228 -27.58 -8.74 16.69
N ASP B 229 -28.49 -8.49 15.76
CA ASP B 229 -28.21 -8.75 14.34
C ASP B 229 -27.17 -7.78 13.82
N LYS B 230 -26.36 -8.25 12.87
CA LYS B 230 -25.31 -7.41 12.31
C LYS B 230 -25.89 -6.49 11.24
N GLU B 231 -25.41 -5.25 11.25
CA GLU B 231 -25.83 -4.23 10.30
C GLU B 231 -24.89 -4.28 9.10
N TYR B 232 -25.46 -4.45 7.91
CA TYR B 232 -24.69 -4.54 6.67
C TYR B 232 -24.91 -3.30 5.82
N ILE B 233 -23.85 -2.85 5.16
CA ILE B 233 -23.89 -1.69 4.27
C ILE B 233 -23.49 -2.15 2.88
N ARG B 234 -24.26 -1.74 1.87
CA ARG B 234 -23.92 -2.09 0.51
C ARG B 234 -22.71 -1.29 0.02
N VAL B 235 -21.97 -1.88 -0.91
CA VAL B 235 -20.86 -1.18 -1.54
C VAL B 235 -21.39 -0.44 -2.75
N HIS B 236 -20.88 0.78 -2.97
CA HIS B 236 -21.33 1.62 -4.08
C HIS B 236 -20.18 2.34 -4.75
N MET C 1 -20.41 -44.94 80.38
CA MET C 1 -20.89 -45.38 81.67
C MET C 1 -22.41 -45.39 81.73
N THR C 2 -22.95 -46.16 82.66
CA THR C 2 -24.39 -46.26 82.85
C THR C 2 -24.82 -45.35 83.99
N TYR C 3 -26.10 -45.43 84.33
CA TYR C 3 -26.60 -44.73 85.51
C TYR C 3 -26.01 -45.30 86.78
N ASN C 4 -25.82 -46.62 86.83
CA ASN C 4 -25.37 -47.30 88.05
C ASN C 4 -23.97 -46.88 88.43
N GLU C 5 -23.06 -46.80 87.46
CA GLU C 5 -21.67 -46.45 87.75
C GLU C 5 -21.54 -45.03 88.26
N LEU C 6 -22.44 -44.14 87.85
CA LEU C 6 -22.38 -42.77 88.33
C LEU C 6 -23.01 -42.62 89.71
N ILE C 7 -24.06 -43.40 89.99
CA ILE C 7 -24.63 -43.41 91.33
C ILE C 7 -23.62 -43.96 92.33
N TYR C 8 -22.99 -45.09 92.01
CA TYR C 8 -22.15 -45.79 92.96
C TYR C 8 -20.77 -45.17 93.09
N MET C 9 -20.40 -44.24 92.22
CA MET C 9 -19.20 -43.46 92.48
C MET C 9 -19.45 -42.37 93.50
N VAL C 10 -20.60 -41.69 93.38
CA VAL C 10 -20.93 -40.63 94.33
C VAL C 10 -21.25 -41.22 95.70
N LEU C 11 -21.86 -42.41 95.73
CA LEU C 11 -22.09 -43.08 97.00
C LEU C 11 -20.77 -43.50 97.65
N ASP C 12 -19.85 -44.03 96.84
CA ASP C 12 -18.56 -44.46 97.39
C ASP C 12 -17.62 -43.29 97.68
N GLU C 13 -17.75 -42.18 96.95
CA GLU C 13 -17.01 -40.98 97.33
C GLU C 13 -17.50 -40.42 98.65
N LEU C 14 -18.78 -40.59 98.94
CA LEU C 14 -19.34 -40.16 100.21
C LEU C 14 -19.29 -41.27 101.26
N LYS C 15 -18.87 -42.47 100.87
CA LYS C 15 -18.87 -43.67 101.72
C LYS C 15 -20.25 -43.94 102.32
N LEU C 16 -21.27 -43.90 101.46
CA LEU C 16 -22.64 -44.17 101.89
C LEU C 16 -22.97 -45.63 101.63
N SER C 17 -22.28 -46.49 102.37
CA SER C 17 -22.38 -47.93 102.16
C SER C 17 -23.55 -48.56 102.88
N SER C 18 -23.96 -48.00 104.01
CA SER C 18 -24.90 -48.65 104.90
C SER C 18 -26.33 -48.49 104.39
N ASP C 19 -27.13 -49.55 104.58
CA ASP C 19 -28.54 -49.49 104.23
C ASP C 19 -29.31 -48.58 105.18
N ASP C 20 -28.85 -48.43 106.40
CA ASP C 20 -29.46 -47.54 107.39
C ASP C 20 -28.81 -46.17 107.36
N SER C 21 -28.70 -45.57 106.17
CA SER C 21 -28.11 -44.26 106.00
C SER C 21 -29.18 -43.26 105.56
N TYR C 22 -28.91 -41.99 105.80
CA TYR C 22 -29.91 -40.96 105.55
C TYR C 22 -30.07 -40.67 104.07
N TYR C 23 -28.97 -40.67 103.32
CA TYR C 23 -29.00 -40.28 101.92
C TYR C 23 -28.91 -41.53 101.05
N THR C 24 -29.95 -41.76 100.29
CA THR C 24 -30.18 -42.95 99.49
C THR C 24 -29.70 -42.70 98.07
N PRO C 25 -29.66 -43.73 97.21
CA PRO C 25 -29.45 -43.49 95.78
C PRO C 25 -30.48 -42.59 95.11
N ASP C 26 -31.67 -42.40 95.70
CA ASP C 26 -32.65 -41.50 95.10
C ASP C 26 -32.28 -40.04 95.32
N HIS C 27 -31.60 -39.73 96.43
CA HIS C 27 -31.00 -38.41 96.59
C HIS C 27 -29.91 -38.18 95.57
N VAL C 28 -29.21 -39.24 95.18
CA VAL C 28 -28.11 -39.13 94.24
C VAL C 28 -28.62 -39.10 92.81
N ILE C 29 -29.66 -39.89 92.49
CA ILE C 29 -30.25 -39.83 91.16
C ILE C 29 -30.83 -38.45 90.89
N PHE C 30 -31.52 -37.87 91.88
CA PHE C 30 -32.06 -36.52 91.74
C PHE C 30 -30.98 -35.49 91.48
N LEU C 31 -29.91 -35.53 92.27
CA LEU C 31 -28.89 -34.49 92.16
C LEU C 31 -28.01 -34.68 90.93
N LEU C 32 -27.88 -35.90 90.43
CA LEU C 32 -27.09 -36.10 89.21
C LEU C 32 -27.85 -35.59 87.99
N VAL C 33 -29.17 -35.70 88.00
CA VAL C 33 -29.96 -35.20 86.88
C VAL C 33 -30.04 -33.67 86.95
N LYS C 34 -30.07 -33.10 88.15
CA LYS C 34 -30.12 -31.65 88.28
C LYS C 34 -28.78 -31.02 87.96
N TYR C 35 -27.69 -31.64 88.39
CA TYR C 35 -26.38 -31.09 88.10
C TYR C 35 -25.90 -31.43 86.69
N ARG C 36 -26.57 -32.33 85.98
CA ARG C 36 -26.24 -32.52 84.58
C ARG C 36 -26.69 -31.33 83.75
N SER C 37 -27.95 -30.91 83.90
CA SER C 37 -28.43 -29.79 83.12
C SER C 37 -27.89 -28.46 83.64
N PHE C 38 -27.55 -28.39 84.91
CA PHE C 38 -26.84 -27.22 85.42
C PHE C 38 -25.50 -27.06 84.74
N LEU C 39 -24.73 -28.14 84.65
CA LEU C 39 -23.37 -28.08 84.14
C LEU C 39 -23.34 -27.94 82.63
N LEU C 40 -24.31 -28.54 81.93
CA LEU C 40 -24.40 -28.38 80.47
C LEU C 40 -24.80 -26.96 80.10
N LYS C 41 -25.61 -26.31 80.93
CA LYS C 41 -25.97 -24.92 80.66
C LYS C 41 -24.83 -23.99 81.01
N GLN C 42 -23.96 -24.37 81.93
CA GLN C 42 -22.82 -23.51 82.27
C GLN C 42 -21.77 -23.54 81.18
N ARG C 43 -21.64 -24.66 80.47
CA ARG C 43 -20.62 -24.79 79.43
C ARG C 43 -21.11 -24.29 78.09
N TYR C 44 -22.36 -24.55 77.74
CA TYR C 44 -22.79 -24.54 76.36
C TYR C 44 -23.86 -23.48 76.09
N SER C 45 -23.98 -22.47 76.94
CA SER C 45 -24.99 -21.46 76.72
C SER C 45 -24.46 -20.06 76.50
N ASP C 46 -23.23 -19.76 76.89
CA ASP C 46 -22.72 -18.40 76.68
C ASP C 46 -22.30 -18.17 75.23
N ILE C 47 -21.27 -18.88 74.77
CA ILE C 47 -20.88 -18.85 73.37
C ILE C 47 -20.92 -20.27 72.85
N LYS C 48 -21.03 -20.40 71.54
CA LYS C 48 -21.47 -21.63 70.91
C LYS C 48 -20.28 -22.55 70.68
N LYS C 49 -20.34 -23.75 71.26
CA LYS C 49 -19.31 -24.74 71.15
C LYS C 49 -19.89 -26.01 70.54
N GLN C 50 -19.02 -26.91 70.11
CA GLN C 50 -19.47 -28.23 69.68
C GLN C 50 -19.96 -29.01 70.89
N ILE C 51 -21.14 -29.59 70.78
CA ILE C 51 -21.69 -30.47 71.82
C ILE C 51 -21.37 -31.90 71.41
N PRO C 52 -20.84 -32.72 72.30
CA PRO C 52 -20.59 -34.13 71.96
C PRO C 52 -21.89 -34.92 71.86
N ASP C 53 -21.78 -36.09 71.22
CA ASP C 53 -22.91 -36.99 71.02
C ASP C 53 -23.38 -37.62 72.31
N SER C 54 -22.64 -37.46 73.40
CA SER C 54 -22.93 -38.15 74.64
C SER C 54 -24.04 -37.48 75.41
N ASP C 55 -24.23 -36.18 75.20
CA ASP C 55 -25.20 -35.39 75.95
C ASP C 55 -26.61 -35.53 75.41
N TYR C 56 -26.80 -36.20 74.29
CA TYR C 56 -28.11 -36.34 73.65
C TYR C 56 -28.74 -37.66 74.09
N GLN C 57 -30.08 -37.70 74.03
CA GLN C 57 -30.82 -38.94 74.16
C GLN C 57 -31.89 -38.97 73.10
N SER C 58 -32.15 -40.15 72.57
CA SER C 58 -33.20 -40.36 71.59
C SER C 58 -34.37 -41.05 72.28
N ILE C 59 -35.53 -40.42 72.24
CA ILE C 59 -36.75 -40.98 72.80
C ILE C 59 -37.71 -41.30 71.66
N CYS C 60 -38.57 -42.28 71.88
CA CYS C 60 -39.51 -42.72 70.86
C CYS C 60 -40.92 -42.26 71.22
N LEU C 61 -41.67 -41.82 70.20
CA LEU C 61 -42.98 -41.20 70.40
C LEU C 61 -44.02 -41.87 69.51
N ASP C 62 -45.23 -42.00 70.05
CA ASP C 62 -46.40 -42.39 69.28
C ASP C 62 -47.24 -41.15 69.05
N LEU C 63 -47.62 -40.92 67.80
CA LEU C 63 -48.38 -39.72 67.45
C LEU C 63 -49.83 -40.07 67.13
N ILE C 64 -50.73 -39.23 67.63
CA ILE C 64 -52.16 -39.40 67.44
C ILE C 64 -52.72 -38.09 66.92
N GLU C 65 -53.73 -38.17 66.07
CA GLU C 65 -54.40 -36.99 65.59
C GLU C 65 -55.35 -36.48 66.66
N VAL C 66 -55.14 -35.23 67.09
CA VAL C 66 -55.99 -34.57 68.09
C VAL C 66 -56.62 -33.36 67.44
N PRO C 67 -57.79 -32.90 67.90
CA PRO C 67 -58.38 -31.68 67.34
C PRO C 67 -57.61 -30.43 67.72
N ALA C 68 -58.02 -29.27 67.20
CA ALA C 68 -57.38 -28.04 67.60
C ALA C 68 -57.82 -27.62 68.99
N ILE C 69 -59.13 -27.57 69.22
CA ILE C 69 -59.69 -27.32 70.54
C ILE C 69 -60.62 -28.48 70.90
N SER C 70 -61.63 -28.70 70.08
CA SER C 70 -62.67 -29.68 70.39
C SER C 70 -63.23 -30.22 69.07
N GLY C 71 -64.39 -30.84 69.11
CA GLY C 71 -64.94 -31.42 67.91
C GLY C 71 -65.77 -30.49 67.04
N GLU C 72 -65.42 -29.18 66.99
CA GLU C 72 -66.21 -28.22 66.24
C GLU C 72 -65.62 -28.00 64.85
N PRO C 73 -66.44 -27.64 63.86
CA PRO C 73 -65.90 -27.49 62.49
C PRO C 73 -65.12 -26.22 62.24
N CYS C 74 -65.49 -25.10 62.85
CA CYS C 74 -64.88 -23.83 62.54
C CYS C 74 -63.70 -23.47 63.44
N GLU C 75 -63.09 -24.46 64.12
CA GLU C 75 -61.99 -24.14 65.01
C GLU C 75 -60.66 -24.08 64.29
N GLY C 76 -60.46 -24.89 63.26
CA GLY C 76 -59.19 -24.91 62.57
C GLY C 76 -58.76 -26.34 62.28
N SER C 77 -57.64 -26.50 61.58
CA SER C 77 -57.18 -27.84 61.23
C SER C 77 -56.59 -28.54 62.45
N SER C 78 -56.68 -29.86 62.44
CA SER C 78 -56.23 -30.70 63.54
C SER C 78 -54.72 -30.92 63.47
N TYR C 79 -54.16 -31.38 64.58
CA TYR C 79 -52.74 -31.65 64.68
C TYR C 79 -52.51 -33.13 64.91
N LEU C 80 -51.25 -33.51 64.84
CA LEU C 80 -50.80 -34.72 65.51
C LEU C 80 -50.13 -34.33 66.80
N ARG C 81 -50.18 -35.22 67.78
CA ARG C 81 -49.44 -34.96 69.00
C ARG C 81 -49.08 -36.28 69.64
N SER C 82 -47.99 -36.25 70.41
CA SER C 82 -47.57 -37.38 71.20
C SER C 82 -48.64 -37.75 72.21
N LYS C 83 -48.84 -39.05 72.41
CA LYS C 83 -49.87 -39.46 73.37
C LYS C 83 -49.39 -39.25 74.80
N ASN C 84 -48.09 -39.36 75.04
CA ASN C 84 -47.50 -39.06 76.34
C ASN C 84 -46.73 -37.75 76.27
N LYS C 85 -46.51 -37.14 77.42
CA LYS C 85 -45.78 -35.89 77.48
C LYS C 85 -44.31 -36.11 77.17
N VAL C 86 -43.67 -35.07 76.65
CA VAL C 86 -42.30 -35.14 76.15
C VAL C 86 -41.43 -34.37 77.13
N PRO C 87 -40.15 -34.69 77.29
CA PRO C 87 -39.28 -33.84 78.11
C PRO C 87 -38.97 -32.51 77.44
N THR C 88 -38.60 -31.54 78.27
CA THR C 88 -38.22 -30.23 77.78
C THR C 88 -36.77 -30.23 77.32
N THR C 89 -36.53 -29.81 76.09
CA THR C 89 -35.18 -29.78 75.55
C THR C 89 -34.43 -28.56 76.07
N MET C 90 -33.12 -28.69 76.15
CA MET C 90 -32.26 -27.56 76.36
C MET C 90 -31.95 -26.90 75.02
N MET C 91 -31.62 -25.61 75.06
CA MET C 91 -31.44 -24.83 73.85
C MET C 91 -29.98 -24.73 73.47
N ILE C 92 -29.22 -25.79 73.68
CA ILE C 92 -27.77 -25.76 73.47
C ILE C 92 -27.30 -26.64 72.33
N GLY C 93 -28.10 -27.59 71.87
CA GLY C 93 -27.61 -28.48 70.83
C GLY C 93 -28.43 -28.47 69.56
N ASN C 94 -28.54 -29.62 68.89
CA ASN C 94 -29.32 -29.79 67.68
C ASN C 94 -30.47 -30.76 67.93
N PRO C 95 -31.60 -30.29 68.46
CA PRO C 95 -32.79 -31.16 68.56
C PRO C 95 -33.29 -31.57 67.18
N ARG C 96 -33.80 -32.79 67.10
CA ARG C 96 -34.05 -33.40 65.81
C ARG C 96 -35.14 -34.45 65.96
N VAL C 97 -36.28 -34.22 65.32
CA VAL C 97 -37.35 -35.20 65.23
C VAL C 97 -37.23 -35.87 63.87
N TYR C 98 -37.17 -37.20 63.86
CA TYR C 98 -36.86 -37.92 62.64
C TYR C 98 -37.70 -39.19 62.58
N PRO C 99 -38.09 -39.63 61.37
CA PRO C 99 -39.00 -40.78 61.29
C PRO C 99 -38.28 -42.12 61.35
N MET C 100 -37.73 -42.42 62.53
CA MET C 100 -37.02 -43.65 62.88
C MET C 100 -35.77 -43.90 62.05
N ASP C 101 -35.34 -42.94 61.25
CA ASP C 101 -34.06 -42.96 60.58
C ASP C 101 -33.48 -41.56 60.71
N PHE C 102 -32.35 -41.44 61.41
CA PHE C 102 -31.79 -40.13 61.70
C PHE C 102 -31.31 -39.44 60.44
N TYR C 103 -30.98 -40.19 59.40
CA TYR C 103 -30.38 -39.65 58.19
C TYR C 103 -31.41 -39.37 57.11
N GLN C 104 -32.63 -39.05 57.50
CA GLN C 104 -33.73 -39.01 56.56
C GLN C 104 -34.88 -38.25 57.16
N GLY C 105 -35.63 -37.54 56.33
CA GLY C 105 -36.80 -36.81 56.78
C GLY C 105 -36.50 -35.36 57.08
N GLU C 106 -37.51 -34.51 56.89
CA GLU C 106 -37.44 -33.09 57.27
C GLU C 106 -38.63 -32.80 58.18
N ILE C 107 -38.47 -33.10 59.46
CA ILE C 107 -39.42 -32.73 60.48
C ILE C 107 -38.71 -31.76 61.40
N THR C 108 -39.22 -30.54 61.51
CA THR C 108 -38.48 -29.43 62.07
C THR C 108 -39.00 -29.08 63.46
N TYR C 109 -38.17 -29.31 64.47
CA TYR C 109 -38.45 -28.86 65.82
C TYR C 109 -38.13 -27.37 65.92
N ILE C 110 -39.11 -26.58 66.37
CA ILE C 110 -38.99 -25.14 66.43
C ILE C 110 -39.53 -24.64 67.77
N SER C 111 -39.60 -23.32 67.89
CA SER C 111 -40.21 -22.67 69.04
C SER C 111 -41.72 -22.84 69.01
N ARG C 112 -42.33 -22.80 70.19
CA ARG C 112 -43.79 -22.81 70.26
C ARG C 112 -44.37 -21.49 69.75
N ASP C 113 -43.66 -20.39 69.95
CA ASP C 113 -44.10 -19.09 69.48
C ASP C 113 -44.04 -19.01 67.96
N ARG C 114 -43.09 -19.72 67.36
CA ARG C 114 -42.96 -19.70 65.91
C ARG C 114 -44.03 -20.55 65.25
N MET C 115 -44.40 -21.67 65.87
CA MET C 115 -45.23 -22.66 65.20
C MET C 115 -46.66 -22.18 64.95
N ARG C 116 -47.10 -21.11 65.60
CA ARG C 116 -48.40 -20.57 65.21
C ARG C 116 -48.33 -19.77 63.91
N TYR C 117 -47.14 -19.38 63.49
CA TYR C 117 -46.93 -18.74 62.19
C TYR C 117 -45.91 -19.59 61.45
N VAL C 118 -46.36 -20.63 60.75
CA VAL C 118 -45.48 -21.44 59.93
C VAL C 118 -46.26 -21.88 58.70
N GLY C 119 -45.54 -22.08 57.60
CA GLY C 119 -46.12 -22.64 56.40
C GLY C 119 -46.90 -21.67 55.54
N TYR C 120 -46.79 -20.37 55.77
CA TYR C 120 -47.42 -19.42 54.87
C TYR C 120 -46.63 -19.24 53.59
N ASN C 121 -45.36 -19.63 53.60
CA ASN C 121 -44.56 -19.63 52.39
C ASN C 121 -44.99 -20.79 51.50
N LYS C 122 -45.13 -20.52 50.21
CA LYS C 122 -45.58 -21.54 49.26
C LYS C 122 -44.56 -22.64 49.06
N PHE C 123 -43.29 -22.40 49.40
CA PHE C 123 -42.25 -23.41 49.28
C PHE C 123 -41.97 -24.13 50.58
N LEU C 124 -42.70 -23.83 51.64
CA LEU C 124 -42.47 -24.44 52.95
C LEU C 124 -43.75 -25.03 53.50
N ARG C 125 -44.57 -25.63 52.64
CA ARG C 125 -45.87 -26.14 53.03
C ARG C 125 -45.94 -27.65 53.14
N ASN C 126 -44.92 -28.35 52.69
CA ASN C 126 -44.84 -29.80 52.83
C ASN C 126 -43.91 -30.20 53.96
N ILE C 127 -43.58 -29.27 54.85
CA ILE C 127 -42.64 -29.49 55.92
C ILE C 127 -43.42 -29.59 57.23
N ILE C 128 -43.15 -30.64 58.01
CA ILE C 128 -43.83 -30.88 59.26
C ILE C 128 -43.06 -30.21 60.38
N TYR C 129 -43.76 -29.48 61.23
CA TYR C 129 -43.15 -28.73 62.31
C TYR C 129 -43.50 -29.34 63.65
N CYS C 130 -42.62 -29.13 64.63
CA CYS C 130 -42.77 -29.66 65.97
C CYS C 130 -42.57 -28.55 66.97
N SER C 131 -43.35 -28.58 68.04
CA SER C 131 -43.04 -27.79 69.22
C SER C 131 -43.70 -28.46 70.41
N LYS C 132 -43.29 -28.05 71.59
CA LYS C 132 -43.85 -28.56 72.84
C LYS C 132 -44.78 -27.50 73.38
N ALA C 133 -46.08 -27.76 73.31
CA ALA C 133 -47.06 -26.84 73.84
C ALA C 133 -46.98 -26.79 75.36
N PRO C 134 -47.54 -25.76 76.00
CA PRO C 134 -47.62 -25.75 77.47
C PRO C 134 -48.46 -26.87 78.07
N ASP C 135 -49.14 -27.68 77.25
CA ASP C 135 -49.76 -28.90 77.74
C ASP C 135 -48.73 -29.91 78.19
N GLY C 136 -47.48 -29.77 77.74
CA GLY C 136 -46.45 -30.75 77.95
C GLY C 136 -46.29 -31.74 76.82
N TYR C 137 -47.09 -31.63 75.77
CA TYR C 137 -47.08 -32.56 74.66
C TYR C 137 -46.37 -31.95 73.47
N LEU C 138 -45.80 -32.82 72.65
CA LEU C 138 -45.21 -32.41 71.38
C LEU C 138 -46.28 -32.39 70.31
N TYR C 139 -46.51 -31.23 69.70
CA TYR C 139 -47.52 -31.08 68.66
C TYR C 139 -46.87 -31.01 67.29
N PHE C 140 -47.62 -31.43 66.28
CA PHE C 140 -47.14 -31.46 64.90
C PHE C 140 -48.03 -30.63 64.01
N LYS C 141 -47.46 -30.07 62.96
CA LYS C 141 -48.18 -29.11 62.14
C LYS C 141 -47.56 -29.05 60.75
N SER C 142 -48.41 -29.09 59.74
CA SER C 142 -48.06 -28.74 58.36
C SER C 142 -49.36 -28.46 57.62
N TRP C 143 -49.22 -27.82 56.46
CA TRP C 143 -50.35 -27.57 55.57
C TRP C 143 -50.63 -28.75 54.66
N ASN C 144 -49.86 -29.82 54.78
CA ASN C 144 -49.97 -30.99 53.94
C ASN C 144 -50.80 -32.04 54.65
N PRO C 145 -51.96 -32.45 54.12
CA PRO C 145 -52.77 -33.47 54.81
C PRO C 145 -52.07 -34.81 55.01
N GLN C 146 -50.98 -35.06 54.31
CA GLN C 146 -50.22 -36.29 54.44
C GLN C 146 -49.54 -36.44 55.80
N PHE C 147 -49.35 -35.34 56.54
CA PHE C 147 -48.58 -35.44 57.77
C PHE C 147 -49.37 -36.12 58.86
N LEU C 148 -50.68 -36.23 58.69
CA LEU C 148 -51.59 -36.86 59.62
C LEU C 148 -51.58 -38.38 59.52
N HIS C 149 -50.60 -38.95 58.84
CA HIS C 149 -50.41 -40.39 58.80
C HIS C 149 -49.20 -40.85 59.57
N LEU C 150 -48.38 -39.94 60.09
CA LEU C 150 -47.28 -40.34 60.96
C LEU C 150 -47.81 -41.06 62.19
N GLU C 151 -47.26 -42.23 62.44
CA GLU C 151 -47.60 -43.00 63.62
C GLU C 151 -46.50 -42.98 64.66
N LYS C 152 -45.29 -42.59 64.30
CA LYS C 152 -44.12 -42.78 65.13
C LYS C 152 -43.00 -41.85 64.68
N VAL C 153 -42.39 -41.16 65.64
CA VAL C 153 -41.16 -40.40 65.40
C VAL C 153 -40.22 -40.69 66.55
N SER C 154 -38.95 -40.37 66.34
CA SER C 154 -37.96 -40.39 67.40
C SER C 154 -37.42 -38.98 67.58
N PHE C 155 -37.07 -38.65 68.82
CA PHE C 155 -36.72 -37.29 69.19
C PHE C 155 -35.36 -37.34 69.86
N ASN C 156 -34.35 -36.84 69.16
CA ASN C 156 -32.99 -36.75 69.68
C ASN C 156 -32.71 -35.31 70.03
N ALA C 157 -32.43 -35.06 71.30
CA ALA C 157 -32.10 -33.72 71.78
C ALA C 157 -31.38 -33.88 73.10
N ILE C 158 -30.95 -32.75 73.66
CA ILE C 158 -30.41 -32.72 75.02
C ILE C 158 -31.57 -32.24 75.88
N PHE C 159 -32.30 -33.18 76.45
CA PHE C 159 -33.43 -32.85 77.27
C PHE C 159 -32.95 -32.38 78.64
N GLU C 160 -33.79 -31.58 79.30
CA GLU C 160 -33.42 -31.02 80.59
C GLU C 160 -33.33 -32.09 81.66
N ASP C 161 -34.35 -32.93 81.77
CA ASP C 161 -34.36 -33.99 82.76
C ASP C 161 -33.92 -35.27 82.06
N ALA C 162 -32.75 -35.77 82.45
CA ALA C 162 -32.21 -36.98 81.85
C ALA C 162 -32.97 -38.22 82.29
N LYS C 163 -33.65 -38.17 83.42
CA LYS C 163 -34.39 -39.33 83.87
C LYS C 163 -35.70 -39.49 83.10
N GLU C 164 -36.34 -38.37 82.74
CA GLU C 164 -37.55 -38.43 81.93
C GLU C 164 -37.29 -39.02 80.56
N ALA C 165 -36.16 -38.68 79.96
CA ALA C 165 -35.84 -39.15 78.62
C ALA C 165 -35.30 -40.56 78.60
N SER C 166 -34.94 -41.11 79.76
CA SER C 166 -34.52 -42.50 79.84
C SER C 166 -35.68 -43.46 80.00
N GLU C 167 -36.82 -42.99 80.51
CA GLU C 167 -38.00 -43.83 80.57
C GLU C 167 -38.78 -43.81 79.26
N MET C 168 -38.55 -42.82 78.40
CA MET C 168 -39.13 -42.78 77.06
C MET C 168 -38.15 -43.27 76.00
N ALA C 169 -37.11 -43.98 76.39
CA ALA C 169 -36.03 -44.34 75.49
C ALA C 169 -36.50 -45.31 74.42
N CYS C 170 -35.76 -45.32 73.31
CA CYS C 170 -36.05 -46.20 72.20
C CYS C 170 -35.68 -47.63 72.54
N PRO C 171 -36.42 -48.61 72.01
CA PRO C 171 -36.06 -50.01 72.26
C PRO C 171 -34.75 -50.38 71.59
N GLU C 172 -33.95 -51.18 72.30
CA GLU C 172 -32.67 -51.63 71.78
C GLU C 172 -32.89 -52.73 70.75
N GLU C 173 -31.78 -53.28 70.23
CA GLU C 173 -31.88 -54.48 69.41
C GLU C 173 -32.28 -55.69 70.27
N ASN C 174 -31.72 -55.77 71.47
CA ASN C 174 -32.05 -56.87 72.38
C ASN C 174 -33.46 -56.71 72.94
N GLY C 175 -33.77 -55.55 73.46
CA GLY C 175 -35.07 -55.28 74.03
C GLY C 175 -35.00 -54.09 74.96
N THR C 176 -36.13 -53.81 75.60
CA THR C 176 -36.20 -52.72 76.54
C THR C 176 -35.37 -53.04 77.79
N ILE C 177 -34.90 -51.98 78.45
CA ILE C 177 -34.14 -52.10 79.69
C ILE C 177 -35.08 -51.77 80.84
N CYS C 178 -35.21 -52.70 81.78
CA CYS C 178 -36.23 -52.56 82.82
C CYS C 178 -35.83 -51.51 83.85
N LYS C 179 -34.57 -51.50 84.26
CA LYS C 179 -34.10 -50.64 85.34
C LYS C 179 -33.43 -49.41 84.75
N LEU C 180 -33.73 -48.24 85.32
CA LEU C 180 -33.06 -47.00 84.94
C LEU C 180 -31.55 -47.10 85.14
N GLU C 181 -31.12 -47.90 86.12
CA GLU C 181 -29.73 -47.94 86.50
C GLU C 181 -28.85 -48.66 85.48
N ASP C 182 -29.42 -49.52 84.65
CA ASP C 182 -28.64 -50.14 83.58
C ASP C 182 -28.74 -49.38 82.27
N LYS C 183 -29.25 -48.16 82.30
CA LYS C 183 -29.32 -47.32 81.12
C LYS C 183 -28.17 -46.33 81.13
N GLU C 184 -27.87 -45.79 79.96
CA GLU C 184 -26.72 -44.92 79.79
C GLU C 184 -27.02 -43.54 80.34
N PHE C 185 -26.11 -43.01 81.16
CA PHE C 185 -26.26 -41.65 81.64
C PHE C 185 -25.76 -40.69 80.57
N PRO C 186 -26.55 -39.69 80.19
CA PRO C 186 -26.24 -38.82 79.05
C PRO C 186 -25.42 -37.55 79.31
N ILE C 187 -24.12 -37.73 79.53
CA ILE C 187 -23.22 -36.60 79.66
C ILE C 187 -21.88 -37.01 79.06
N GLU C 188 -21.16 -36.03 78.52
CA GLU C 188 -19.84 -36.33 78.00
C GLU C 188 -18.93 -36.75 79.13
N ASP C 189 -18.01 -37.66 78.83
CA ASP C 189 -17.13 -38.22 79.86
C ASP C 189 -16.14 -37.20 80.38
N ALA C 190 -15.97 -36.08 79.70
CA ALA C 190 -15.15 -34.98 80.16
C ALA C 190 -15.86 -34.09 81.16
N LEU C 191 -17.16 -34.28 81.36
CA LEU C 191 -17.94 -33.49 82.30
C LEU C 191 -18.34 -34.29 83.52
N VAL C 192 -17.88 -35.52 83.65
CA VAL C 192 -18.21 -36.42 84.76
C VAL C 192 -17.41 -36.07 86.02
N PRO C 193 -16.11 -35.73 85.97
CA PRO C 193 -15.46 -35.26 87.20
C PRO C 193 -16.04 -33.95 87.74
N PRO C 194 -16.39 -32.93 86.92
CA PRO C 194 -17.07 -31.78 87.53
C PRO C 194 -18.47 -32.12 88.01
N LEU C 195 -19.12 -33.12 87.43
CA LEU C 195 -20.45 -33.52 87.88
C LEU C 195 -20.39 -34.23 89.22
N ILE C 196 -19.42 -35.13 89.40
CA ILE C 196 -19.30 -35.88 90.64
C ILE C 196 -18.85 -34.98 91.77
N GLU C 197 -17.98 -33.99 91.47
CA GLU C 197 -17.51 -33.07 92.50
C GLU C 197 -18.64 -32.23 93.09
N LEU C 198 -19.55 -31.75 92.26
CA LEU C 198 -20.61 -30.88 92.76
C LEU C 198 -21.67 -31.66 93.52
N VAL C 199 -21.96 -32.89 93.10
CA VAL C 199 -22.94 -33.70 93.82
C VAL C 199 -22.35 -34.20 95.14
N VAL C 200 -21.05 -34.45 95.18
CA VAL C 200 -20.43 -34.86 96.43
C VAL C 200 -20.32 -33.68 97.39
N LYS C 201 -19.93 -32.51 96.87
CA LYS C 201 -19.89 -31.30 97.70
C LYS C 201 -21.24 -30.93 98.28
N GLU C 202 -22.33 -31.19 97.56
CA GLU C 202 -23.62 -30.84 98.12
C GLU C 202 -24.01 -31.78 99.26
N LEU C 203 -23.68 -33.05 99.15
CA LEU C 203 -24.08 -34.01 100.16
C LEU C 203 -23.02 -34.28 101.21
N ARG C 204 -21.80 -33.77 101.05
CA ARG C 204 -20.74 -34.05 102.03
C ARG C 204 -20.99 -33.36 103.36
N GLY C 205 -21.34 -32.08 103.32
CA GLY C 205 -21.64 -31.32 104.51
C GLY C 205 -22.84 -31.86 105.26
N PRO C 206 -23.99 -31.95 104.58
CA PRO C 206 -25.16 -32.60 105.18
C PRO C 206 -24.96 -34.06 105.57
N GLU C 207 -23.93 -34.74 105.09
CA GLU C 207 -23.69 -36.12 105.48
C GLU C 207 -23.31 -36.24 106.94
N TYR C 208 -22.62 -35.24 107.48
CA TYR C 208 -22.14 -35.24 108.85
C TYR C 208 -22.91 -34.28 109.73
N SER C 209 -23.99 -33.78 109.27
CA SER C 209 -24.79 -32.82 110.01
C SER C 209 -25.75 -33.55 110.95
N PRO C 210 -26.01 -32.99 112.12
CA PRO C 210 -26.77 -33.73 113.14
C PRO C 210 -28.24 -33.86 112.78
N LYS C 211 -28.88 -34.81 113.46
CA LYS C 211 -30.28 -35.15 113.26
C LYS C 211 -31.03 -34.95 114.57
N ASP C 212 -32.36 -34.89 114.47
CA ASP C 212 -33.23 -34.84 115.65
C ASP C 212 -33.42 -36.28 116.10
N GLU C 213 -32.49 -36.74 116.95
CA GLU C 213 -32.37 -38.16 117.27
C GLU C 213 -33.48 -38.64 118.20
N ASP C 214 -33.91 -37.80 119.13
CA ASP C 214 -34.80 -38.23 120.20
C ASP C 214 -36.26 -37.97 119.88
N ASN C 215 -37.10 -38.96 120.19
CA ASN C 215 -38.55 -38.85 120.04
C ASN C 215 -39.12 -38.33 121.34
N ASN C 216 -39.15 -37.00 121.48
CA ASN C 216 -39.59 -36.42 122.75
C ASN C 216 -40.54 -35.24 122.58
N ALA C 217 -41.21 -35.13 121.43
CA ALA C 217 -42.13 -34.02 121.12
C ALA C 217 -41.47 -32.66 121.28
N LYS C 218 -40.30 -32.52 120.66
CA LYS C 218 -39.45 -31.34 120.80
C LYS C 218 -38.40 -31.37 119.71
N ASP C 219 -38.05 -30.20 119.19
CA ASP C 219 -36.99 -30.08 118.20
C ASP C 219 -35.65 -30.01 118.92
N ASP C 220 -34.77 -30.96 118.62
CA ASP C 220 -33.50 -31.11 119.31
C ASP C 220 -32.32 -30.70 118.45
N LEU C 221 -32.57 -30.03 117.34
CA LEU C 221 -31.53 -29.56 116.44
C LEU C 221 -30.73 -28.37 116.98
N PRO C 222 -31.29 -27.40 117.71
CA PRO C 222 -30.42 -26.39 118.34
C PRO C 222 -29.45 -26.94 119.36
N ASP C 223 -29.71 -28.12 119.90
CA ASP C 223 -28.80 -28.76 120.84
C ASP C 223 -27.77 -29.63 120.15
N ALA C 224 -27.81 -29.71 118.82
CA ALA C 224 -26.92 -30.54 118.00
C ALA C 224 -26.98 -32.01 118.44
N ARG C 225 -28.20 -32.52 118.53
CA ARG C 225 -28.43 -33.88 119.04
C ARG C 225 -27.97 -34.96 118.06
N ALA D 425 23.15 -5.22 -57.99
CA ALA D 425 23.62 -5.97 -59.14
C ALA D 425 25.16 -5.97 -59.19
N PHE D 426 25.78 -5.51 -58.11
CA PHE D 426 27.16 -5.79 -57.72
C PHE D 426 28.24 -5.11 -58.55
N GLY D 427 27.89 -4.45 -59.65
CA GLY D 427 28.95 -3.99 -60.52
C GLY D 427 29.40 -2.56 -60.30
N GLY D 428 30.41 -2.36 -59.48
CA GLY D 428 30.82 -1.02 -59.16
C GLY D 428 29.87 -0.28 -58.27
N TRP D 429 29.05 -0.99 -57.50
CA TRP D 429 28.07 -0.39 -56.60
C TRP D 429 28.25 -0.96 -55.21
N LEU D 430 27.87 -0.14 -54.22
CA LEU D 430 27.72 -0.58 -52.85
C LEU D 430 26.25 -0.36 -52.48
N ASN D 431 25.45 -1.42 -52.58
CA ASN D 431 24.03 -1.36 -52.28
C ASN D 431 23.83 -1.83 -50.83
N THR D 432 24.06 -0.90 -49.91
CA THR D 432 23.94 -1.16 -48.48
C THR D 432 23.13 -0.05 -47.85
N GLN D 433 22.55 -0.38 -46.69
CA GLN D 433 21.80 0.55 -45.85
C GLN D 433 20.65 1.22 -46.60
N GLY D 434 20.02 0.49 -47.51
CA GLY D 434 18.87 0.99 -48.23
C GLY D 434 19.16 1.97 -49.32
N GLY D 435 20.42 2.11 -49.74
CA GLY D 435 20.78 3.06 -50.76
C GLY D 435 21.57 2.39 -51.88
N ASP D 436 21.90 3.19 -52.89
CA ASP D 436 22.63 2.74 -54.07
C ASP D 436 23.82 3.68 -54.26
N PHE D 437 24.94 3.33 -53.67
CA PHE D 437 26.13 4.17 -53.68
C PHE D 437 27.17 3.54 -54.60
N THR D 438 27.80 4.37 -55.43
CA THR D 438 28.76 3.90 -56.42
C THR D 438 30.04 4.72 -56.33
N ASN D 439 31.11 4.19 -56.91
CA ASN D 439 32.36 4.91 -57.06
C ASN D 439 32.51 5.52 -58.45
N GLY D 440 31.55 5.32 -59.34
CA GLY D 440 31.57 5.87 -60.66
C GLY D 440 31.96 4.90 -61.75
N VAL D 441 32.43 3.72 -61.36
CA VAL D 441 32.91 2.72 -62.30
C VAL D 441 31.73 1.86 -62.76
N THR D 442 31.57 1.74 -64.07
CA THR D 442 30.40 1.09 -64.66
C THR D 442 30.81 -0.28 -65.21
N PHE D 443 30.56 -1.32 -64.42
CA PHE D 443 30.80 -2.70 -64.84
C PHE D 443 29.69 -3.10 -65.81
N ILE D 444 30.01 -3.21 -67.09
CA ILE D 444 29.03 -3.72 -68.05
C ILE D 444 29.15 -5.23 -68.03
N ASN D 445 28.35 -5.89 -67.21
CA ASN D 445 28.59 -7.29 -66.83
C ASN D 445 27.34 -8.12 -67.12
N GLU D 446 26.76 -7.93 -68.30
CA GLU D 446 25.62 -8.73 -68.75
C GLU D 446 25.56 -8.58 -70.26
N GLY D 447 24.79 -9.46 -70.89
CA GLY D 447 24.67 -9.45 -72.35
C GLY D 447 25.67 -10.39 -72.99
N GLY D 448 26.76 -9.85 -73.49
CA GLY D 448 27.78 -10.65 -74.14
C GLY D 448 28.57 -9.80 -75.10
N SER D 449 29.37 -10.46 -75.92
CA SER D 449 30.20 -9.76 -76.89
C SER D 449 29.34 -9.14 -77.97
N HIS D 450 29.96 -8.24 -78.74
CA HIS D 450 29.29 -7.59 -79.87
C HIS D 450 28.83 -8.60 -80.91
N GLU D 451 29.49 -9.76 -80.99
CA GLU D 451 29.05 -10.84 -81.87
C GLU D 451 27.92 -11.65 -81.27
N GLU D 452 27.80 -11.65 -79.94
CA GLU D 452 26.81 -12.47 -79.25
C GLU D 452 25.47 -11.79 -79.07
N ASN D 453 25.41 -10.47 -79.13
CA ASN D 453 24.16 -9.78 -78.89
C ASN D 453 23.43 -9.52 -80.20
N PRO D 454 22.11 -9.73 -80.26
CA PRO D 454 21.34 -9.29 -81.44
C PRO D 454 21.39 -7.79 -81.65
N TYR D 455 21.46 -7.01 -80.57
CA TYR D 455 21.60 -5.57 -80.66
C TYR D 455 23.06 -5.14 -80.79
N GLN D 456 23.98 -6.08 -80.99
CA GLN D 456 25.41 -5.88 -81.25
C GLN D 456 26.15 -5.23 -80.08
N GLY D 457 25.59 -5.26 -78.89
CA GLY D 457 26.26 -4.77 -77.70
C GLY D 457 25.31 -4.00 -76.81
N ILE D 458 25.71 -3.82 -75.55
CA ILE D 458 24.93 -3.03 -74.61
C ILE D 458 25.13 -1.56 -74.96
N GLN D 459 24.04 -0.85 -75.21
CA GLN D 459 24.13 0.57 -75.54
C GLN D 459 24.13 1.38 -74.25
N ILE D 460 25.13 2.25 -74.12
CA ILE D 460 25.25 3.13 -72.97
C ILE D 460 25.15 4.59 -73.40
N GLY D 461 24.37 4.86 -74.44
CA GLY D 461 24.12 6.27 -74.74
C GLY D 461 23.96 6.65 -76.20
N VAL D 462 23.10 7.62 -76.44
CA VAL D 462 22.96 8.26 -77.75
C VAL D 462 23.73 9.57 -77.67
N ASP D 463 24.91 9.59 -78.28
CA ASP D 463 25.82 10.73 -78.16
C ASP D 463 26.18 11.30 -79.53
N GLY D 466 28.81 9.67 -81.53
CA GLY D 466 28.11 8.57 -82.16
C GLY D 466 26.91 8.10 -81.37
N ALA D 467 25.84 7.74 -82.08
CA ALA D 467 24.61 7.27 -81.44
C ALA D 467 24.70 5.82 -80.97
N PRO D 468 25.26 4.85 -81.76
CA PRO D 468 25.40 3.51 -81.14
C PRO D 468 26.65 3.37 -80.28
N ASN D 469 26.54 3.74 -79.01
CA ASN D 469 27.62 3.54 -78.05
C ASN D 469 27.49 2.14 -77.48
N LEU D 470 28.05 1.16 -78.19
CA LEU D 470 27.82 -0.25 -77.87
C LEU D 470 29.00 -0.82 -77.10
N VAL D 471 28.69 -1.56 -76.03
CA VAL D 471 29.65 -2.08 -75.07
C VAL D 471 29.28 -3.54 -74.81
N GLU D 472 30.27 -4.35 -74.44
CA GLU D 472 30.09 -5.78 -74.26
C GLU D 472 30.30 -6.17 -72.79
N GLN D 473 30.26 -7.48 -72.54
CA GLN D 473 30.21 -8.01 -71.17
C GLN D 473 31.54 -7.87 -70.43
N GLY D 474 32.63 -7.60 -71.13
CA GLY D 474 33.89 -7.55 -70.43
C GLY D 474 34.35 -6.15 -70.09
N GLU D 475 33.85 -5.16 -70.83
CA GLU D 475 34.42 -3.83 -70.77
C GLU D 475 33.96 -3.08 -69.54
N VAL D 476 34.83 -2.18 -69.08
CA VAL D 476 34.62 -1.37 -67.88
C VAL D 476 34.61 0.08 -68.30
N VAL D 477 33.65 0.84 -67.79
CA VAL D 477 33.48 2.25 -68.14
C VAL D 477 33.69 3.08 -66.89
N TYR D 478 34.53 4.10 -67.00
CA TYR D 478 34.66 5.13 -65.96
C TYR D 478 34.71 6.49 -66.64
N ASP D 479 33.74 7.35 -66.31
CA ASP D 479 33.74 8.76 -66.71
C ASP D 479 33.79 8.90 -68.23
N ASP D 480 32.89 8.18 -68.90
CA ASP D 480 32.75 8.14 -70.36
C ASP D 480 34.00 7.60 -71.05
N TYR D 481 34.86 6.89 -70.34
CA TYR D 481 36.02 6.23 -70.92
C TYR D 481 35.88 4.73 -70.74
N VAL D 482 35.92 3.99 -71.85
CA VAL D 482 35.68 2.55 -71.84
C VAL D 482 37.02 1.83 -71.85
N PHE D 483 37.19 0.90 -70.92
CA PHE D 483 38.39 0.09 -70.85
C PHE D 483 38.09 -1.24 -71.53
N SER D 484 38.78 -1.50 -72.64
CA SER D 484 38.45 -2.65 -73.48
C SER D 484 39.01 -3.93 -72.89
N ASP D 485 38.18 -4.98 -72.92
CA ASP D 485 38.60 -6.30 -72.45
C ASP D 485 39.22 -7.15 -73.56
N ARG D 486 39.09 -6.74 -74.82
CA ARG D 486 39.62 -7.52 -75.92
C ARG D 486 41.14 -7.53 -75.92
N MET D 487 41.74 -6.36 -75.93
CA MET D 487 43.19 -6.22 -75.95
C MET D 487 43.77 -6.51 -74.58
N GLU D 488 45.10 -6.65 -74.53
CA GLU D 488 45.81 -7.05 -73.33
C GLU D 488 46.89 -6.02 -73.01
N ILE D 489 47.60 -6.26 -71.93
CA ILE D 489 48.63 -5.36 -71.44
C ILE D 489 49.97 -5.80 -72.03
N PRO D 490 50.65 -4.96 -72.81
CA PRO D 490 52.05 -5.23 -73.11
C PRO D 490 52.89 -5.11 -71.85
N ASP D 491 53.93 -5.93 -71.75
CA ASP D 491 54.71 -5.99 -70.52
C ASP D 491 55.50 -4.70 -70.30
N ASP D 492 55.87 -4.00 -71.38
CA ASP D 492 56.46 -2.68 -71.23
C ASP D 492 55.46 -1.67 -70.70
N ILE D 493 54.17 -1.86 -71.00
CA ILE D 493 53.11 -1.04 -70.40
C ILE D 493 52.58 -1.68 -69.12
N ARG D 494 53.14 -2.82 -68.70
CA ARG D 494 52.77 -3.40 -67.42
C ARG D 494 53.71 -2.96 -66.31
N LYS D 495 55.02 -3.11 -66.52
CA LYS D 495 55.99 -2.66 -65.52
C LYS D 495 55.95 -1.15 -65.37
N GLU D 496 55.93 -0.44 -66.48
CA GLU D 496 55.63 0.98 -66.45
C GLU D 496 54.13 1.16 -66.30
N TYR D 497 53.74 2.20 -65.56
CA TYR D 497 52.38 2.54 -65.12
C TYR D 497 51.84 1.60 -64.04
N LYS D 498 52.57 0.52 -63.73
CA LYS D 498 52.27 -0.42 -62.64
C LYS D 498 50.85 -1.00 -62.71
N LEU D 499 50.48 -1.51 -63.89
CA LEU D 499 49.18 -2.14 -64.04
C LEU D 499 49.23 -3.58 -63.52
N ARG D 500 48.06 -4.11 -63.16
CA ARG D 500 47.96 -5.42 -62.50
C ARG D 500 47.26 -6.49 -63.32
N GLY D 501 46.18 -6.15 -64.02
CA GLY D 501 45.38 -7.15 -64.69
C GLY D 501 45.97 -7.61 -66.02
N LYS D 502 45.40 -8.70 -66.54
CA LYS D 502 45.85 -9.24 -67.81
C LYS D 502 45.39 -8.38 -68.98
N THR D 503 44.15 -7.90 -68.94
CA THR D 503 43.64 -7.01 -69.97
C THR D 503 43.57 -5.60 -69.40
N PHE D 504 42.97 -4.68 -70.16
CA PHE D 504 42.80 -3.33 -69.63
C PHE D 504 41.52 -3.21 -68.82
N ALA D 505 40.51 -4.02 -69.12
CA ALA D 505 39.33 -4.07 -68.28
C ALA D 505 39.63 -4.71 -66.94
N LYS D 506 40.43 -5.78 -66.93
CA LYS D 506 40.79 -6.43 -65.68
C LYS D 506 41.82 -5.64 -64.88
N ALA D 507 42.51 -4.69 -65.50
CA ALA D 507 43.36 -3.76 -64.77
C ALA D 507 42.58 -2.60 -64.19
N ALA D 508 41.46 -2.24 -64.82
CA ALA D 508 40.58 -1.22 -64.27
C ALA D 508 39.75 -1.76 -63.12
N LYS D 509 39.51 -3.07 -63.08
CA LYS D 509 38.77 -3.68 -61.99
C LYS D 509 39.61 -3.85 -60.73
N SER D 510 40.92 -3.70 -60.82
CA SER D 510 41.79 -3.81 -59.67
C SER D 510 42.18 -2.47 -59.07
N ALA D 511 42.12 -1.40 -59.86
CA ALA D 511 42.37 -0.07 -59.34
C ALA D 511 41.16 0.55 -58.68
N GLN D 512 39.99 -0.06 -58.83
CA GLN D 512 38.77 0.38 -58.18
C GLN D 512 38.40 -0.46 -56.97
N ARG D 513 39.21 -1.46 -56.62
CA ARG D 513 38.81 -2.40 -55.58
C ARG D 513 38.79 -1.77 -54.19
N GLU D 514 39.58 -0.72 -53.97
CA GLU D 514 39.48 -0.01 -52.69
C GLU D 514 38.25 0.87 -52.61
N SER D 515 38.05 1.73 -53.62
CA SER D 515 36.95 2.67 -53.61
C SER D 515 35.60 2.01 -53.86
N GLU D 516 35.56 0.71 -54.11
CA GLU D 516 34.31 0.03 -54.38
C GLU D 516 33.46 -0.11 -53.12
N GLU D 517 34.09 -0.35 -51.98
CA GLU D 517 33.39 -0.54 -50.73
C GLU D 517 33.51 0.67 -49.81
N ARG D 518 34.23 1.71 -50.22
CA ARG D 518 34.20 3.00 -49.56
C ARG D 518 34.01 4.09 -50.63
N PRO D 519 32.78 4.20 -51.17
CA PRO D 519 32.56 5.10 -52.31
C PRO D 519 32.58 6.57 -51.94
N ASN D 520 32.45 6.91 -50.67
CA ASN D 520 32.26 8.29 -50.24
C ASN D 520 33.48 8.87 -49.52
N ASP D 521 34.59 8.15 -49.47
CA ASP D 521 35.81 8.76 -48.95
C ASP D 521 36.39 9.73 -49.98
N PRO D 522 36.86 10.90 -49.54
CA PRO D 522 37.49 11.82 -50.49
C PRO D 522 38.81 11.31 -51.02
N LEU D 523 39.56 10.54 -50.22
CA LEU D 523 40.85 10.04 -50.67
C LEU D 523 40.65 8.96 -51.73
N SER D 524 39.61 8.14 -51.59
CA SER D 524 39.34 7.11 -52.57
C SER D 524 38.88 7.72 -53.90
N THR D 525 38.11 8.80 -53.86
CA THR D 525 37.81 9.51 -55.10
C THR D 525 39.05 10.20 -55.66
N LYS D 526 39.99 10.60 -54.81
CA LYS D 526 41.27 11.07 -55.31
C LYS D 526 42.07 9.92 -55.90
N GLY D 527 42.10 8.79 -55.20
CA GLY D 527 42.91 7.67 -55.64
C GLY D 527 42.37 6.97 -56.86
N LEU D 528 41.05 6.99 -57.04
CA LEU D 528 40.46 6.44 -58.25
C LEU D 528 40.63 7.37 -59.45
N GLN D 529 40.48 8.67 -59.23
CA GLN D 529 40.66 9.63 -60.33
C GLN D 529 42.09 9.59 -60.86
N ALA D 530 43.06 9.31 -60.01
CA ALA D 530 44.45 9.19 -60.47
C ALA D 530 44.71 7.85 -61.13
N ALA D 531 44.13 6.78 -60.59
CA ALA D 531 44.37 5.45 -61.14
C ALA D 531 43.67 5.27 -62.47
N MET D 532 42.49 5.84 -62.63
CA MET D 532 41.75 5.68 -63.88
C MET D 532 42.40 6.47 -65.00
N GLU D 533 43.17 7.51 -64.68
CA GLU D 533 43.90 8.25 -65.71
C GLU D 533 45.16 7.50 -66.13
N ARG D 534 45.81 6.79 -65.21
CA ARG D 534 47.00 6.01 -65.58
C ARG D 534 46.64 4.90 -66.53
N ILE D 535 45.56 4.17 -66.25
CA ILE D 535 45.16 3.07 -67.12
C ILE D 535 44.60 3.60 -68.42
N ALA D 536 44.05 4.81 -68.42
CA ALA D 536 43.55 5.41 -69.65
C ALA D 536 44.70 5.77 -70.59
N THR D 537 45.72 6.46 -70.06
CA THR D 537 46.87 6.80 -70.89
C THR D 537 47.69 5.57 -71.24
N ALA D 538 47.62 4.51 -70.42
CA ALA D 538 48.22 3.25 -70.78
C ALA D 538 47.51 2.61 -71.95
N GLN D 539 46.18 2.71 -71.99
CA GLN D 539 45.42 2.08 -73.07
C GLN D 539 45.56 2.86 -74.37
N GLU D 540 45.62 4.20 -74.29
CA GLU D 540 45.85 4.99 -75.49
C GLU D 540 47.26 4.78 -76.03
N GLU D 541 48.21 4.53 -75.14
CA GLU D 541 49.58 4.26 -75.56
C GLU D 541 49.68 2.91 -76.26
N ALA D 542 48.94 1.91 -75.77
CA ALA D 542 48.96 0.60 -76.43
C ALA D 542 48.21 0.63 -77.75
N ARG D 543 47.16 1.47 -77.85
CA ARG D 543 46.39 1.53 -79.08
C ARG D 543 47.14 2.27 -80.18
N GLN D 544 47.92 3.31 -79.83
CA GLN D 544 48.72 3.97 -80.86
C GLN D 544 49.87 3.08 -81.33
N ARG D 545 50.34 2.16 -80.49
CA ARG D 545 51.34 1.19 -80.93
C ARG D 545 50.76 0.25 -81.98
N LYS D 546 49.58 -0.31 -81.71
CA LYS D 546 48.99 -1.28 -82.62
C LYS D 546 48.48 -0.61 -83.90
N GLU D 547 48.08 0.66 -83.81
CA GLU D 547 47.71 1.41 -85.01
C GLU D 547 48.92 1.62 -85.91
N ALA D 548 50.10 1.86 -85.32
CA ALA D 548 51.32 1.95 -86.11
C ALA D 548 51.82 0.57 -86.52
N HIS D 549 51.48 -0.47 -85.75
CA HIS D 549 52.06 -1.80 -85.97
C HIS D 549 51.58 -2.43 -87.26
N ARG D 550 50.28 -2.34 -87.54
CA ARG D 550 49.74 -2.99 -88.73
C ARG D 550 49.88 -2.13 -89.98
N GLU D 551 49.81 -0.80 -89.82
CA GLU D 551 49.96 0.07 -90.99
C GLU D 551 51.40 0.09 -91.51
N GLY D 552 52.38 -0.26 -90.69
CA GLY D 552 53.77 -0.31 -91.12
C GLY D 552 54.06 -1.41 -92.11
N PHE E 214 -18.80 -25.60 105.86
CA PHE E 214 -19.62 -26.67 105.30
C PHE E 214 -19.33 -26.80 103.81
N GLY E 215 -20.37 -26.95 102.99
CA GLY E 215 -20.14 -27.00 101.56
C GLY E 215 -21.37 -27.10 100.67
N SER E 216 -21.38 -26.26 99.63
CA SER E 216 -22.29 -26.36 98.50
C SER E 216 -21.79 -25.40 97.43
N GLY E 217 -21.53 -25.91 96.23
CA GLY E 217 -20.80 -25.11 95.27
C GLY E 217 -21.49 -24.90 93.93
N ALA E 218 -22.80 -24.66 93.94
CA ALA E 218 -23.51 -24.38 92.70
C ALA E 218 -23.65 -22.89 92.43
N ILE E 219 -23.19 -22.04 93.34
CA ILE E 219 -23.29 -20.59 93.14
C ILE E 219 -21.86 -20.05 93.14
N GLY E 220 -20.95 -20.77 93.79
CA GLY E 220 -19.54 -20.49 93.59
C GLY E 220 -19.08 -20.90 92.21
N TYR E 221 -19.66 -21.97 91.66
CA TYR E 221 -19.31 -22.41 90.31
C TYR E 221 -19.81 -21.44 89.27
N GLU E 222 -21.10 -21.07 89.34
CA GLU E 222 -21.69 -20.25 88.29
C GLU E 222 -21.18 -18.82 88.35
N PHE E 223 -20.70 -18.35 89.50
CA PHE E 223 -20.09 -17.03 89.55
C PHE E 223 -18.65 -17.07 89.05
N ASP E 224 -17.93 -18.16 89.30
CA ASP E 224 -16.60 -18.31 88.76
C ASP E 224 -16.64 -18.59 87.27
N ASN E 225 -17.63 -19.36 86.82
CA ASN E 225 -17.80 -19.62 85.38
C ASN E 225 -18.20 -18.36 84.63
N ARG E 226 -18.89 -17.44 85.30
CA ARG E 226 -19.32 -16.19 84.69
C ARG E 226 -18.23 -15.13 84.71
N TYR E 227 -17.28 -15.22 85.64
CA TYR E 227 -16.16 -14.30 85.68
C TYR E 227 -15.14 -14.66 84.61
N LEU E 228 -14.94 -15.94 84.37
CA LEU E 228 -14.08 -16.38 83.28
C LEU E 228 -14.74 -16.14 81.92
N ASN E 229 -16.07 -16.13 81.88
CA ASN E 229 -16.77 -15.74 80.66
C ASN E 229 -16.57 -14.26 80.34
N ASN E 230 -16.70 -13.39 81.34
CA ASN E 230 -16.51 -11.96 81.11
C ASN E 230 -15.05 -11.63 80.85
N GLN E 231 -14.13 -12.41 81.40
CA GLN E 231 -12.71 -12.21 81.08
C GLN E 231 -12.40 -12.69 79.67
N GLU E 232 -13.05 -13.76 79.23
CA GLU E 232 -12.91 -14.25 77.85
C GLU E 232 -13.54 -13.27 76.88
N MET E 233 -14.65 -12.66 77.28
CA MET E 233 -15.35 -11.69 76.45
C MET E 233 -14.51 -10.45 76.21
N SER E 234 -13.71 -10.05 77.21
CA SER E 234 -12.78 -8.94 77.04
C SER E 234 -11.64 -9.29 76.10
N ALA E 235 -11.21 -10.56 76.10
CA ALA E 235 -10.07 -10.97 75.30
C ALA E 235 -10.42 -11.05 73.83
N VAL E 236 -11.65 -11.47 73.51
CA VAL E 236 -12.09 -11.54 72.11
C VAL E 236 -12.53 -10.19 71.56
N ALA E 237 -12.63 -9.17 72.41
CA ALA E 237 -12.96 -7.83 71.97
C ALA E 237 -11.73 -7.01 71.66
N LYS E 238 -10.55 -7.57 71.87
CA LYS E 238 -9.29 -6.95 71.48
C LYS E 238 -8.76 -7.52 70.17
N GLN E 239 -9.46 -8.50 69.59
CA GLN E 239 -9.00 -9.14 68.38
C GLN E 239 -9.34 -8.28 67.16
N ARG E 240 -8.34 -8.04 66.33
CA ARG E 240 -8.48 -7.21 65.15
C ARG E 240 -7.80 -7.90 63.98
N LEU E 241 -8.55 -8.13 62.92
CA LEU E 241 -7.99 -8.51 61.63
C LEU E 241 -7.68 -7.21 60.89
N THR E 242 -6.42 -6.78 60.94
CA THR E 242 -6.04 -5.45 60.50
C THR E 242 -6.13 -5.33 58.97
N SER E 243 -6.24 -4.08 58.51
CA SER E 243 -6.58 -3.80 57.12
C SER E 243 -5.67 -2.74 56.52
N LEU E 244 -4.40 -2.79 56.87
CA LEU E 244 -3.41 -2.20 56.00
C LEU E 244 -2.64 -3.32 55.31
N PRO E 245 -2.22 -3.12 54.05
CA PRO E 245 -1.32 -3.95 53.25
C PRO E 245 -0.25 -4.72 54.01
#